data_5IUY
#
_entry.id   5IUY
#
_cell.length_a   257.648
_cell.length_b   257.648
_cell.length_c   81.511
_cell.angle_alpha   90.00
_cell.angle_beta   90.00
_cell.angle_gamma   90.00
#
_symmetry.space_group_name_H-M   'I 4'
#
loop_
_entity.id
_entity.type
_entity.pdbx_description
1 polymer 'Multidrug efflux outer membrane protein OprN'
2 non-polymer 'PALMITIC ACID'
3 non-polymer 'CHLORIDE ION'
4 non-polymer 'octyl beta-D-glucopyranoside'
5 non-polymer 'SODIUM ION'
6 non-polymer 'FORMIC ACID'
7 water water
#
_entity_poly.entity_id   1
_entity_poly.type   'polypeptide(L)'
_entity_poly.pdbx_seq_one_letter_code
;CTVGPDYRTPDTAAAKIDATASKPYDRSRFESLWWKQFDDPTLNQLVEQSLSGNRDLRVAFARLRAARALRDDVANDRFP
VVTSRASADIGKGQQPGVTEDRVNSERYDLGLDSAWELDLFGRIRRQLESSDALSEAAEADLQQLQVSLIAELVDAYGQL
RGAQLREKIALSNLENQKESRQLTEQLRDAGVGAELDVLRADARLAATAASVPQLQAEAERARHRIATLLGQRPEELTVD
LSPRDLPAITKALPIGDPGELLRRRPDIRAAERRLAASTADVGVATADLFPRVSLSGFLGFTAGRGSQIGSSAARAWSVG
PSISWAAFDLGSVRARLRGAKADADAALASYEQQVLLALEESANAFSDYGKRQERLVSLVRQSEASRAAAQQAAIRYREG
TTDFLVLLDAEREQLSAEDAQAQAEVELYRGIVAIYRSLGGGWQPSAHHHHHH
;
_entity_poly.pdbx_strand_id   A,B,C
#
# COMPACT_ATOMS: atom_id res chain seq x y z
N CYS A 1 -41.07 -12.79 -7.23
CA CYS A 1 -39.88 -12.96 -7.94
C CYS A 1 -38.77 -12.06 -7.47
N THR A 2 -37.73 -12.98 -6.70
CA THR A 2 -36.52 -12.13 -6.65
C THR A 2 -35.52 -12.98 -7.37
N VAL A 3 -35.18 -12.59 -8.60
CA VAL A 3 -34.34 -13.43 -9.44
C VAL A 3 -32.87 -13.34 -9.04
N GLY A 4 -32.12 -14.31 -9.53
CA GLY A 4 -30.74 -14.43 -9.25
C GLY A 4 -30.50 -15.33 -8.05
N PRO A 5 -29.21 -15.61 -7.77
CA PRO A 5 -28.86 -16.57 -6.69
C PRO A 5 -29.22 -16.02 -5.35
N ASP A 6 -29.66 -16.90 -4.47
CA ASP A 6 -29.99 -16.56 -3.10
C ASP A 6 -28.75 -16.86 -2.25
N TYR A 7 -28.15 -15.84 -1.70
CA TYR A 7 -26.89 -16.03 -1.03
C TYR A 7 -26.99 -16.94 0.18
N ARG A 8 -26.03 -17.90 0.29
CA ARG A 8 -25.79 -18.69 1.52
C ARG A 8 -24.32 -18.53 1.93
N THR A 9 -24.12 -18.31 3.22
CA THR A 9 -22.78 -18.16 3.79
C THR A 9 -22.00 -19.38 3.48
N PRO A 10 -20.72 -19.24 3.09
CA PRO A 10 -19.99 -20.49 2.80
C PRO A 10 -19.87 -21.36 4.02
N ASP A 11 -19.79 -22.64 3.73
CA ASP A 11 -19.71 -23.63 4.76
C ASP A 11 -18.21 -23.76 5.15
N THR A 12 -17.73 -22.79 5.92
CA THR A 12 -16.32 -22.65 6.23
C THR A 12 -16.05 -23.46 7.53
N ALA A 13 -15.15 -24.44 7.42
CA ALA A 13 -14.77 -25.31 8.57
C ALA A 13 -14.10 -24.51 9.69
N ALA A 14 -14.38 -24.89 10.94
CA ALA A 14 -13.74 -24.24 12.08
C ALA A 14 -12.22 -24.36 12.01
N ALA A 15 -11.55 -23.34 12.47
CA ALA A 15 -10.10 -23.40 12.62
C ALA A 15 -9.75 -24.56 13.56
N LYS A 16 -8.65 -25.22 13.26
CA LYS A 16 -8.15 -26.35 13.99
C LYS A 16 -6.67 -26.01 14.29
N ILE A 17 -6.37 -25.82 15.57
CA ILE A 17 -4.98 -25.61 16.02
C ILE A 17 -4.67 -26.50 17.23
N ASP A 18 -3.94 -27.60 16.96
CA ASP A 18 -3.59 -28.67 17.94
C ASP A 18 -2.64 -28.20 19.02
N ALA A 19 -1.63 -27.40 18.62
CA ALA A 19 -0.71 -26.71 19.56
C ALA A 19 -1.39 -26.11 20.82
N THR A 20 -2.66 -25.72 20.68
CA THR A 20 -3.41 -25.14 21.82
C THR A 20 -3.94 -26.11 22.94
N ALA A 21 -3.93 -27.44 22.75
CA ALA A 21 -4.19 -28.39 23.85
C ALA A 21 -2.83 -28.70 24.59
N SER A 22 -2.41 -27.76 25.44
CA SER A 22 -1.02 -27.68 25.99
C SER A 22 -1.04 -26.81 27.26
N LYS A 23 0.01 -26.98 28.07
CA LYS A 23 0.27 -26.22 29.32
C LYS A 23 0.05 -24.71 29.21
N PRO A 24 0.66 -24.04 28.19
CA PRO A 24 0.55 -22.55 28.12
C PRO A 24 -0.86 -21.95 27.98
N TYR A 25 -1.86 -22.77 27.64
CA TYR A 25 -3.19 -22.29 27.29
C TYR A 25 -4.40 -22.90 28.08
N ASP A 26 -5.40 -22.04 28.28
CA ASP A 26 -6.66 -22.36 28.87
C ASP A 26 -7.73 -22.18 27.79
N ARG A 27 -8.17 -23.28 27.16
CA ARG A 27 -9.30 -23.24 26.22
C ARG A 27 -10.70 -23.07 26.86
N SER A 28 -10.78 -23.15 28.16
CA SER A 28 -12.10 -23.17 28.83
C SER A 28 -12.79 -21.80 28.73
N ARG A 29 -12.04 -20.70 28.77
CA ARG A 29 -12.64 -19.36 28.63
C ARG A 29 -11.79 -18.44 27.70
N PHE A 30 -12.43 -17.43 27.11
CA PHE A 30 -11.81 -16.39 26.31
C PHE A 30 -12.01 -15.05 26.99
N GLU A 31 -10.96 -14.24 27.08
CA GLU A 31 -11.03 -12.92 27.70
C GLU A 31 -11.08 -11.83 26.60
N SER A 32 -12.23 -11.15 26.46
CA SER A 32 -12.45 -10.18 25.37
C SER A 32 -11.59 -8.96 25.56
N LEU A 33 -11.46 -8.53 26.81
CA LEU A 33 -10.64 -7.38 27.17
C LEU A 33 -9.24 -7.93 27.52
N TRP A 34 -8.59 -8.48 26.54
CA TRP A 34 -7.44 -9.34 26.76
C TRP A 34 -6.24 -8.66 27.41
N TRP A 35 -6.05 -7.39 27.14
CA TRP A 35 -4.98 -6.60 27.63
C TRP A 35 -5.00 -6.37 29.15
N LYS A 36 -6.15 -6.52 29.81
CA LYS A 36 -6.29 -6.23 31.26
C LYS A 36 -5.66 -7.35 32.06
N GLN A 37 -5.52 -8.51 31.44
CA GLN A 37 -4.82 -9.59 32.06
C GLN A 37 -3.36 -9.25 32.42
N PHE A 38 -2.73 -8.26 31.77
CA PHE A 38 -1.40 -7.79 32.16
C PHE A 38 -1.42 -7.01 33.50
N ASP A 39 -2.58 -6.57 33.98
CA ASP A 39 -2.65 -5.92 35.27
C ASP A 39 -1.87 -4.61 35.33
N ASP A 40 -2.03 -3.80 34.30
CA ASP A 40 -1.22 -2.60 34.17
C ASP A 40 -2.15 -1.40 34.01
N PRO A 41 -2.42 -0.67 35.11
CA PRO A 41 -3.40 0.41 35.01
C PRO A 41 -3.02 1.46 33.96
N THR A 42 -1.72 1.71 33.78
CA THR A 42 -1.27 2.69 32.79
C THR A 42 -1.68 2.17 31.39
N LEU A 43 -1.37 0.91 31.09
CA LEU A 43 -1.81 0.33 29.83
C LEU A 43 -3.36 0.50 29.61
N ASN A 44 -4.12 0.17 30.66
CA ASN A 44 -5.61 0.22 30.59
C ASN A 44 -6.08 1.60 30.30
N GLN A 45 -5.45 2.59 30.92
N GLN A 45 -5.43 2.57 30.94
CA GLN A 45 -5.80 3.97 30.63
CA GLN A 45 -5.70 3.99 30.72
C GLN A 45 -5.39 4.36 29.20
C GLN A 45 -5.35 4.38 29.26
N LEU A 46 -4.23 3.90 28.68
CA LEU A 46 -3.86 4.22 27.27
C LEU A 46 -4.95 3.71 26.31
N VAL A 47 -5.40 2.48 26.56
CA VAL A 47 -6.37 1.86 25.69
C VAL A 47 -7.67 2.65 25.69
N GLU A 48 -8.15 3.02 26.87
CA GLU A 48 -9.41 3.84 26.97
C GLU A 48 -9.34 5.18 26.29
N GLN A 49 -8.23 5.86 26.45
CA GLN A 49 -8.04 7.10 25.71
C GLN A 49 -8.00 6.87 24.18
N SER A 50 -7.31 5.81 23.75
CA SER A 50 -7.27 5.48 22.35
C SER A 50 -8.65 5.38 21.75
N LEU A 51 -9.54 4.66 22.44
CA LEU A 51 -10.88 4.40 21.90
C LEU A 51 -11.75 5.67 21.78
N SER A 52 -11.51 6.67 22.62
CA SER A 52 -12.20 7.99 22.45
C SER A 52 -11.50 8.95 21.52
N GLY A 53 -10.19 8.81 21.31
CA GLY A 53 -9.39 9.87 20.65
C GLY A 53 -8.83 9.52 19.27
N ASN A 54 -8.68 8.22 18.96
CA ASN A 54 -8.00 7.83 17.71
C ASN A 54 -8.70 8.32 16.47
N ARG A 55 -7.98 9.00 15.59
CA ARG A 55 -8.60 9.55 14.36
C ARG A 55 -8.92 8.51 13.28
N ASP A 56 -8.14 7.44 13.15
CA ASP A 56 -8.50 6.38 12.21
C ASP A 56 -9.80 5.72 12.61
N LEU A 57 -9.97 5.48 13.90
CA LEU A 57 -11.20 4.84 14.40
C LEU A 57 -12.41 5.78 14.11
N ARG A 58 -12.22 7.07 14.31
CA ARG A 58 -13.23 8.07 13.99
C ARG A 58 -13.61 8.16 12.46
N VAL A 59 -12.65 7.98 11.56
CA VAL A 59 -12.93 7.86 10.11
C VAL A 59 -13.79 6.62 9.87
N ALA A 60 -13.42 5.51 10.51
CA ALA A 60 -14.24 4.31 10.34
C ALA A 60 -15.69 4.46 10.84
N PHE A 61 -15.94 5.16 11.94
CA PHE A 61 -17.32 5.44 12.38
C PHE A 61 -18.02 6.27 11.31
N ALA A 62 -17.31 7.25 10.75
CA ALA A 62 -17.92 8.10 9.74
C ALA A 62 -18.28 7.29 8.48
N ARG A 63 -17.40 6.42 8.07
CA ARG A 63 -17.72 5.58 6.93
C ARG A 63 -18.90 4.65 7.16
N LEU A 64 -19.07 4.17 8.39
CA LEU A 64 -20.22 3.36 8.80
C LEU A 64 -21.47 4.27 8.62
N ARG A 65 -21.40 5.51 9.11
CA ARG A 65 -22.58 6.41 8.89
C ARG A 65 -22.93 6.62 7.41
N ALA A 66 -21.90 6.73 6.58
CA ALA A 66 -22.08 7.00 5.15
C ALA A 66 -22.73 5.83 4.47
N ALA A 67 -22.30 4.63 4.86
CA ALA A 67 -22.84 3.40 4.30
C ALA A 67 -24.35 3.22 4.64
N ARG A 68 -24.74 3.49 5.88
CA ARG A 68 -26.16 3.51 6.32
C ARG A 68 -27.00 4.47 5.53
N ALA A 69 -26.43 5.63 5.24
CA ALA A 69 -27.09 6.62 4.43
C ALA A 69 -27.36 6.18 2.97
N LEU A 70 -26.38 5.58 2.36
CA LEU A 70 -26.55 4.98 1.04
C LEU A 70 -27.66 3.98 1.04
N ARG A 71 -27.68 3.13 2.07
CA ARG A 71 -28.68 2.12 2.24
C ARG A 71 -30.05 2.77 2.35
N ASP A 72 -30.17 3.79 3.20
CA ASP A 72 -31.46 4.49 3.42
C ASP A 72 -32.02 5.05 2.09
N ASP A 73 -31.15 5.59 1.22
CA ASP A 73 -31.60 6.10 -0.09
C ASP A 73 -32.16 5.01 -1.00
N VAL A 74 -31.42 3.92 -1.09
CA VAL A 74 -31.81 2.77 -1.91
C VAL A 74 -33.17 2.17 -1.44
N ALA A 75 -33.39 2.07 -0.14
CA ALA A 75 -34.66 1.56 0.41
C ALA A 75 -35.95 2.30 -0.04
N ASN A 76 -35.85 3.59 -0.34
CA ASN A 76 -36.97 4.36 -0.90
C ASN A 76 -37.42 3.94 -2.25
N ASP A 77 -36.51 3.37 -3.02
CA ASP A 77 -36.86 2.91 -4.36
C ASP A 77 -37.93 1.80 -4.45
N ARG A 78 -38.34 1.22 -3.32
CA ARG A 78 -39.38 0.25 -3.30
C ARG A 78 -40.75 0.93 -3.42
N PHE A 79 -40.79 2.27 -3.35
CA PHE A 79 -42.01 3.05 -3.30
C PHE A 79 -42.05 4.01 -4.46
N PRO A 80 -43.25 4.46 -4.85
CA PRO A 80 -43.34 5.51 -5.85
C PRO A 80 -42.53 6.73 -5.38
N VAL A 81 -41.79 7.32 -6.29
CA VAL A 81 -41.06 8.56 -6.08
C VAL A 81 -41.95 9.70 -6.62
N VAL A 82 -42.49 10.49 -5.68
CA VAL A 82 -43.46 11.56 -5.97
C VAL A 82 -42.87 12.93 -5.73
N THR A 83 -42.62 13.64 -6.81
CA THR A 83 -42.04 14.97 -6.80
C THR A 83 -43.04 16.03 -7.29
N SER A 84 -42.66 17.30 -7.17
CA SER A 84 -43.44 18.49 -7.54
C SER A 84 -42.88 19.08 -8.79
N ARG A 85 -43.73 19.75 -9.56
CA ARG A 85 -43.26 20.48 -10.73
C ARG A 85 -44.27 21.52 -11.24
N ALA A 86 -43.75 22.67 -11.63
CA ALA A 86 -44.47 23.67 -12.36
C ALA A 86 -43.63 23.97 -13.59
N SER A 87 -44.24 23.88 -14.78
CA SER A 87 -43.51 24.18 -15.99
C SER A 87 -44.42 24.73 -17.04
N ALA A 88 -43.78 25.27 -18.06
CA ALA A 88 -44.41 25.78 -19.27
C ALA A 88 -43.55 25.50 -20.49
N ASP A 89 -44.24 25.46 -21.62
CA ASP A 89 -43.66 25.43 -22.94
C ASP A 89 -44.40 26.50 -23.78
N ILE A 90 -43.66 27.47 -24.30
CA ILE A 90 -44.21 28.65 -24.99
C ILE A 90 -43.34 28.90 -26.19
N GLY A 91 -43.92 29.08 -27.37
CA GLY A 91 -43.15 29.40 -28.57
C GLY A 91 -44.01 29.82 -29.74
N LYS A 92 -43.38 29.96 -30.88
CA LYS A 92 -44.08 30.30 -32.10
C LYS A 92 -43.36 29.66 -33.24
N GLY A 93 -44.09 28.96 -34.09
CA GLY A 93 -43.52 28.45 -35.35
C GLY A 93 -44.56 27.61 -36.01
N GLN A 94 -44.21 26.99 -37.12
CA GLN A 94 -45.09 26.03 -37.76
C GLN A 94 -45.38 24.85 -36.85
N GLN A 95 -46.32 24.02 -37.27
CA GLN A 95 -46.68 22.83 -36.51
C GLN A 95 -46.94 21.75 -37.52
N PRO A 96 -45.90 21.00 -37.93
CA PRO A 96 -46.04 20.15 -39.13
C PRO A 96 -47.15 19.14 -38.92
N GLY A 97 -47.87 18.84 -40.00
CA GLY A 97 -49.12 18.05 -39.93
C GLY A 97 -50.40 18.87 -39.79
N VAL A 98 -50.36 19.94 -39.00
CA VAL A 98 -51.49 20.83 -38.68
C VAL A 98 -51.54 22.11 -39.53
N THR A 99 -50.39 22.77 -39.76
CA THR A 99 -50.34 24.11 -40.42
C THR A 99 -48.91 24.53 -40.78
N GLU A 100 -48.77 25.22 -41.92
CA GLU A 100 -47.53 25.92 -42.27
C GLU A 100 -47.54 27.42 -41.92
N ASP A 101 -48.61 27.90 -41.29
CA ASP A 101 -48.54 29.22 -40.66
C ASP A 101 -47.73 29.10 -39.37
N ARG A 102 -46.98 30.14 -39.04
CA ARG A 102 -46.35 30.29 -37.75
C ARG A 102 -47.35 30.79 -36.70
N VAL A 103 -47.70 29.91 -35.77
CA VAL A 103 -48.69 30.16 -34.70
C VAL A 103 -48.08 30.05 -33.28
N ASN A 104 -48.66 30.80 -32.33
CA ASN A 104 -48.27 30.75 -30.93
C ASN A 104 -48.73 29.44 -30.27
N SER A 105 -47.82 28.77 -29.55
CA SER A 105 -48.11 27.55 -28.76
C SER A 105 -47.89 27.89 -27.32
N GLU A 106 -48.79 27.53 -26.43
CA GLU A 106 -48.55 27.71 -25.01
C GLU A 106 -49.03 26.46 -24.32
N ARG A 107 -48.39 26.09 -23.21
CA ARG A 107 -48.89 25.00 -22.37
C ARG A 107 -48.31 25.21 -20.98
N TYR A 108 -49.15 25.03 -19.95
CA TYR A 108 -48.76 25.19 -18.57
C TYR A 108 -49.15 23.91 -17.81
N ASP A 109 -48.24 23.44 -16.94
CA ASP A 109 -48.47 22.29 -16.06
C ASP A 109 -48.02 22.58 -14.62
N LEU A 110 -48.81 22.16 -13.63
CA LEU A 110 -48.47 22.34 -12.24
C LEU A 110 -49.05 21.17 -11.50
N GLY A 111 -48.19 20.32 -10.95
CA GLY A 111 -48.65 19.29 -10.01
C GLY A 111 -47.63 18.27 -9.47
N LEU A 112 -48.10 17.03 -9.22
CA LEU A 112 -47.28 15.93 -8.73
C LEU A 112 -46.91 15.01 -9.85
N ASP A 113 -45.60 14.74 -10.01
CA ASP A 113 -45.05 13.68 -10.88
C ASP A 113 -44.74 12.44 -10.04
N SER A 114 -45.15 11.30 -10.55
CA SER A 114 -44.89 10.03 -9.91
C SER A 114 -44.03 9.19 -10.84
N ALA A 115 -43.03 8.51 -10.28
CA ALA A 115 -42.24 7.49 -11.03
C ALA A 115 -42.13 6.26 -10.14
N TRP A 116 -42.51 5.11 -10.67
CA TRP A 116 -42.53 3.85 -9.89
C TRP A 116 -42.06 2.69 -10.76
N GLU A 117 -41.03 1.99 -10.29
CA GLU A 117 -40.60 0.76 -10.91
CA GLU A 117 -40.58 0.72 -10.91
C GLU A 117 -41.27 -0.32 -10.08
N LEU A 118 -42.10 -1.13 -10.71
CA LEU A 118 -42.74 -2.21 -9.99
C LEU A 118 -41.69 -3.29 -9.89
N ASP A 119 -41.47 -3.80 -8.71
CA ASP A 119 -40.24 -4.51 -8.60
C ASP A 119 -40.54 -6.01 -8.82
N LEU A 120 -40.99 -6.37 -10.02
CA LEU A 120 -41.61 -7.65 -10.19
C LEU A 120 -40.64 -8.76 -10.25
N PHE A 121 -39.38 -8.49 -10.69
CA PHE A 121 -38.30 -9.47 -10.62
C PHE A 121 -37.22 -9.24 -9.55
N GLY A 122 -37.49 -8.30 -8.64
CA GLY A 122 -36.63 -8.06 -7.49
C GLY A 122 -35.31 -7.36 -7.72
N ARG A 123 -35.12 -6.73 -8.88
CA ARG A 123 -34.03 -5.82 -9.09
C ARG A 123 -33.80 -4.88 -7.91
N ILE A 124 -34.86 -4.20 -7.45
CA ILE A 124 -34.74 -3.21 -6.41
C ILE A 124 -34.47 -3.94 -5.07
N ARG A 125 -35.21 -5.00 -4.76
CA ARG A 125 -34.91 -5.80 -3.54
C ARG A 125 -33.43 -6.29 -3.45
N ARG A 126 -32.91 -6.76 -4.57
CA ARG A 126 -31.52 -7.15 -4.65
C ARG A 126 -30.56 -5.95 -4.37
N GLN A 127 -30.86 -4.79 -4.94
CA GLN A 127 -30.08 -3.61 -4.62
C GLN A 127 -30.02 -3.29 -3.14
N LEU A 128 -31.16 -3.40 -2.48
CA LEU A 128 -31.23 -3.10 -1.07
C LEU A 128 -30.51 -4.17 -0.25
N GLU A 129 -30.68 -5.43 -0.63
CA GLU A 129 -29.99 -6.56 -0.01
C GLU A 129 -28.46 -6.29 -0.08
N SER A 130 -28.03 -5.83 -1.25
CA SER A 130 -26.63 -5.45 -1.43
C SER A 130 -26.19 -4.31 -0.49
N SER A 131 -26.86 -3.18 -0.51
CA SER A 131 -26.52 -2.10 0.39
C SER A 131 -26.60 -2.45 1.88
N ASP A 132 -27.62 -3.21 2.29
CA ASP A 132 -27.68 -3.74 3.67
C ASP A 132 -26.36 -4.49 3.99
N ALA A 133 -25.94 -5.40 3.08
CA ALA A 133 -24.72 -6.20 3.31
C ALA A 133 -23.49 -5.29 3.43
N LEU A 134 -23.41 -4.26 2.56
CA LEU A 134 -22.31 -3.31 2.60
C LEU A 134 -22.29 -2.46 3.85
N SER A 135 -23.46 -2.20 4.40
CA SER A 135 -23.57 -1.48 5.64
C SER A 135 -23.02 -2.33 6.83
N GLU A 136 -23.34 -3.60 6.85
CA GLU A 136 -22.79 -4.53 7.83
C GLU A 136 -21.24 -4.73 7.64
N ALA A 137 -20.80 -4.73 6.38
CA ALA A 137 -19.34 -4.81 6.11
C ALA A 137 -18.64 -3.61 6.70
N ALA A 138 -19.29 -2.46 6.69
CA ALA A 138 -18.65 -1.29 7.23
C ALA A 138 -18.60 -1.34 8.78
N GLU A 139 -19.63 -1.94 9.37
CA GLU A 139 -19.62 -2.14 10.78
C GLU A 139 -18.46 -3.07 11.11
N ALA A 140 -18.29 -4.15 10.36
CA ALA A 140 -17.23 -5.09 10.68
C ALA A 140 -15.81 -4.51 10.43
N ASP A 141 -15.64 -3.64 9.39
CA ASP A 141 -14.34 -2.90 9.18
C ASP A 141 -13.99 -2.05 10.41
N LEU A 142 -15.02 -1.47 11.03
CA LEU A 142 -14.83 -0.60 12.14
C LEU A 142 -14.38 -1.45 13.31
N GLN A 143 -15.03 -2.58 13.50
CA GLN A 143 -14.63 -3.47 14.58
C GLN A 143 -13.19 -4.02 14.37
N GLN A 144 -12.83 -4.30 13.12
CA GLN A 144 -11.51 -4.83 12.85
C GLN A 144 -10.49 -3.77 13.20
N LEU A 145 -10.83 -2.51 12.92
CA LEU A 145 -9.91 -1.45 13.10
C LEU A 145 -9.67 -1.30 14.58
N GLN A 146 -10.73 -1.46 15.35
CA GLN A 146 -10.59 -1.52 16.79
C GLN A 146 -9.65 -2.65 17.26
N VAL A 147 -9.82 -3.85 16.71
CA VAL A 147 -8.93 -4.97 17.04
C VAL A 147 -7.49 -4.64 16.70
N SER A 148 -7.34 -4.09 15.52
CA SER A 148 -6.03 -3.73 15.05
C SER A 148 -5.32 -2.60 15.84
N LEU A 149 -6.08 -1.62 16.25
CA LEU A 149 -5.57 -0.48 16.98
C LEU A 149 -5.15 -0.86 18.39
N ILE A 150 -5.96 -1.68 19.02
CA ILE A 150 -5.65 -2.07 20.38
C ILE A 150 -4.37 -2.90 20.34
N ALA A 151 -4.27 -3.85 19.42
CA ALA A 151 -3.05 -4.68 19.33
C ALA A 151 -1.84 -3.77 19.06
N GLU A 152 -1.99 -2.85 18.11
CA GLU A 152 -0.85 -1.99 17.78
C GLU A 152 -0.38 -1.12 19.01
N LEU A 153 -1.35 -0.62 19.75
CA LEU A 153 -1.09 0.19 20.91
C LEU A 153 -0.48 -0.64 22.05
N VAL A 154 -1.01 -1.84 22.31
CA VAL A 154 -0.49 -2.62 23.40
C VAL A 154 0.98 -3.03 23.07
N ASP A 155 1.15 -3.37 21.79
CA ASP A 155 2.41 -3.74 21.24
C ASP A 155 3.43 -2.60 21.35
N ALA A 156 3.03 -1.37 21.07
CA ALA A 156 3.97 -0.24 21.15
C ALA A 156 4.33 0.04 22.62
N TYR A 157 3.40 -0.20 23.51
CA TYR A 157 3.70 0.01 24.93
C TYR A 157 4.73 -1.03 25.36
N GLY A 158 4.59 -2.26 24.86
CA GLY A 158 5.63 -3.26 24.98
C GLY A 158 7.02 -2.81 24.53
N GLN A 159 7.08 -2.18 23.37
CA GLN A 159 8.35 -1.72 22.86
C GLN A 159 8.94 -0.59 23.68
N LEU A 160 8.10 0.32 24.13
CA LEU A 160 8.55 1.33 25.07
C LEU A 160 9.18 0.69 26.34
N ARG A 161 8.43 -0.20 26.99
CA ARG A 161 8.93 -0.82 28.22
C ARG A 161 10.24 -1.59 27.95
N GLY A 162 10.35 -2.15 26.74
CA GLY A 162 11.51 -2.87 26.33
C GLY A 162 12.73 -2.01 26.20
N ALA A 163 12.58 -0.87 25.56
CA ALA A 163 13.66 0.08 25.43
C ALA A 163 14.12 0.58 26.83
N GLN A 164 13.16 0.84 27.68
CA GLN A 164 13.43 1.24 29.03
C GLN A 164 14.20 0.17 29.80
N LEU A 165 13.72 -1.06 29.72
CA LEU A 165 14.36 -2.16 30.37
C LEU A 165 15.82 -2.34 29.84
N ARG A 166 15.99 -2.26 28.53
CA ARG A 166 17.30 -2.46 27.93
C ARG A 166 18.25 -1.31 28.29
N GLU A 167 17.70 -0.12 28.40
CA GLU A 167 18.48 1.04 28.82
C GLU A 167 19.00 0.81 30.25
N LYS A 168 18.10 0.36 31.12
CA LYS A 168 18.49 0.07 32.47
C LYS A 168 19.61 -0.98 32.52
N ILE A 169 19.50 -2.03 31.68
CA ILE A 169 20.52 -3.05 31.61
C ILE A 169 21.83 -2.48 31.04
N ALA A 170 21.75 -1.62 30.02
CA ALA A 170 22.99 -1.02 29.49
C ALA A 170 23.68 -0.19 30.59
N LEU A 171 22.94 0.62 31.33
CA LEU A 171 23.58 1.52 32.29
C LEU A 171 24.13 0.69 33.51
N SER A 172 23.44 -0.39 33.87
CA SER A 172 23.89 -1.26 34.92
C SER A 172 25.23 -1.91 34.55
N ASN A 173 25.32 -2.38 33.29
CA ASN A 173 26.56 -2.93 32.79
C ASN A 173 27.63 -1.85 32.57
N LEU A 174 27.20 -0.63 32.25
CA LEU A 174 28.14 0.45 32.10
C LEU A 174 28.87 0.71 33.41
N GLU A 175 28.16 0.69 34.55
CA GLU A 175 28.84 0.80 35.87
C GLU A 175 29.81 -0.36 36.15
N ASN A 176 29.46 -1.61 35.83
CA ASN A 176 30.44 -2.72 35.98
C ASN A 176 31.71 -2.47 35.13
N GLN A 177 31.52 -2.00 33.91
CA GLN A 177 32.62 -1.75 33.04
C GLN A 177 33.48 -0.54 33.45
N LYS A 178 32.90 0.40 34.19
CA LYS A 178 33.58 1.61 34.69
C LYS A 178 34.43 1.19 35.86
N GLU A 179 33.86 0.42 36.76
CA GLU A 179 34.63 -0.25 37.84
C GLU A 179 35.87 -1.01 37.30
N SER A 180 35.70 -1.77 36.20
CA SER A 180 36.78 -2.49 35.56
C SER A 180 37.84 -1.56 34.98
N ARG A 181 37.42 -0.54 34.23
CA ARG A 181 38.34 0.43 33.74
C ARG A 181 39.12 1.09 34.89
N GLN A 182 38.43 1.53 35.93
CA GLN A 182 39.10 2.09 37.06
C GLN A 182 40.12 1.10 37.63
N LEU A 183 39.79 -0.17 37.76
CA LEU A 183 40.77 -1.19 38.21
C LEU A 183 42.02 -1.34 37.27
N THR A 184 41.80 -1.33 35.94
CA THR A 184 42.92 -1.36 35.00
C THR A 184 43.88 -0.16 35.20
N GLU A 185 43.32 1.04 35.44
CA GLU A 185 44.12 2.29 35.72
C GLU A 185 44.89 2.12 37.03
N GLN A 186 44.21 1.72 38.09
CA GLN A 186 44.87 1.45 39.38
C GLN A 186 46.03 0.50 39.28
N LEU A 187 45.84 -0.62 38.59
CA LEU A 187 46.89 -1.62 38.51
C LEU A 187 48.05 -1.06 37.64
N ARG A 188 47.71 -0.41 36.54
CA ARG A 188 48.71 0.24 35.71
C ARG A 188 49.52 1.29 36.51
N ASP A 189 48.81 2.16 37.23
CA ASP A 189 49.44 3.26 37.99
C ASP A 189 50.28 2.73 39.20
N ALA A 190 49.92 1.58 39.75
CA ALA A 190 50.79 0.87 40.74
C ALA A 190 51.91 0.07 40.11
N GLY A 191 52.15 0.19 38.81
CA GLY A 191 53.25 -0.55 38.18
C GLY A 191 53.00 -2.08 38.00
N VAL A 192 51.79 -2.60 38.25
CA VAL A 192 51.50 -4.01 38.06
C VAL A 192 50.38 -4.18 37.00
N GLY A 193 50.37 -3.37 35.95
CA GLY A 193 49.25 -3.34 35.00
C GLY A 193 49.76 -3.09 33.61
N ALA A 194 48.96 -2.52 32.75
CA ALA A 194 49.38 -2.27 31.36
C ALA A 194 48.41 -1.33 30.70
N GLU A 195 48.95 -0.40 29.96
CA GLU A 195 48.14 0.46 29.11
C GLU A 195 47.20 -0.35 28.20
N LEU A 196 47.68 -1.48 27.69
CA LEU A 196 46.87 -2.32 26.83
C LEU A 196 45.52 -2.71 27.49
N ASP A 197 45.52 -2.91 28.80
CA ASP A 197 44.35 -3.31 29.54
C ASP A 197 43.42 -2.09 29.63
N VAL A 198 44.00 -0.92 29.86
CA VAL A 198 43.22 0.29 29.99
C VAL A 198 42.56 0.69 28.66
N LEU A 199 43.30 0.63 27.58
CA LEU A 199 42.79 0.93 26.27
C LEU A 199 41.59 0.00 25.90
N ARG A 200 41.70 -1.29 26.19
CA ARG A 200 40.62 -2.22 25.86
C ARG A 200 39.40 -1.97 26.73
N ALA A 201 39.62 -1.69 28.01
CA ALA A 201 38.58 -1.30 28.94
C ALA A 201 37.91 0.04 28.54
N ASP A 202 38.66 1.02 28.04
CA ASP A 202 38.03 2.23 27.47
C ASP A 202 37.13 1.98 26.26
N ALA A 203 37.59 1.13 25.36
CA ALA A 203 36.85 0.82 24.15
C ALA A 203 35.50 0.15 24.45
N ARG A 204 35.52 -0.83 25.34
CA ARG A 204 34.34 -1.52 25.69
C ARG A 204 33.29 -0.60 26.40
N LEU A 205 33.77 0.17 27.37
CA LEU A 205 33.03 1.23 27.99
C LEU A 205 32.32 2.16 26.97
N ALA A 206 33.10 2.66 26.02
CA ALA A 206 32.55 3.51 24.98
C ALA A 206 31.50 2.78 24.13
N ALA A 207 31.69 1.48 23.79
CA ALA A 207 30.66 0.73 23.06
C ALA A 207 29.39 0.64 23.84
N THR A 208 29.51 0.35 25.14
CA THR A 208 28.34 0.22 25.98
C THR A 208 27.61 1.58 26.12
N ALA A 209 28.36 2.65 26.32
CA ALA A 209 27.80 4.00 26.39
C ALA A 209 27.13 4.44 25.08
N ALA A 210 27.65 4.01 23.95
CA ALA A 210 27.01 4.30 22.67
C ALA A 210 25.64 3.69 22.57
N SER A 211 25.39 2.56 23.24
CA SER A 211 24.07 1.91 23.12
C SER A 211 22.97 2.66 23.82
N VAL A 212 23.33 3.44 24.84
CA VAL A 212 22.36 4.17 25.62
C VAL A 212 21.49 5.19 24.87
N PRO A 213 22.05 6.15 24.17
CA PRO A 213 21.14 7.05 23.43
C PRO A 213 20.41 6.38 22.27
N GLN A 214 20.91 5.27 21.75
CA GLN A 214 20.14 4.58 20.74
C GLN A 214 18.81 3.97 21.35
N LEU A 215 18.92 3.37 22.53
CA LEU A 215 17.81 2.86 23.26
C LEU A 215 16.84 3.95 23.71
N GLN A 216 17.37 5.08 24.13
CA GLN A 216 16.53 6.25 24.50
C GLN A 216 15.85 6.77 23.24
N ALA A 217 16.54 6.72 22.09
CA ALA A 217 15.88 7.15 20.83
C ALA A 217 14.67 6.28 20.53
N GLU A 218 14.83 4.97 20.70
CA GLU A 218 13.74 4.04 20.48
C GLU A 218 12.58 4.25 21.37
N ALA A 219 12.86 4.47 22.66
CA ALA A 219 11.82 4.75 23.67
C ALA A 219 11.03 6.02 23.28
N GLU A 220 11.71 7.06 22.83
CA GLU A 220 11.03 8.28 22.38
C GLU A 220 10.13 8.09 21.14
N ARG A 221 10.60 7.32 20.18
CA ARG A 221 9.79 7.02 19.02
C ARG A 221 8.55 6.24 19.46
N ALA A 222 8.69 5.35 20.45
CA ALA A 222 7.55 4.61 20.94
C ALA A 222 6.58 5.52 21.69
N ARG A 223 7.08 6.51 22.50
CA ARG A 223 6.19 7.51 23.14
CA ARG A 223 6.19 7.48 23.17
C ARG A 223 5.41 8.27 22.09
N HIS A 224 6.08 8.63 20.99
CA HIS A 224 5.42 9.37 19.96
C HIS A 224 4.34 8.56 19.14
N ARG A 225 4.58 7.28 18.85
CA ARG A 225 3.61 6.39 18.23
C ARG A 225 2.39 6.35 19.17
N ILE A 226 2.64 6.08 20.45
CA ILE A 226 1.60 5.99 21.44
C ILE A 226 0.72 7.25 21.46
N ALA A 227 1.34 8.42 21.40
CA ALA A 227 0.60 9.65 21.36
C ALA A 227 -0.27 9.71 20.12
N THR A 228 0.30 9.51 18.93
CA THR A 228 -0.56 9.47 17.74
C THR A 228 -1.69 8.44 17.86
N LEU A 229 -1.45 7.26 18.44
CA LEU A 229 -2.48 6.22 18.52
C LEU A 229 -3.63 6.69 19.42
N LEU A 230 -3.29 7.55 20.36
CA LEU A 230 -4.23 8.11 21.36
C LEU A 230 -5.02 9.31 20.84
N GLY A 231 -4.61 9.81 19.68
CA GLY A 231 -5.19 10.94 19.07
C GLY A 231 -4.57 12.20 19.65
N GLN A 232 -3.32 12.13 20.09
CA GLN A 232 -2.74 13.25 20.83
C GLN A 232 -1.44 13.68 20.20
N ARG A 233 -1.18 14.96 20.37
CA ARG A 233 0.07 15.54 20.00
C ARG A 233 1.20 15.04 20.92
N PRO A 234 2.40 14.91 20.36
CA PRO A 234 3.50 14.29 21.16
C PRO A 234 3.82 14.93 22.52
N GLU A 235 3.79 16.24 22.59
CA GLU A 235 4.03 16.99 23.85
C GLU A 235 2.79 17.06 24.76
N GLU A 236 1.63 16.64 24.27
CA GLU A 236 0.38 16.71 25.03
C GLU A 236 -0.02 15.36 25.65
N LEU A 237 0.87 14.39 25.70
CA LEU A 237 0.46 13.17 26.29
C LEU A 237 0.00 13.39 27.73
N THR A 238 -1.20 12.90 28.02
CA THR A 238 -1.88 12.98 29.31
C THR A 238 -1.26 11.94 30.31
N VAL A 239 -1.16 10.69 29.86
CA VAL A 239 -0.67 9.55 30.62
C VAL A 239 0.85 9.55 30.80
N ASP A 240 1.29 9.38 32.03
CA ASP A 240 2.68 9.31 32.41
C ASP A 240 3.34 7.94 32.09
N LEU A 241 4.44 8.00 31.33
CA LEU A 241 5.10 6.84 30.79
C LEU A 241 6.52 6.63 31.36
N SER A 242 6.81 7.24 32.51
N SER A 242 6.81 7.22 32.52
CA SER A 242 8.05 6.98 33.23
CA SER A 242 8.04 6.95 33.25
C SER A 242 8.22 5.45 33.39
C SER A 242 8.21 5.43 33.42
N PRO A 243 9.47 4.97 33.43
CA PRO A 243 9.69 3.53 33.41
C PRO A 243 8.94 2.71 34.45
N ARG A 244 8.45 1.56 34.03
CA ARG A 244 7.95 0.51 34.85
C ARG A 244 8.33 -0.80 34.17
N ASP A 245 8.26 -1.87 34.93
CA ASP A 245 8.59 -3.18 34.42
C ASP A 245 7.72 -3.59 33.23
N LEU A 246 8.24 -4.48 32.40
CA LEU A 246 7.44 -5.05 31.33
C LEU A 246 6.38 -5.94 31.93
N PRO A 247 5.11 -5.71 31.57
CA PRO A 247 4.06 -6.54 32.13
C PRO A 247 4.20 -7.98 31.73
N ALA A 248 3.50 -8.82 32.48
CA ALA A 248 3.63 -10.28 32.37
C ALA A 248 2.29 -10.90 32.75
N ILE A 249 1.97 -12.05 32.15
CA ILE A 249 0.78 -12.80 32.48
C ILE A 249 1.19 -14.12 33.10
N THR A 250 0.82 -14.29 34.37
CA THR A 250 1.09 -15.52 35.17
C THR A 250 0.36 -16.76 34.65
N LYS A 251 -0.95 -16.65 34.61
CA LYS A 251 -1.84 -17.78 34.34
C LYS A 251 -1.78 -18.27 32.88
N ALA A 252 -2.29 -19.47 32.65
CA ALA A 252 -2.37 -19.97 31.32
C ALA A 252 -3.33 -19.02 30.55
N LEU A 253 -3.05 -18.82 29.27
CA LEU A 253 -3.73 -17.77 28.48
C LEU A 253 -5.12 -18.21 28.16
N PRO A 254 -6.11 -17.46 28.58
CA PRO A 254 -7.47 -17.78 28.20
C PRO A 254 -7.76 -17.40 26.76
N ILE A 255 -7.76 -18.42 25.91
CA ILE A 255 -7.88 -18.28 24.49
C ILE A 255 -9.16 -18.84 23.96
N GLY A 256 -9.96 -19.47 24.79
CA GLY A 256 -11.20 -20.07 24.34
C GLY A 256 -10.97 -21.17 23.33
N ASP A 257 -12.00 -21.44 22.56
CA ASP A 257 -11.96 -22.54 21.64
C ASP A 257 -11.41 -21.91 20.38
N PRO A 258 -10.22 -22.35 19.93
CA PRO A 258 -9.65 -21.73 18.74
C PRO A 258 -10.51 -21.92 17.48
N GLY A 259 -11.38 -22.93 17.46
CA GLY A 259 -12.35 -23.09 16.39
C GLY A 259 -13.48 -22.07 16.33
N GLU A 260 -13.51 -21.09 17.23
CA GLU A 260 -14.44 -20.00 17.06
C GLU A 260 -13.73 -18.78 16.46
N LEU A 261 -12.43 -18.84 16.17
CA LEU A 261 -11.75 -17.58 15.79
C LEU A 261 -12.28 -17.00 14.51
N LEU A 262 -12.63 -17.83 13.52
CA LEU A 262 -13.12 -17.30 12.27
C LEU A 262 -14.46 -16.58 12.41
N ARG A 263 -15.27 -17.00 13.37
CA ARG A 263 -16.53 -16.33 13.66
C ARG A 263 -16.29 -15.06 14.46
N ARG A 264 -15.27 -15.01 15.28
CA ARG A 264 -15.02 -13.85 16.10
C ARG A 264 -14.34 -12.72 15.33
N ARG A 265 -13.44 -13.03 14.39
CA ARG A 265 -12.65 -11.98 13.72
C ARG A 265 -13.52 -11.09 12.81
N PRO A 266 -13.52 -9.79 13.06
CA PRO A 266 -14.34 -8.97 12.20
C PRO A 266 -13.91 -8.88 10.74
N ASP A 267 -12.62 -9.01 10.43
CA ASP A 267 -12.18 -8.93 9.01
C ASP A 267 -12.79 -10.05 8.21
N ILE A 268 -12.97 -11.21 8.82
CA ILE A 268 -13.63 -12.34 8.21
C ILE A 268 -15.08 -11.98 7.97
N ARG A 269 -15.73 -11.40 8.95
CA ARG A 269 -17.15 -11.02 8.80
C ARG A 269 -17.28 -9.95 7.71
N ALA A 270 -16.38 -8.97 7.69
CA ALA A 270 -16.45 -7.93 6.64
C ALA A 270 -16.34 -8.51 5.23
N ALA A 271 -15.40 -9.46 5.01
CA ALA A 271 -15.25 -10.04 3.68
C ALA A 271 -16.45 -10.94 3.30
N GLU A 272 -17.02 -11.61 4.30
CA GLU A 272 -18.22 -12.40 4.12
C GLU A 272 -19.42 -11.52 3.70
N ARG A 273 -19.54 -10.35 4.31
CA ARG A 273 -20.56 -9.37 3.90
C ARG A 273 -20.34 -8.77 2.50
N ARG A 274 -19.09 -8.43 2.15
CA ARG A 274 -18.83 -8.08 0.81
C ARG A 274 -19.20 -9.21 -0.15
N LEU A 275 -19.05 -10.47 0.25
CA LEU A 275 -19.35 -11.55 -0.69
C LEU A 275 -20.90 -11.61 -0.87
N ALA A 276 -21.62 -11.57 0.25
CA ALA A 276 -23.09 -11.41 0.27
C ALA A 276 -23.57 -10.27 -0.65
N ALA A 277 -22.95 -9.10 -0.54
CA ALA A 277 -23.37 -7.94 -1.38
C ALA A 277 -23.20 -8.18 -2.86
N SER A 278 -22.03 -8.73 -3.19
CA SER A 278 -21.65 -9.08 -4.52
C SER A 278 -22.56 -10.14 -5.15
N THR A 279 -23.00 -11.07 -4.31
CA THR A 279 -23.84 -12.10 -4.74
C THR A 279 -25.22 -11.51 -5.05
N ALA A 280 -25.74 -10.71 -4.13
CA ALA A 280 -26.94 -9.90 -4.43
C ALA A 280 -26.83 -9.03 -5.72
N ASP A 281 -25.64 -8.49 -6.02
CA ASP A 281 -25.47 -7.70 -7.24
C ASP A 281 -25.61 -8.54 -8.55
N VAL A 282 -25.33 -9.84 -8.48
CA VAL A 282 -25.65 -10.77 -9.59
C VAL A 282 -27.16 -10.76 -9.82
N GLY A 283 -27.95 -10.83 -8.75
CA GLY A 283 -29.41 -10.71 -8.83
C GLY A 283 -29.86 -9.43 -9.52
N VAL A 284 -29.26 -8.31 -9.14
CA VAL A 284 -29.56 -7.02 -9.79
C VAL A 284 -29.42 -7.08 -11.31
N ALA A 285 -28.30 -7.63 -11.75
CA ALA A 285 -28.00 -7.73 -13.15
C ALA A 285 -28.87 -8.78 -13.86
N THR A 286 -29.15 -9.87 -13.15
CA THR A 286 -29.99 -10.97 -13.62
C THR A 286 -31.43 -10.46 -13.96
N ALA A 287 -31.95 -9.53 -13.15
CA ALA A 287 -33.26 -8.91 -13.39
C ALA A 287 -33.41 -8.20 -14.73
N ASP A 288 -32.33 -7.66 -15.27
CA ASP A 288 -32.34 -7.05 -16.60
C ASP A 288 -32.55 -8.01 -17.77
N LEU A 289 -32.43 -9.31 -17.53
CA LEU A 289 -32.78 -10.29 -18.53
C LEU A 289 -34.32 -10.33 -18.76
N PHE A 290 -35.10 -9.90 -17.76
CA PHE A 290 -36.57 -9.93 -17.75
C PHE A 290 -37.11 -8.52 -18.04
N PRO A 291 -38.39 -8.41 -18.38
CA PRO A 291 -38.94 -7.09 -18.67
C PRO A 291 -38.98 -6.21 -17.43
N ARG A 292 -38.78 -4.93 -17.65
CA ARG A 292 -38.99 -3.91 -16.63
C ARG A 292 -40.41 -3.28 -16.80
N VAL A 293 -41.19 -3.22 -15.71
CA VAL A 293 -42.53 -2.68 -15.65
C VAL A 293 -42.51 -1.42 -14.75
N SER A 294 -42.78 -0.27 -15.35
N SER A 294 -42.78 -0.27 -15.34
CA SER A 294 -42.77 1.05 -14.72
CA SER A 294 -42.76 1.04 -14.68
C SER A 294 -44.18 1.68 -14.80
C SER A 294 -44.17 1.64 -14.76
N LEU A 295 -44.43 2.62 -13.91
CA LEU A 295 -45.75 3.25 -13.83
C LEU A 295 -45.54 4.75 -13.54
N SER A 296 -45.57 5.56 -14.62
CA SER A 296 -45.48 7.02 -14.43
C SER A 296 -46.88 7.60 -14.14
N GLY A 297 -46.89 8.83 -13.61
CA GLY A 297 -48.14 9.48 -13.21
C GLY A 297 -48.00 10.98 -13.06
N PHE A 298 -49.09 11.69 -13.33
CA PHE A 298 -49.17 13.12 -13.09
C PHE A 298 -50.54 13.44 -12.48
N LEU A 299 -50.57 14.31 -11.48
CA LEU A 299 -51.81 14.75 -10.88
C LEU A 299 -51.67 16.24 -10.60
N GLY A 300 -52.51 17.06 -11.23
CA GLY A 300 -52.59 18.49 -10.91
C GLY A 300 -53.37 19.27 -11.94
N PHE A 301 -52.63 20.07 -12.72
CA PHE A 301 -53.27 21.04 -13.55
C PHE A 301 -52.52 21.17 -14.86
N THR A 302 -53.29 21.19 -15.96
CA THR A 302 -52.76 21.38 -17.31
C THR A 302 -53.69 22.38 -18.03
N ALA A 303 -53.10 23.33 -18.76
CA ALA A 303 -53.90 24.35 -19.43
C ALA A 303 -53.13 24.96 -20.56
N GLY A 304 -53.83 25.33 -21.65
CA GLY A 304 -53.32 26.25 -22.72
C GLY A 304 -53.14 27.73 -22.32
N ARG A 305 -53.87 28.16 -21.30
CA ARG A 305 -53.79 29.52 -20.83
C ARG A 305 -53.34 29.41 -19.42
N GLY A 306 -52.22 30.09 -19.15
CA GLY A 306 -51.70 30.14 -17.79
C GLY A 306 -52.68 30.58 -16.74
N SER A 307 -53.62 31.44 -17.14
CA SER A 307 -54.63 31.97 -16.18
C SER A 307 -55.51 30.89 -15.58
N GLN A 308 -55.68 29.76 -16.28
CA GLN A 308 -56.57 28.73 -15.75
C GLN A 308 -55.93 27.74 -14.74
N ILE A 309 -54.58 27.71 -14.66
CA ILE A 309 -53.86 26.86 -13.70
C ILE A 309 -54.41 27.15 -12.35
N GLY A 310 -54.67 26.10 -11.57
CA GLY A 310 -55.24 26.25 -10.25
C GLY A 310 -56.75 26.06 -10.21
N SER A 311 -57.44 26.23 -11.35
CA SER A 311 -58.92 26.14 -11.39
C SER A 311 -59.42 24.73 -11.74
N SER A 312 -60.67 24.42 -11.37
CA SER A 312 -61.36 23.17 -11.78
C SER A 312 -61.31 22.93 -13.23
N ALA A 313 -61.44 23.97 -14.08
CA ALA A 313 -61.42 23.73 -15.54
C ALA A 313 -60.06 23.19 -16.06
N ALA A 314 -59.01 23.29 -15.25
CA ALA A 314 -57.68 22.88 -15.68
C ALA A 314 -57.17 21.61 -14.98
N ARG A 315 -57.99 21.00 -14.11
CA ARG A 315 -57.66 19.73 -13.47
C ARG A 315 -57.22 18.72 -14.48
N ALA A 316 -56.22 17.94 -14.10
CA ALA A 316 -55.69 16.91 -14.95
C ALA A 316 -55.02 15.81 -14.16
N TRP A 317 -55.11 14.62 -14.75
CA TRP A 317 -54.46 13.43 -14.26
C TRP A 317 -54.03 12.62 -15.49
N SER A 318 -52.94 11.90 -15.33
CA SER A 318 -52.38 11.09 -16.37
C SER A 318 -51.63 9.89 -15.73
N VAL A 319 -51.59 8.76 -16.41
CA VAL A 319 -51.01 7.53 -15.90
C VAL A 319 -50.24 6.96 -17.08
N GLY A 320 -49.01 6.47 -16.89
CA GLY A 320 -48.11 6.06 -18.01
C GLY A 320 -47.49 4.66 -17.85
N PRO A 321 -48.29 3.59 -17.96
CA PRO A 321 -47.71 2.25 -17.72
C PRO A 321 -46.82 1.92 -18.86
N SER A 322 -45.70 1.26 -18.57
CA SER A 322 -44.66 0.97 -19.56
C SER A 322 -43.96 -0.36 -19.26
N ILE A 323 -43.83 -1.24 -20.25
CA ILE A 323 -43.07 -2.46 -20.17
C ILE A 323 -41.97 -2.36 -21.23
N SER A 324 -40.71 -2.50 -20.77
CA SER A 324 -39.50 -2.54 -21.61
C SER A 324 -38.81 -3.87 -21.53
N TRP A 325 -38.21 -4.30 -22.60
CA TRP A 325 -37.39 -5.50 -22.56
C TRP A 325 -36.29 -5.32 -23.56
N ALA A 326 -35.09 -5.80 -23.21
CA ALA A 326 -33.90 -5.57 -24.06
C ALA A 326 -33.97 -6.20 -25.48
N ALA A 327 -34.72 -7.28 -25.60
CA ALA A 327 -34.98 -7.95 -26.85
C ALA A 327 -33.68 -8.26 -27.64
N PHE A 328 -33.41 -7.56 -28.76
CA PHE A 328 -32.24 -7.83 -29.58
C PHE A 328 -30.98 -7.33 -28.91
N ASP A 329 -31.07 -6.43 -27.90
CA ASP A 329 -29.90 -6.04 -27.12
C ASP A 329 -29.69 -6.91 -25.84
N LEU A 330 -30.28 -8.11 -25.75
CA LEU A 330 -29.97 -9.00 -24.63
C LEU A 330 -28.46 -9.36 -24.44
N GLY A 331 -27.71 -9.36 -25.53
CA GLY A 331 -26.25 -9.54 -25.52
C GLY A 331 -25.52 -8.57 -24.56
N SER A 332 -25.94 -7.32 -24.54
CA SER A 332 -25.40 -6.33 -23.64
C SER A 332 -25.73 -6.67 -22.17
N VAL A 333 -26.95 -7.11 -21.93
CA VAL A 333 -27.45 -7.39 -20.62
C VAL A 333 -26.65 -8.60 -20.16
N ARG A 334 -26.47 -9.58 -21.03
CA ARG A 334 -25.68 -10.77 -20.66
C ARG A 334 -24.20 -10.45 -20.33
N ALA A 335 -23.61 -9.53 -21.08
CA ALA A 335 -22.30 -9.03 -20.78
C ALA A 335 -22.24 -8.45 -19.36
N ARG A 336 -23.22 -7.62 -18.99
CA ARG A 336 -23.20 -7.06 -17.65
C ARG A 336 -23.40 -8.13 -16.58
N LEU A 337 -24.20 -9.16 -16.89
CA LEU A 337 -24.39 -10.24 -15.95
C LEU A 337 -23.10 -11.02 -15.76
N ARG A 338 -22.36 -11.20 -16.83
CA ARG A 338 -21.05 -11.87 -16.71
C ARG A 338 -20.11 -11.04 -15.85
N GLY A 339 -20.18 -9.72 -16.04
CA GLY A 339 -19.44 -8.76 -15.19
C GLY A 339 -19.76 -9.02 -13.72
N ALA A 340 -21.05 -9.02 -13.39
CA ALA A 340 -21.47 -9.14 -12.01
C ALA A 340 -21.02 -10.51 -11.50
N LYS A 341 -21.12 -11.54 -12.33
CA LYS A 341 -20.66 -12.91 -11.97
C LYS A 341 -19.14 -12.98 -11.71
N ALA A 342 -18.34 -12.38 -12.57
CA ALA A 342 -16.90 -12.28 -12.31
C ALA A 342 -16.60 -11.55 -10.96
N ASP A 343 -17.35 -10.51 -10.64
CA ASP A 343 -17.10 -9.76 -9.40
C ASP A 343 -17.44 -10.58 -8.15
N ALA A 344 -18.43 -11.46 -8.27
CA ALA A 344 -18.81 -12.30 -7.18
C ALA A 344 -17.83 -13.40 -6.96
N ASP A 345 -17.29 -13.95 -8.04
CA ASP A 345 -16.15 -14.89 -7.96
C ASP A 345 -14.90 -14.24 -7.38
N ALA A 346 -14.56 -13.00 -7.77
CA ALA A 346 -13.49 -12.25 -7.13
C ALA A 346 -13.77 -12.12 -5.65
N ALA A 347 -14.99 -11.82 -5.26
CA ALA A 347 -15.30 -11.67 -3.85
C ALA A 347 -15.24 -12.98 -3.05
N LEU A 348 -15.63 -14.10 -3.64
CA LEU A 348 -15.56 -15.37 -2.93
C LEU A 348 -14.05 -15.75 -2.72
N ALA A 349 -13.27 -15.68 -3.78
CA ALA A 349 -11.87 -15.98 -3.70
C ALA A 349 -11.13 -15.07 -2.65
N SER A 350 -11.51 -13.81 -2.66
CA SER A 350 -10.98 -12.85 -1.69
C SER A 350 -11.40 -13.21 -0.29
N TYR A 351 -12.64 -13.67 -0.11
CA TYR A 351 -13.07 -14.15 1.18
C TYR A 351 -12.23 -15.34 1.70
N GLU A 352 -12.00 -16.27 0.81
CA GLU A 352 -11.30 -17.45 1.14
C GLU A 352 -9.85 -17.10 1.46
N GLN A 353 -9.26 -16.16 0.70
CA GLN A 353 -7.89 -15.68 1.02
C GLN A 353 -7.85 -15.06 2.40
N GLN A 354 -8.87 -14.30 2.81
CA GLN A 354 -8.86 -13.74 4.16
C GLN A 354 -8.89 -14.84 5.16
N VAL A 355 -9.73 -15.85 4.94
CA VAL A 355 -9.74 -17.01 5.88
C VAL A 355 -8.35 -17.64 5.98
N LEU A 356 -7.76 -17.92 4.85
CA LEU A 356 -6.45 -18.53 4.84
C LEU A 356 -5.42 -17.67 5.60
N LEU A 357 -5.46 -16.35 5.40
CA LEU A 357 -4.50 -15.50 6.03
C LEU A 357 -4.70 -15.48 7.53
N ALA A 358 -5.97 -15.52 7.95
CA ALA A 358 -6.31 -15.54 9.35
C ALA A 358 -5.81 -16.81 10.02
N LEU A 359 -5.95 -17.93 9.33
CA LEU A 359 -5.42 -19.19 9.86
C LEU A 359 -3.87 -19.19 9.87
N GLU A 360 -3.27 -18.56 8.87
CA GLU A 360 -1.82 -18.42 8.85
C GLU A 360 -1.36 -17.59 10.04
N GLU A 361 -2.05 -16.48 10.30
CA GLU A 361 -1.65 -15.62 11.40
C GLU A 361 -1.76 -16.29 12.77
N SER A 362 -2.85 -17.03 13.01
CA SER A 362 -3.03 -17.66 14.32
C SER A 362 -2.06 -18.86 14.46
N ALA A 363 -1.84 -19.57 13.36
CA ALA A 363 -0.88 -20.69 13.43
C ALA A 363 0.57 -20.16 13.77
N ASN A 364 0.96 -19.06 13.13
CA ASN A 364 2.20 -18.39 13.50
C ASN A 364 2.24 -17.89 14.94
N ALA A 365 1.16 -17.26 15.39
CA ALA A 365 1.15 -16.69 16.69
C ALA A 365 1.34 -17.77 17.76
N PHE A 366 0.67 -18.91 17.62
CA PHE A 366 0.79 -19.96 18.57
C PHE A 366 2.12 -20.70 18.43
N SER A 367 2.56 -20.94 17.23
CA SER A 367 3.85 -21.59 17.02
C SER A 367 4.98 -20.71 17.67
N ASP A 368 5.03 -19.41 17.31
CA ASP A 368 6.00 -18.47 17.88
C ASP A 368 6.03 -18.49 19.41
N TYR A 369 4.87 -18.41 20.02
CA TYR A 369 4.79 -18.17 21.46
C TYR A 369 5.34 -19.37 22.23
N GLY A 370 5.00 -20.58 21.81
CA GLY A 370 5.53 -21.85 22.39
C GLY A 370 7.04 -21.87 22.35
N LYS A 371 7.55 -21.53 21.18
CA LYS A 371 9.00 -21.51 20.93
C LYS A 371 9.73 -20.41 21.71
N ARG A 372 9.07 -19.26 21.87
CA ARG A 372 9.61 -18.14 22.63
C ARG A 372 9.70 -18.43 24.13
N GLN A 373 8.72 -19.14 24.67
CA GLN A 373 8.85 -19.70 26.05
C GLN A 373 10.08 -20.56 26.23
N GLU A 374 10.30 -21.48 25.28
CA GLU A 374 11.45 -22.39 25.35
C GLU A 374 12.72 -21.61 25.27
N ARG A 375 12.78 -20.67 24.35
CA ARG A 375 14.01 -19.89 24.17
C ARG A 375 14.40 -19.12 25.45
N LEU A 376 13.41 -18.55 26.13
CA LEU A 376 13.61 -17.75 27.31
C LEU A 376 14.24 -18.58 28.45
N VAL A 377 13.85 -19.83 28.58
CA VAL A 377 14.42 -20.75 29.52
C VAL A 377 15.94 -20.82 29.28
N SER A 378 16.37 -21.00 28.03
CA SER A 378 17.80 -21.03 27.76
C SER A 378 18.46 -19.67 28.03
N LEU A 379 17.74 -18.57 27.73
CA LEU A 379 18.34 -17.26 27.94
C LEU A 379 18.55 -16.95 29.42
N VAL A 380 17.64 -17.43 30.27
CA VAL A 380 17.73 -17.15 31.72
C VAL A 380 18.97 -17.87 32.26
N ARG A 381 19.24 -19.09 31.82
CA ARG A 381 20.42 -19.81 32.25
C ARG A 381 21.65 -19.07 31.77
N GLN A 382 21.66 -18.66 30.53
CA GLN A 382 22.78 -17.90 30.02
C GLN A 382 23.09 -16.68 30.86
N SER A 383 22.07 -15.94 31.25
CA SER A 383 22.30 -14.74 32.06
C SER A 383 22.88 -15.07 33.42
N GLU A 384 22.31 -16.06 34.09
CA GLU A 384 22.82 -16.51 35.42
C GLU A 384 24.28 -16.97 35.32
N ALA A 385 24.61 -17.74 34.29
CA ALA A 385 25.96 -18.27 34.19
C ALA A 385 26.98 -17.16 33.89
N SER A 386 26.63 -16.30 32.95
CA SER A 386 27.37 -15.08 32.59
C SER A 386 27.78 -14.17 33.70
N ARG A 387 26.80 -13.85 34.53
CA ARG A 387 26.99 -13.03 35.72
C ARG A 387 27.98 -13.66 36.66
N ALA A 388 27.73 -14.91 37.02
CA ALA A 388 28.63 -15.68 37.88
C ALA A 388 30.06 -15.66 37.27
N ALA A 389 30.15 -15.82 35.95
CA ALA A 389 31.47 -15.79 35.29
C ALA A 389 32.16 -14.46 35.38
N ALA A 390 31.40 -13.40 35.17
CA ALA A 390 31.97 -12.04 35.21
C ALA A 390 32.38 -11.66 36.61
N GLN A 391 31.63 -12.11 37.60
CA GLN A 391 32.07 -11.91 39.00
C GLN A 391 33.36 -12.62 39.34
N GLN A 392 33.43 -13.93 39.05
CA GLN A 392 34.65 -14.71 39.26
C GLN A 392 35.85 -14.10 38.49
N ALA A 393 35.65 -13.74 37.23
CA ALA A 393 36.71 -13.16 36.45
C ALA A 393 37.27 -11.82 37.00
N ALA A 394 36.37 -10.94 37.49
CA ALA A 394 36.75 -9.64 38.11
C ALA A 394 37.64 -9.87 39.35
N ILE A 395 37.25 -10.83 40.18
CA ILE A 395 38.05 -11.22 41.34
C ILE A 395 39.44 -11.68 40.93
N ARG A 396 39.50 -12.56 39.96
CA ARG A 396 40.77 -13.12 39.56
C ARG A 396 41.65 -12.09 38.85
N TYR A 397 41.08 -11.14 38.11
CA TYR A 397 41.94 -10.10 37.45
C TYR A 397 42.55 -9.17 38.54
N ARG A 398 41.80 -8.92 39.59
CA ARG A 398 42.24 -8.03 40.67
C ARG A 398 43.42 -8.65 41.37
N GLU A 399 43.33 -9.95 41.57
CA GLU A 399 44.29 -10.73 42.33
C GLU A 399 45.53 -11.15 41.53
N GLY A 400 45.69 -10.75 40.26
CA GLY A 400 46.80 -11.22 39.40
C GLY A 400 46.78 -12.65 38.81
N THR A 401 45.72 -13.45 39.05
CA THR A 401 45.61 -14.83 38.48
C THR A 401 44.85 -15.02 37.11
N THR A 402 44.51 -13.94 36.39
CA THR A 402 43.94 -14.05 35.04
C THR A 402 44.23 -12.76 34.28
N ASP A 403 44.46 -12.85 32.99
CA ASP A 403 44.65 -11.69 32.12
C ASP A 403 43.35 -10.86 31.91
N PHE A 404 43.54 -9.60 31.50
CA PHE A 404 42.40 -8.71 31.33
C PHE A 404 41.37 -9.21 30.29
N LEU A 405 41.82 -9.86 29.23
CA LEU A 405 40.89 -10.35 28.21
C LEU A 405 39.88 -11.30 28.82
N VAL A 406 40.25 -12.02 29.87
CA VAL A 406 39.27 -12.91 30.55
C VAL A 406 38.11 -12.15 31.18
N LEU A 407 38.42 -11.04 31.82
CA LEU A 407 37.39 -10.17 32.41
C LEU A 407 36.67 -9.40 31.32
N LEU A 408 37.38 -8.88 30.32
CA LEU A 408 36.69 -8.19 29.21
C LEU A 408 35.64 -9.10 28.55
N ASP A 409 36.09 -10.26 28.13
CA ASP A 409 35.22 -11.18 27.46
C ASP A 409 34.05 -11.56 28.34
N ALA A 410 34.28 -11.84 29.61
CA ALA A 410 33.17 -12.20 30.49
C ALA A 410 32.15 -11.05 30.68
N GLU A 411 32.63 -9.82 30.69
CA GLU A 411 31.78 -8.63 30.71
C GLU A 411 30.99 -8.42 29.45
N ARG A 412 31.60 -8.68 28.31
CA ARG A 412 30.87 -8.52 27.08
C ARG A 412 29.69 -9.51 27.06
N GLU A 413 29.94 -10.76 27.42
CA GLU A 413 28.95 -11.81 27.43
C GLU A 413 27.85 -11.58 28.41
N GLN A 414 28.16 -10.94 29.51
CA GLN A 414 27.13 -10.66 30.49
C GLN A 414 26.18 -9.64 29.91
N LEU A 415 26.72 -8.59 29.35
CA LEU A 415 25.87 -7.61 28.67
C LEU A 415 25.07 -8.27 27.57
N SER A 416 25.75 -9.04 26.76
CA SER A 416 25.08 -9.64 25.61
C SER A 416 23.95 -10.58 26.08
N ALA A 417 24.19 -11.31 27.17
CA ALA A 417 23.25 -12.29 27.65
C ALA A 417 22.02 -11.59 28.28
N GLU A 418 22.28 -10.60 29.12
CA GLU A 418 21.23 -9.84 29.75
C GLU A 418 20.39 -9.11 28.80
N ASP A 419 21.01 -8.47 27.83
CA ASP A 419 20.27 -7.75 26.79
C ASP A 419 19.41 -8.71 25.93
N ALA A 420 19.94 -9.89 25.61
CA ALA A 420 19.22 -10.85 24.75
C ALA A 420 18.00 -11.37 25.53
N GLN A 421 18.20 -11.59 26.85
CA GLN A 421 17.08 -12.05 27.67
C GLN A 421 15.98 -11.00 27.71
N ALA A 422 16.33 -9.73 27.90
CA ALA A 422 15.35 -8.67 27.83
C ALA A 422 14.62 -8.68 26.50
N GLN A 423 15.35 -8.84 25.41
CA GLN A 423 14.69 -8.75 24.10
C GLN A 423 13.71 -9.92 23.99
N ALA A 424 14.03 -11.06 24.60
CA ALA A 424 13.25 -12.24 24.47
C ALA A 424 11.98 -12.13 25.31
N GLU A 425 12.09 -11.43 26.42
CA GLU A 425 10.94 -11.07 27.23
C GLU A 425 9.98 -10.15 26.49
N VAL A 426 10.51 -9.14 25.79
CA VAL A 426 9.71 -8.26 24.93
C VAL A 426 8.94 -9.07 23.80
N GLU A 427 9.64 -9.99 23.18
CA GLU A 427 9.07 -10.87 22.17
C GLU A 427 7.91 -11.72 22.67
N LEU A 428 8.03 -12.22 23.91
CA LEU A 428 7.00 -12.99 24.53
C LEU A 428 5.76 -12.11 24.73
N TYR A 429 5.96 -10.90 25.26
CA TYR A 429 4.90 -9.95 25.41
C TYR A 429 4.23 -9.68 24.08
N ARG A 430 5.02 -9.44 23.04
CA ARG A 430 4.47 -9.17 21.72
C ARG A 430 3.82 -10.39 21.06
N GLY A 431 4.33 -11.57 21.42
CA GLY A 431 3.70 -12.82 21.03
C GLY A 431 2.31 -12.96 21.62
N ILE A 432 2.10 -12.40 22.81
CA ILE A 432 0.75 -12.49 23.40
C ILE A 432 -0.18 -11.57 22.64
N VAL A 433 0.30 -10.42 22.29
CA VAL A 433 -0.48 -9.47 21.52
C VAL A 433 -0.88 -10.15 20.21
N ALA A 434 0.06 -10.87 19.60
CA ALA A 434 -0.20 -11.44 18.29
C ALA A 434 -1.25 -12.53 18.35
N ILE A 435 -1.28 -13.27 19.46
CA ILE A 435 -2.20 -14.34 19.66
C ILE A 435 -3.59 -13.70 19.74
N TYR A 436 -3.77 -12.70 20.59
CA TYR A 436 -5.11 -12.09 20.77
C TYR A 436 -5.55 -11.32 19.56
N ARG A 437 -4.60 -10.72 18.85
CA ARG A 437 -4.96 -10.10 17.59
C ARG A 437 -5.51 -11.15 16.60
N SER A 438 -4.78 -12.26 16.47
CA SER A 438 -5.20 -13.28 15.50
C SER A 438 -6.51 -13.94 15.88
N LEU A 439 -6.87 -13.91 17.15
CA LEU A 439 -8.14 -14.51 17.57
C LEU A 439 -9.33 -13.54 17.41
N GLY A 440 -9.07 -12.27 17.03
CA GLY A 440 -10.10 -11.24 16.94
C GLY A 440 -10.61 -10.78 18.28
N GLY A 441 -9.74 -10.74 19.28
CA GLY A 441 -10.05 -10.03 20.54
C GLY A 441 -10.07 -8.52 20.52
N GLY A 442 -10.99 -7.95 21.30
CA GLY A 442 -10.98 -6.52 21.67
C GLY A 442 -12.04 -5.57 21.09
N TRP A 443 -12.93 -6.05 20.23
CA TRP A 443 -14.06 -5.22 19.71
C TRP A 443 -15.36 -5.23 20.54
N GLN A 444 -15.46 -6.08 21.59
CA GLN A 444 -16.70 -6.56 22.35
C GLN A 444 -16.91 -8.15 22.46
N PRO A 445 -16.01 -9.02 21.91
CA PRO A 445 -16.33 -10.44 21.49
C PRO A 445 -16.51 -11.56 22.56
N CYS B 1 -14.54 7.41 -41.49
CA CYS B 1 -13.49 8.16 -40.87
C CYS B 1 -13.23 7.44 -39.58
N THR B 2 -11.82 7.69 -38.70
CA THR B 2 -11.39 7.44 -37.29
C THR B 2 -10.42 8.49 -36.73
N VAL B 3 -11.03 9.42 -36.00
CA VAL B 3 -10.40 10.63 -35.53
C VAL B 3 -9.52 10.33 -34.29
N GLY B 4 -8.62 11.26 -33.99
CA GLY B 4 -7.71 11.20 -32.84
C GLY B 4 -6.40 10.52 -33.20
N PRO B 5 -5.42 10.47 -32.27
CA PRO B 5 -4.09 9.86 -32.61
C PRO B 5 -4.18 8.35 -32.83
N ASP B 6 -3.44 7.85 -33.82
CA ASP B 6 -3.32 6.39 -33.98
C ASP B 6 -2.21 5.88 -33.05
N TYR B 7 -2.51 4.90 -32.20
CA TYR B 7 -1.56 4.48 -31.20
C TYR B 7 -0.35 3.80 -31.82
N ARG B 8 0.85 4.14 -31.38
CA ARG B 8 2.03 3.35 -31.77
C ARG B 8 2.82 2.98 -30.53
N THR B 9 3.23 1.72 -30.42
CA THR B 9 4.00 1.27 -29.28
C THR B 9 5.28 2.10 -29.18
N PRO B 10 5.63 2.60 -27.96
CA PRO B 10 6.87 3.39 -27.85
C PRO B 10 8.06 2.57 -28.32
N ASP B 11 9.06 3.23 -28.88
CA ASP B 11 10.26 2.48 -29.33
C ASP B 11 11.23 2.37 -28.15
N THR B 12 10.95 1.45 -27.24
CA THR B 12 11.72 1.33 -26.02
C THR B 12 12.99 0.55 -26.32
N ALA B 13 14.17 1.11 -26.04
CA ALA B 13 15.40 0.36 -26.28
C ALA B 13 15.48 -0.87 -25.37
N ALA B 14 16.22 -1.85 -25.85
CA ALA B 14 16.29 -3.17 -25.27
C ALA B 14 17.13 -3.00 -24.03
N ALA B 15 16.89 -3.80 -23.00
CA ALA B 15 17.79 -3.83 -21.81
C ALA B 15 19.20 -4.22 -22.22
N LYS B 16 20.18 -3.58 -21.63
CA LYS B 16 21.58 -3.86 -21.83
C LYS B 16 22.17 -4.21 -20.46
N ILE B 17 22.60 -5.45 -20.20
CA ILE B 17 23.23 -5.79 -18.89
C ILE B 17 24.64 -6.37 -19.18
N ASP B 18 25.68 -5.53 -19.12
CA ASP B 18 27.06 -5.98 -19.51
C ASP B 18 27.61 -7.15 -18.66
N ALA B 19 27.28 -7.15 -17.37
CA ALA B 19 27.66 -8.21 -16.41
C ALA B 19 27.21 -9.65 -16.78
N THR B 20 26.20 -9.78 -17.65
CA THR B 20 25.76 -11.08 -18.19
C THR B 20 26.68 -11.80 -19.19
N ALA B 21 27.63 -11.09 -19.80
CA ALA B 21 28.65 -11.75 -20.63
C ALA B 21 29.73 -12.51 -19.77
N SER B 22 29.61 -12.53 -18.43
CA SER B 22 30.43 -13.38 -17.51
C SER B 22 30.16 -14.92 -17.56
N LYS B 23 31.07 -15.66 -16.90
CA LYS B 23 31.01 -17.13 -16.71
C LYS B 23 29.79 -17.63 -15.94
N PRO B 24 29.32 -16.90 -14.89
CA PRO B 24 28.11 -17.37 -14.20
C PRO B 24 26.85 -17.63 -15.04
N TYR B 25 26.82 -17.10 -16.29
CA TYR B 25 25.60 -17.03 -17.07
C TYR B 25 25.71 -17.57 -18.50
N ASP B 26 24.63 -18.17 -18.97
CA ASP B 26 24.51 -18.72 -20.32
C ASP B 26 23.39 -17.95 -21.06
N ARG B 27 23.81 -17.12 -22.02
CA ARG B 27 22.90 -16.24 -22.73
C ARG B 27 22.31 -16.96 -23.95
N SER B 28 22.78 -18.18 -24.23
CA SER B 28 22.30 -18.95 -25.38
C SER B 28 20.92 -19.62 -25.19
N ARG B 29 20.45 -19.84 -23.97
CA ARG B 29 19.04 -20.21 -23.79
C ARG B 29 18.42 -19.56 -22.57
N PHE B 30 17.09 -19.44 -22.63
CA PHE B 30 16.22 -19.11 -21.49
C PHE B 30 15.40 -20.32 -21.09
N GLU B 31 15.34 -20.64 -19.79
CA GLU B 31 14.39 -21.65 -19.32
C GLU B 31 13.16 -20.97 -18.69
N SER B 32 12.02 -21.12 -19.33
CA SER B 32 10.74 -20.59 -18.79
C SER B 32 10.29 -21.14 -17.44
N LEU B 33 10.46 -22.43 -17.32
CA LEU B 33 10.10 -23.24 -16.13
C LEU B 33 11.33 -23.31 -15.28
N TRP B 34 11.72 -22.12 -14.84
CA TRP B 34 13.11 -21.85 -14.38
C TRP B 34 13.47 -22.56 -13.06
N TRP B 35 12.47 -22.73 -12.20
CA TRP B 35 12.64 -23.44 -10.95
C TRP B 35 13.03 -24.96 -11.08
N LYS B 36 12.70 -25.57 -12.23
CA LYS B 36 12.90 -27.00 -12.48
C LYS B 36 14.36 -27.29 -12.55
N GLN B 37 15.19 -26.27 -12.81
CA GLN B 37 16.66 -26.41 -12.82
C GLN B 37 17.20 -26.72 -11.46
N PHE B 38 16.44 -26.47 -10.40
CA PHE B 38 16.87 -26.90 -9.06
C PHE B 38 16.85 -28.44 -8.85
N ASP B 39 16.24 -29.17 -9.80
CA ASP B 39 16.03 -30.62 -9.71
C ASP B 39 15.45 -31.02 -8.36
N ASP B 40 14.43 -30.32 -7.86
CA ASP B 40 13.82 -30.60 -6.57
C ASP B 40 12.36 -30.93 -6.79
N PRO B 41 12.02 -32.24 -6.78
CA PRO B 41 10.66 -32.58 -7.14
C PRO B 41 9.66 -32.05 -6.13
N THR B 42 10.04 -31.87 -4.87
CA THR B 42 9.14 -31.34 -3.90
C THR B 42 8.79 -29.86 -4.27
N LEU B 43 9.81 -29.08 -4.63
CA LEU B 43 9.61 -27.71 -5.12
C LEU B 43 8.69 -27.69 -6.34
N ASN B 44 8.96 -28.60 -7.31
CA ASN B 44 8.12 -28.70 -8.50
C ASN B 44 6.65 -28.94 -8.17
N GLN B 45 6.39 -29.76 -7.16
CA GLN B 45 5.06 -30.06 -6.75
C GLN B 45 4.39 -28.84 -6.16
N LEU B 46 5.10 -28.15 -5.28
CA LEU B 46 4.59 -26.94 -4.62
C LEU B 46 4.14 -25.95 -5.70
N VAL B 47 4.94 -25.80 -6.73
CA VAL B 47 4.64 -24.74 -7.70
C VAL B 47 3.39 -25.13 -8.45
N GLU B 48 3.31 -26.39 -8.90
CA GLU B 48 2.13 -26.83 -9.65
C GLU B 48 0.81 -26.68 -8.85
N GLN B 49 0.83 -27.04 -7.59
CA GLN B 49 -0.34 -26.92 -6.72
C GLN B 49 -0.74 -25.50 -6.49
N SER B 50 0.26 -24.58 -6.31
CA SER B 50 -0.09 -23.16 -6.13
C SER B 50 -0.80 -22.61 -7.38
N LEU B 51 -0.44 -23.10 -8.55
CA LEU B 51 -1.19 -22.67 -9.76
C LEU B 51 -2.64 -23.08 -9.82
N SER B 52 -3.05 -24.14 -9.13
CA SER B 52 -4.47 -24.42 -9.02
C SER B 52 -5.08 -23.99 -7.78
N GLY B 53 -4.32 -23.82 -6.72
CA GLY B 53 -4.98 -23.44 -5.43
C GLY B 53 -4.95 -21.95 -5.08
N ASN B 54 -3.95 -21.17 -5.56
CA ASN B 54 -3.71 -19.83 -4.97
C ASN B 54 -4.91 -18.90 -5.11
N ARG B 55 -5.37 -18.22 -4.06
CA ARG B 55 -6.59 -17.44 -4.17
C ARG B 55 -6.44 -16.05 -4.79
N ASP B 56 -5.27 -15.40 -4.64
CA ASP B 56 -4.97 -14.14 -5.35
C ASP B 56 -4.96 -14.36 -6.87
N LEU B 57 -4.44 -15.50 -7.31
CA LEU B 57 -4.50 -15.82 -8.70
C LEU B 57 -5.97 -15.99 -9.19
N ARG B 58 -6.80 -16.62 -8.39
CA ARG B 58 -8.21 -16.72 -8.73
C ARG B 58 -8.90 -15.38 -8.84
N VAL B 59 -8.57 -14.45 -7.94
CA VAL B 59 -9.05 -13.07 -8.03
C VAL B 59 -8.70 -12.44 -9.35
N ALA B 60 -7.44 -12.59 -9.78
CA ALA B 60 -6.98 -11.98 -11.03
C ALA B 60 -7.70 -12.58 -12.24
N PHE B 61 -7.92 -13.90 -12.25
CA PHE B 61 -8.67 -14.52 -13.33
C PHE B 61 -10.04 -13.89 -13.40
N ALA B 62 -10.68 -13.69 -12.24
CA ALA B 62 -11.99 -13.11 -12.22
C ALA B 62 -11.98 -11.63 -12.68
N ARG B 63 -10.94 -10.90 -12.34
CA ARG B 63 -10.80 -9.55 -12.90
C ARG B 63 -10.66 -9.52 -14.40
N LEU B 64 -9.98 -10.52 -14.95
CA LEU B 64 -9.89 -10.65 -16.39
C LEU B 64 -11.26 -10.90 -16.98
N ARG B 65 -12.01 -11.81 -16.40
CA ARG B 65 -13.40 -12.06 -16.84
C ARG B 65 -14.21 -10.76 -16.73
N ALA B 66 -14.02 -9.96 -15.71
CA ALA B 66 -14.77 -8.71 -15.61
C ALA B 66 -14.48 -7.74 -16.76
N ALA B 67 -13.23 -7.68 -17.17
CA ALA B 67 -12.78 -6.75 -18.18
C ALA B 67 -13.25 -7.18 -19.58
N ARG B 68 -13.23 -8.47 -19.83
CA ARG B 68 -13.79 -8.98 -21.08
C ARG B 68 -15.29 -8.67 -21.18
N ALA B 69 -15.97 -8.69 -20.04
CA ALA B 69 -17.41 -8.40 -20.03
C ALA B 69 -17.72 -6.94 -20.37
N LEU B 70 -16.91 -6.00 -19.88
CA LEU B 70 -17.05 -4.59 -20.26
C LEU B 70 -16.81 -4.46 -21.72
N ARG B 71 -15.81 -5.19 -22.26
CA ARG B 71 -15.47 -5.04 -23.64
C ARG B 71 -16.60 -5.56 -24.52
N ASP B 72 -17.21 -6.70 -24.13
CA ASP B 72 -18.34 -7.25 -24.89
C ASP B 72 -19.54 -6.31 -24.95
N ASP B 73 -19.78 -5.56 -23.87
CA ASP B 73 -20.90 -4.59 -23.82
C ASP B 73 -20.68 -3.48 -24.87
N VAL B 74 -19.48 -2.88 -24.83
CA VAL B 74 -19.04 -1.87 -25.79
C VAL B 74 -19.13 -2.32 -27.24
N ALA B 75 -18.74 -3.56 -27.51
CA ALA B 75 -18.73 -4.04 -28.87
C ALA B 75 -20.09 -3.98 -29.57
N ASN B 76 -21.17 -4.18 -28.84
CA ASN B 76 -22.51 -4.07 -29.43
C ASN B 76 -22.89 -2.69 -29.89
N ASP B 77 -22.26 -1.64 -29.37
CA ASP B 77 -22.60 -0.25 -29.72
C ASP B 77 -22.28 0.11 -31.18
N ARG B 78 -21.50 -0.70 -31.91
CA ARG B 78 -21.29 -0.54 -33.34
C ARG B 78 -22.57 -0.74 -34.20
N PHE B 79 -23.63 -1.33 -33.63
CA PHE B 79 -24.78 -1.75 -34.40
C PHE B 79 -26.00 -1.07 -33.80
N PRO B 80 -27.08 -0.90 -34.59
CA PRO B 80 -28.34 -0.43 -34.01
C PRO B 80 -28.69 -1.27 -32.79
N VAL B 81 -29.13 -0.59 -31.75
CA VAL B 81 -29.54 -1.19 -30.50
C VAL B 81 -31.09 -1.25 -30.55
N VAL B 82 -31.64 -2.47 -30.54
CA VAL B 82 -33.07 -2.67 -30.81
C VAL B 82 -33.76 -3.34 -29.63
N THR B 83 -34.51 -2.53 -28.90
CA THR B 83 -35.25 -2.97 -27.75
C THR B 83 -36.74 -3.08 -28.04
N SER B 84 -37.50 -3.63 -27.10
CA SER B 84 -38.95 -3.74 -27.24
C SER B 84 -39.70 -2.94 -26.18
N ARG B 85 -40.91 -2.50 -26.50
CA ARG B 85 -41.74 -1.70 -25.60
C ARG B 85 -43.28 -1.83 -25.83
N ALA B 86 -44.00 -1.76 -24.72
CA ALA B 86 -45.46 -1.71 -24.72
C ALA B 86 -45.79 -0.60 -23.75
N SER B 87 -46.32 0.50 -24.24
CA SER B 87 -46.59 1.64 -23.36
C SER B 87 -47.98 2.18 -23.60
N ALA B 88 -48.41 3.01 -22.67
CA ALA B 88 -49.66 3.71 -22.79
C ALA B 88 -49.63 5.00 -22.03
N ASP B 89 -50.20 6.04 -22.64
CA ASP B 89 -50.47 7.29 -21.92
C ASP B 89 -52.04 7.50 -21.75
N ILE B 90 -52.54 7.41 -20.52
CA ILE B 90 -53.96 7.43 -20.23
C ILE B 90 -54.31 8.57 -19.30
N GLY B 91 -55.30 9.38 -19.68
CA GLY B 91 -55.69 10.51 -18.85
C GLY B 91 -56.95 11.25 -19.17
N LYS B 92 -57.22 12.23 -18.33
CA LYS B 92 -58.26 13.24 -18.54
C LYS B 92 -57.74 14.63 -18.20
N GLY B 93 -57.77 15.50 -19.19
CA GLY B 93 -57.66 16.91 -19.00
C GLY B 93 -57.67 17.66 -20.33
N GLN B 94 -57.42 18.95 -20.26
CA GLN B 94 -57.16 19.74 -21.46
C GLN B 94 -56.04 19.17 -22.34
N GLN B 95 -56.17 19.39 -23.65
CA GLN B 95 -55.12 19.06 -24.64
C GLN B 95 -54.73 20.37 -25.32
N PRO B 96 -53.69 21.04 -24.80
CA PRO B 96 -53.19 22.29 -25.39
C PRO B 96 -52.88 22.20 -26.89
N GLY B 97 -53.28 23.26 -27.62
CA GLY B 97 -53.25 23.33 -29.10
C GLY B 97 -54.55 22.88 -29.79
N VAL B 98 -55.36 22.09 -29.07
CA VAL B 98 -56.43 21.20 -29.59
C VAL B 98 -57.78 21.52 -28.91
N THR B 99 -57.89 21.41 -27.58
CA THR B 99 -59.10 21.88 -26.87
C THR B 99 -58.86 22.27 -25.41
N GLU B 100 -59.77 23.10 -24.88
CA GLU B 100 -59.76 23.52 -23.48
C GLU B 100 -60.82 22.78 -22.63
N ASP B 101 -61.56 21.87 -23.28
CA ASP B 101 -62.44 20.92 -22.59
C ASP B 101 -61.54 19.87 -21.93
N ARG B 102 -61.88 19.46 -20.71
CA ARG B 102 -61.19 18.36 -20.13
C ARG B 102 -61.72 17.07 -20.75
N VAL B 103 -60.92 16.49 -21.64
CA VAL B 103 -61.29 15.24 -22.34
C VAL B 103 -60.46 14.02 -21.95
N ASN B 104 -61.07 12.85 -22.11
CA ASN B 104 -60.36 11.58 -22.05
C ASN B 104 -59.35 11.48 -23.19
N SER B 105 -58.17 10.97 -22.87
CA SER B 105 -57.11 10.81 -23.84
C SER B 105 -56.28 9.52 -23.54
N GLU B 106 -56.05 8.75 -24.62
CA GLU B 106 -55.50 7.41 -24.61
C GLU B 106 -54.52 7.33 -25.80
N ARG B 107 -53.31 6.82 -25.55
CA ARG B 107 -52.38 6.44 -26.62
C ARG B 107 -51.71 5.13 -26.20
N TYR B 108 -51.72 4.15 -27.08
CA TYR B 108 -51.05 2.89 -26.93
C TYR B 108 -49.99 2.71 -28.00
N ASP B 109 -48.86 2.12 -27.62
CA ASP B 109 -47.76 1.83 -28.51
C ASP B 109 -47.19 0.46 -28.16
N LEU B 110 -46.85 -0.32 -29.18
CA LEU B 110 -46.25 -1.59 -28.96
C LEU B 110 -45.34 -1.91 -30.09
N GLY B 111 -44.08 -2.17 -29.80
CA GLY B 111 -43.13 -2.57 -30.85
C GLY B 111 -41.67 -2.37 -30.48
N LEU B 112 -40.85 -2.20 -31.52
CA LEU B 112 -39.44 -2.19 -31.43
C LEU B 112 -38.96 -0.77 -31.50
N ASP B 113 -38.01 -0.40 -30.62
CA ASP B 113 -37.37 0.90 -30.62
C ASP B 113 -35.95 0.67 -31.10
N SER B 114 -35.49 1.53 -32.01
CA SER B 114 -34.15 1.44 -32.53
C SER B 114 -33.40 2.75 -32.19
N ALA B 115 -32.14 2.60 -31.78
CA ALA B 115 -31.18 3.70 -31.47
C ALA B 115 -29.86 3.29 -32.15
N TRP B 116 -29.38 4.13 -33.04
CA TRP B 116 -28.21 3.82 -33.79
C TRP B 116 -27.34 5.05 -33.84
N GLU B 117 -26.10 4.85 -33.45
CA GLU B 117 -25.07 5.85 -33.57
C GLU B 117 -24.26 5.55 -34.79
N LEU B 118 -24.29 6.42 -35.79
CA LEU B 118 -23.66 6.14 -37.06
C LEU B 118 -22.13 6.07 -36.92
N ASP B 119 -21.54 6.83 -36.01
CA ASP B 119 -20.11 6.64 -35.73
C ASP B 119 -19.24 7.05 -36.91
N LEU B 120 -19.52 8.22 -37.43
CA LEU B 120 -18.82 8.65 -38.63
C LEU B 120 -17.40 9.14 -38.37
N PHE B 121 -17.11 9.53 -37.14
CA PHE B 121 -15.76 9.90 -36.67
C PHE B 121 -15.02 8.92 -35.76
N GLY B 122 -15.58 7.73 -35.64
CA GLY B 122 -14.95 6.61 -34.95
C GLY B 122 -14.87 6.68 -33.42
N ARG B 123 -15.76 7.46 -32.80
CA ARG B 123 -15.89 7.50 -31.37
C ARG B 123 -16.06 6.13 -30.70
N ILE B 124 -16.94 5.33 -31.28
CA ILE B 124 -17.24 3.99 -30.82
C ILE B 124 -16.11 2.98 -31.16
N ARG B 125 -15.58 3.04 -32.37
CA ARG B 125 -14.37 2.28 -32.71
C ARG B 125 -13.27 2.50 -31.65
N ARG B 126 -13.09 3.76 -31.21
CA ARG B 126 -12.07 4.12 -30.24
C ARG B 126 -12.42 3.63 -28.85
N GLN B 127 -13.69 3.75 -28.46
CA GLN B 127 -14.15 3.14 -27.23
C GLN B 127 -13.84 1.64 -27.15
N LEU B 128 -14.05 0.92 -28.24
CA LEU B 128 -13.77 -0.48 -28.28
C LEU B 128 -12.26 -0.75 -28.30
N GLU B 129 -11.50 0.07 -29.04
CA GLU B 129 -10.01 0.00 -29.01
C GLU B 129 -9.49 0.13 -27.54
N SER B 130 -10.12 0.99 -26.73
CA SER B 130 -9.71 1.18 -25.35
C SER B 130 -10.06 -0.07 -24.49
N SER B 131 -11.31 -0.53 -24.59
CA SER B 131 -11.76 -1.71 -23.88
C SER B 131 -11.01 -2.95 -24.22
N ASP B 132 -10.68 -3.15 -25.48
CA ASP B 132 -9.83 -4.28 -25.88
C ASP B 132 -8.43 -4.22 -25.24
N ALA B 133 -7.79 -3.05 -25.32
CA ALA B 133 -6.49 -2.87 -24.70
C ALA B 133 -6.60 -3.12 -23.25
N LEU B 134 -7.65 -2.68 -22.57
CA LEU B 134 -7.72 -2.95 -21.11
C LEU B 134 -7.91 -4.42 -20.76
N SER B 135 -8.55 -5.20 -21.65
CA SER B 135 -8.72 -6.67 -21.41
C SER B 135 -7.35 -7.36 -21.46
N GLU B 136 -6.58 -6.98 -22.47
CA GLU B 136 -5.17 -7.35 -22.55
C GLU B 136 -4.35 -6.89 -21.34
N ALA B 137 -4.63 -5.68 -20.81
CA ALA B 137 -3.93 -5.27 -19.58
C ALA B 137 -4.29 -6.17 -18.39
N ALA B 138 -5.56 -6.57 -18.31
CA ALA B 138 -5.94 -7.48 -17.26
C ALA B 138 -5.33 -8.87 -17.44
N GLU B 139 -5.14 -9.29 -18.69
CA GLU B 139 -4.50 -10.59 -18.95
C GLU B 139 -3.01 -10.51 -18.52
N ALA B 140 -2.32 -9.42 -18.89
CA ALA B 140 -0.97 -9.18 -18.42
C ALA B 140 -0.86 -9.05 -16.88
N ASP B 141 -1.84 -8.46 -16.19
CA ASP B 141 -1.76 -8.39 -14.74
C ASP B 141 -1.76 -9.78 -14.14
N LEU B 142 -2.51 -10.67 -14.80
CA LEU B 142 -2.67 -12.05 -14.34
C LEU B 142 -1.35 -12.77 -14.49
N GLN B 143 -0.70 -12.57 -15.60
CA GLN B 143 0.58 -13.18 -15.84
C GLN B 143 1.65 -12.60 -14.92
N GLN B 144 1.60 -11.28 -14.58
CA GLN B 144 2.61 -10.73 -13.66
C GLN B 144 2.37 -11.34 -12.25
N LEU B 145 1.10 -11.51 -11.89
CA LEU B 145 0.78 -12.20 -10.69
C LEU B 145 1.35 -13.67 -10.71
N GLN B 146 1.30 -14.44 -11.80
CA GLN B 146 1.91 -15.74 -11.75
C GLN B 146 3.41 -15.63 -11.45
N VAL B 147 4.06 -14.70 -12.16
CA VAL B 147 5.53 -14.51 -12.04
C VAL B 147 5.84 -14.21 -10.58
N SER B 148 5.06 -13.32 -9.96
CA SER B 148 5.35 -12.87 -8.62
C SER B 148 5.04 -14.00 -7.60
N LEU B 149 3.92 -14.70 -7.79
CA LEU B 149 3.55 -15.85 -6.93
C LEU B 149 4.60 -16.94 -6.98
N ILE B 150 5.06 -17.27 -8.17
CA ILE B 150 6.05 -18.39 -8.27
C ILE B 150 7.39 -18.00 -7.62
N ALA B 151 7.82 -16.76 -7.87
CA ALA B 151 9.01 -16.28 -7.19
C ALA B 151 8.78 -16.27 -5.68
N GLU B 152 7.63 -15.78 -5.23
CA GLU B 152 7.42 -15.71 -3.78
C GLU B 152 7.49 -17.12 -3.12
N LEU B 153 6.88 -18.09 -3.77
CA LEU B 153 6.81 -19.45 -3.27
C LEU B 153 8.18 -20.13 -3.34
N VAL B 154 8.87 -20.04 -4.48
CA VAL B 154 10.25 -20.64 -4.57
C VAL B 154 11.16 -20.08 -3.44
N ASP B 155 10.97 -18.78 -3.13
CA ASP B 155 11.77 -18.05 -2.23
C ASP B 155 11.47 -18.50 -0.81
N ALA B 156 10.19 -18.68 -0.48
CA ALA B 156 9.78 -19.22 0.82
C ALA B 156 10.29 -20.64 1.09
N TYR B 157 10.20 -21.50 0.10
CA TYR B 157 10.80 -22.83 0.19
C TYR B 157 12.28 -22.70 0.53
N GLY B 158 12.95 -21.78 -0.13
CA GLY B 158 14.37 -21.51 0.20
C GLY B 158 14.61 -21.12 1.65
N GLN B 159 13.70 -20.33 2.19
CA GLN B 159 13.80 -19.87 3.54
C GLN B 159 13.52 -21.02 4.50
N LEU B 160 12.53 -21.84 4.18
CA LEU B 160 12.26 -23.02 4.93
C LEU B 160 13.54 -23.91 4.99
N ARG B 161 14.16 -24.15 3.86
CA ARG B 161 15.35 -25.00 3.87
C ARG B 161 16.50 -24.35 4.63
N GLY B 162 16.56 -23.03 4.57
CA GLY B 162 17.56 -22.28 5.24
C GLY B 162 17.48 -22.42 6.75
N ALA B 163 16.30 -22.31 7.27
CA ALA B 163 16.09 -22.43 8.67
C ALA B 163 16.38 -23.89 9.14
N GLN B 164 16.02 -24.86 8.31
CA GLN B 164 16.33 -26.26 8.58
C GLN B 164 17.84 -26.51 8.53
N LEU B 165 18.51 -25.96 7.56
CA LEU B 165 19.97 -26.06 7.52
C LEU B 165 20.62 -25.40 8.77
N ARG B 166 20.08 -24.25 9.20
CA ARG B 166 20.73 -23.51 10.29
C ARG B 166 20.45 -24.20 11.64
N GLU B 167 19.27 -24.82 11.77
CA GLU B 167 18.94 -25.56 12.97
C GLU B 167 19.89 -26.73 13.05
N LYS B 168 20.12 -27.39 11.92
CA LYS B 168 21.09 -28.50 11.86
C LYS B 168 22.54 -28.09 12.30
N ILE B 169 22.99 -26.93 11.80
CA ILE B 169 24.32 -26.36 12.20
C ILE B 169 24.34 -25.97 13.70
N ALA B 170 23.24 -25.46 14.20
CA ALA B 170 23.21 -25.06 15.55
C ALA B 170 23.25 -26.32 16.45
N LEU B 171 22.50 -27.37 16.10
CA LEU B 171 22.49 -28.58 16.89
C LEU B 171 23.84 -29.32 16.83
N SER B 172 24.46 -29.29 15.71
CA SER B 172 25.83 -29.88 15.57
C SER B 172 26.89 -29.13 16.48
N ASN B 173 26.86 -27.81 16.39
CA ASN B 173 27.70 -26.97 17.26
C ASN B 173 27.29 -27.11 18.73
N LEU B 174 26.00 -27.33 19.00
CA LEU B 174 25.55 -27.54 20.37
C LEU B 174 26.17 -28.79 20.99
N GLU B 175 26.26 -29.85 20.22
CA GLU B 175 27.03 -31.05 20.63
C GLU B 175 28.48 -30.80 20.88
N ASN B 176 29.18 -30.08 20.00
CA ASN B 176 30.61 -29.74 20.26
C ASN B 176 30.74 -28.96 21.55
N GLN B 177 29.82 -28.03 21.78
CA GLN B 177 29.90 -27.17 22.94
C GLN B 177 29.52 -27.93 24.20
N LYS B 178 28.65 -28.90 24.09
CA LYS B 178 28.27 -29.74 25.21
C LYS B 178 29.44 -30.68 25.61
N GLU B 179 30.11 -31.27 24.63
CA GLU B 179 31.40 -31.95 24.86
C GLU B 179 32.42 -31.02 25.57
N SER B 180 32.49 -29.73 25.17
CA SER B 180 33.42 -28.78 25.80
C SER B 180 32.96 -28.54 27.21
N ARG B 181 31.67 -28.32 27.43
CA ARG B 181 31.24 -28.09 28.79
C ARG B 181 31.64 -29.31 29.64
N GLN B 182 31.36 -30.54 29.17
CA GLN B 182 31.67 -31.78 29.94
C GLN B 182 33.18 -31.88 30.26
N LEU B 183 34.04 -31.60 29.26
CA LEU B 183 35.49 -31.44 29.51
C LEU B 183 35.87 -30.42 30.62
N THR B 184 35.22 -29.26 30.71
CA THR B 184 35.57 -28.28 31.75
C THR B 184 35.27 -28.83 33.10
N GLU B 185 34.11 -29.48 33.24
CA GLU B 185 33.68 -30.17 34.50
C GLU B 185 34.69 -31.29 34.89
N GLN B 186 35.01 -32.11 33.91
CA GLN B 186 35.89 -33.23 34.11
C GLN B 186 37.26 -32.76 34.59
N LEU B 187 37.82 -31.75 33.93
CA LEU B 187 39.10 -31.25 34.36
C LEU B 187 39.03 -30.55 35.73
N ARG B 188 37.95 -29.84 35.97
CA ARG B 188 37.77 -29.22 37.27
C ARG B 188 37.77 -30.28 38.38
N ASP B 189 36.95 -31.30 38.17
CA ASP B 189 36.73 -32.42 39.12
C ASP B 189 38.01 -33.21 39.34
N ALA B 190 38.83 -33.36 38.29
CA ALA B 190 40.10 -34.09 38.36
C ALA B 190 41.20 -33.26 39.01
N GLY B 191 40.94 -31.97 39.24
CA GLY B 191 41.86 -31.09 39.94
C GLY B 191 42.79 -30.22 39.09
N VAL B 192 42.59 -30.15 37.77
CA VAL B 192 43.41 -29.28 36.91
C VAL B 192 42.60 -28.24 36.14
N GLY B 193 41.37 -27.98 36.54
CA GLY B 193 40.54 -27.02 35.82
C GLY B 193 40.08 -25.91 36.74
N ALA B 194 38.92 -25.35 36.45
CA ALA B 194 38.49 -24.20 37.20
C ALA B 194 37.00 -23.98 37.03
N GLU B 195 36.31 -23.68 38.12
CA GLU B 195 34.88 -23.30 38.03
C GLU B 195 34.60 -22.21 36.94
N LEU B 196 35.54 -21.28 36.75
CA LEU B 196 35.37 -20.20 35.80
C LEU B 196 35.30 -20.73 34.38
N ASP B 197 35.98 -21.85 34.07
CA ASP B 197 35.85 -22.50 32.77
C ASP B 197 34.39 -23.05 32.62
N VAL B 198 33.91 -23.71 33.66
CA VAL B 198 32.63 -24.37 33.57
C VAL B 198 31.52 -23.28 33.37
N LEU B 199 31.55 -22.20 34.15
CA LEU B 199 30.50 -21.20 34.06
C LEU B 199 30.44 -20.68 32.66
N ARG B 200 31.60 -20.35 32.12
CA ARG B 200 31.68 -19.78 30.78
C ARG B 200 31.18 -20.73 29.72
N ALA B 201 31.47 -22.00 29.93
CA ALA B 201 31.06 -23.03 28.96
C ALA B 201 29.51 -23.23 29.06
N ASP B 202 28.99 -23.15 30.28
CA ASP B 202 27.53 -23.17 30.52
C ASP B 202 26.79 -22.05 29.81
N ALA B 203 27.36 -20.84 29.82
CA ALA B 203 26.71 -19.68 29.17
C ALA B 203 26.70 -19.83 27.67
N ARG B 204 27.83 -20.22 27.11
CA ARG B 204 27.88 -20.38 25.65
C ARG B 204 26.94 -21.52 25.13
N LEU B 205 26.87 -22.62 25.83
CA LEU B 205 25.99 -23.72 25.50
C LEU B 205 24.51 -23.26 25.50
N ALA B 206 24.13 -22.55 26.55
CA ALA B 206 22.80 -22.00 26.64
C ALA B 206 22.49 -21.00 25.52
N ALA B 207 23.48 -20.19 25.12
CA ALA B 207 23.32 -19.27 24.00
C ALA B 207 23.03 -20.03 22.69
N THR B 208 23.77 -21.10 22.45
CA THR B 208 23.54 -21.89 21.29
C THR B 208 22.17 -22.60 21.40
N ALA B 209 21.85 -23.10 22.59
CA ALA B 209 20.55 -23.80 22.78
C ALA B 209 19.39 -22.85 22.50
N ALA B 210 19.59 -21.62 22.93
CA ALA B 210 18.57 -20.62 22.75
C ALA B 210 18.28 -20.41 21.22
N SER B 211 19.28 -20.54 20.34
CA SER B 211 19.03 -20.26 18.93
C SER B 211 18.11 -21.27 18.26
N VAL B 212 17.96 -22.45 18.86
CA VAL B 212 17.34 -23.58 18.19
C VAL B 212 15.82 -23.37 18.04
N PRO B 213 15.13 -22.99 19.13
CA PRO B 213 13.70 -22.79 18.94
C PRO B 213 13.40 -21.58 18.09
N GLN B 214 14.33 -20.63 18.00
CA GLN B 214 14.09 -19.46 17.15
C GLN B 214 14.14 -19.85 15.68
N LEU B 215 15.08 -20.73 15.35
CA LEU B 215 15.15 -21.27 14.03
C LEU B 215 13.97 -22.14 13.65
N GLN B 216 13.55 -22.94 14.61
CA GLN B 216 12.37 -23.79 14.43
C GLN B 216 11.12 -22.95 14.19
N ALA B 217 11.02 -21.83 14.92
CA ALA B 217 9.86 -20.91 14.77
C ALA B 217 9.82 -20.36 13.36
N GLU B 218 10.99 -20.05 12.83
CA GLU B 218 11.07 -19.50 11.52
C GLU B 218 10.71 -20.51 10.44
N ALA B 219 11.13 -21.74 10.65
CA ALA B 219 10.78 -22.86 9.76
C ALA B 219 9.21 -23.05 9.68
N GLU B 220 8.57 -22.94 10.84
CA GLU B 220 7.13 -23.09 10.95
C GLU B 220 6.37 -21.95 10.23
N ARG B 221 6.89 -20.73 10.34
CA ARG B 221 6.34 -19.60 9.64
C ARG B 221 6.49 -19.75 8.14
N ALA B 222 7.63 -20.22 7.68
CA ALA B 222 7.80 -20.42 6.23
C ALA B 222 6.85 -21.53 5.69
N ARG B 223 6.66 -22.58 6.47
CA ARG B 223 5.70 -23.63 6.20
C ARG B 223 4.29 -23.09 6.14
N HIS B 224 3.94 -22.22 7.07
CA HIS B 224 2.58 -21.67 7.02
C HIS B 224 2.36 -20.73 5.80
N ARG B 225 3.43 -20.04 5.41
CA ARG B 225 3.45 -19.12 4.30
C ARG B 225 3.19 -19.92 2.98
N ILE B 226 3.91 -21.04 2.82
CA ILE B 226 3.81 -21.96 1.70
C ILE B 226 2.39 -22.48 1.62
N ALA B 227 1.84 -22.92 2.75
CA ALA B 227 0.43 -23.34 2.78
C ALA B 227 -0.55 -22.26 2.22
N THR B 228 -0.54 -21.05 2.75
CA THR B 228 -1.36 -20.01 2.16
C THR B 228 -1.06 -19.80 0.67
N LEU B 229 0.20 -19.85 0.23
CA LEU B 229 0.51 -19.61 -1.18
C LEU B 229 -0.05 -20.75 -2.06
N LEU B 230 -0.23 -21.95 -1.50
CA LEU B 230 -0.81 -23.10 -2.19
C LEU B 230 -2.38 -23.07 -2.13
N GLY B 231 -2.93 -22.12 -1.39
CA GLY B 231 -4.37 -22.09 -1.17
C GLY B 231 -4.85 -23.14 -0.18
N GLN B 232 -4.02 -23.52 0.79
CA GLN B 232 -4.34 -24.52 1.81
C GLN B 232 -4.23 -23.97 3.24
N ARG B 233 -5.02 -24.57 4.13
CA ARG B 233 -4.97 -24.29 5.53
C ARG B 233 -3.69 -24.87 6.07
N PRO B 234 -3.17 -24.34 7.18
CA PRO B 234 -1.88 -24.81 7.64
C PRO B 234 -1.83 -26.31 8.01
N GLU B 235 -2.89 -26.82 8.61
CA GLU B 235 -2.99 -28.23 9.00
C GLU B 235 -3.37 -29.17 7.87
N GLU B 236 -3.82 -28.68 6.71
CA GLU B 236 -4.14 -29.54 5.55
C GLU B 236 -2.95 -29.75 4.61
N LEU B 237 -1.84 -29.10 4.84
CA LEU B 237 -0.79 -29.18 3.85
C LEU B 237 -0.28 -30.62 3.86
N THR B 238 -0.43 -31.34 2.76
CA THR B 238 -0.04 -32.78 2.73
C THR B 238 1.41 -33.00 2.32
N VAL B 239 1.91 -32.14 1.41
CA VAL B 239 3.30 -32.16 0.96
C VAL B 239 4.24 -32.28 2.14
N ASP B 240 5.13 -33.25 2.03
CA ASP B 240 6.07 -33.60 3.03
C ASP B 240 7.27 -32.61 2.96
N LEU B 241 7.42 -31.81 4.01
CA LEU B 241 8.40 -30.72 4.04
C LEU B 241 9.47 -30.94 5.10
N SER B 242 9.65 -32.21 5.50
CA SER B 242 10.68 -32.61 6.41
C SER B 242 12.05 -32.31 5.72
N PRO B 243 13.09 -32.09 6.53
CA PRO B 243 14.31 -31.47 5.98
C PRO B 243 14.95 -32.14 4.78
N ARG B 244 15.34 -31.32 3.80
CA ARG B 244 16.24 -31.69 2.71
C ARG B 244 17.24 -30.57 2.51
N ASP B 245 18.33 -30.87 1.81
CA ASP B 245 19.34 -29.91 1.45
C ASP B 245 18.75 -28.77 0.61
N LEU B 246 19.32 -27.58 0.79
CA LEU B 246 18.92 -26.41 0.03
C LEU B 246 19.26 -26.69 -1.42
N PRO B 247 18.33 -26.57 -2.35
CA PRO B 247 18.71 -26.90 -3.71
C PRO B 247 19.77 -25.95 -4.29
N ALA B 248 20.43 -26.44 -5.33
CA ALA B 248 21.47 -25.68 -6.00
C ALA B 248 21.45 -25.92 -7.52
N ILE B 249 22.02 -24.99 -8.27
CA ILE B 249 22.13 -25.09 -9.70
C ILE B 249 23.61 -25.03 -10.00
N THR B 250 24.16 -26.09 -10.59
CA THR B 250 25.62 -26.15 -10.90
C THR B 250 26.07 -25.66 -12.33
N LYS B 251 25.24 -25.84 -13.38
CA LYS B 251 25.50 -25.26 -14.70
C LYS B 251 25.27 -23.75 -14.73
N ALA B 252 25.88 -23.05 -15.67
CA ALA B 252 25.66 -21.61 -15.80
C ALA B 252 24.19 -21.36 -16.07
N LEU B 253 23.66 -20.29 -15.50
CA LEU B 253 22.21 -20.06 -15.52
C LEU B 253 21.73 -19.69 -16.93
N PRO B 254 20.76 -20.42 -17.43
CA PRO B 254 20.18 -19.95 -18.69
C PRO B 254 19.30 -18.73 -18.52
N ILE B 255 19.84 -17.60 -18.87
CA ILE B 255 19.15 -16.34 -18.73
C ILE B 255 18.72 -15.73 -20.05
N GLY B 256 18.98 -16.39 -21.16
CA GLY B 256 18.73 -15.82 -22.48
C GLY B 256 19.40 -14.52 -22.77
N ASP B 257 18.93 -13.87 -23.82
CA ASP B 257 19.38 -12.52 -24.15
C ASP B 257 18.71 -11.55 -23.18
N PRO B 258 19.48 -10.82 -22.39
CA PRO B 258 18.82 -9.85 -21.49
C PRO B 258 18.05 -8.70 -22.23
N GLY B 259 18.39 -8.46 -23.51
CA GLY B 259 17.58 -7.63 -24.41
C GLY B 259 16.15 -8.04 -24.75
N GLU B 260 15.69 -9.15 -24.19
CA GLU B 260 14.36 -9.66 -24.40
C GLU B 260 13.58 -9.38 -23.14
N LEU B 261 14.23 -8.95 -22.08
CA LEU B 261 13.56 -8.99 -20.81
C LEU B 261 12.37 -8.03 -20.80
N LEU B 262 12.50 -6.86 -21.42
CA LEU B 262 11.39 -5.93 -21.43
C LEU B 262 10.14 -6.46 -22.19
N ARG B 263 10.34 -7.32 -23.17
CA ARG B 263 9.23 -7.93 -23.91
C ARG B 263 8.60 -9.08 -23.18
N ARG B 264 9.35 -9.76 -22.35
CA ARG B 264 8.85 -10.92 -21.61
C ARG B 264 8.04 -10.51 -20.39
N ARG B 265 8.45 -9.43 -19.70
CA ARG B 265 7.84 -9.13 -18.39
C ARG B 265 6.37 -8.73 -18.63
N PRO B 266 5.42 -9.42 -18.00
CA PRO B 266 4.01 -9.02 -18.14
C PRO B 266 3.67 -7.68 -17.52
N ASP B 267 4.43 -7.23 -16.48
CA ASP B 267 4.12 -5.89 -15.95
C ASP B 267 4.31 -4.83 -16.97
N ILE B 268 5.31 -4.99 -17.83
CA ILE B 268 5.65 -3.97 -18.83
C ILE B 268 4.55 -3.97 -19.88
N ARG B 269 4.07 -5.14 -20.26
CA ARG B 269 3.03 -5.22 -21.27
C ARG B 269 1.69 -4.68 -20.69
N ALA B 270 1.42 -4.92 -19.41
CA ALA B 270 0.23 -4.36 -18.82
C ALA B 270 0.25 -2.83 -18.86
N ALA B 271 1.39 -2.21 -18.53
CA ALA B 271 1.46 -0.77 -18.52
C ALA B 271 1.40 -0.27 -19.94
N GLU B 272 1.92 -1.03 -20.90
CA GLU B 272 1.87 -0.62 -22.34
C GLU B 272 0.44 -0.63 -22.88
N ARG B 273 -0.31 -1.67 -22.53
CA ARG B 273 -1.72 -1.78 -22.87
C ARG B 273 -2.56 -0.64 -22.23
N ARG B 274 -2.25 -0.25 -20.99
CA ARG B 274 -2.94 0.90 -20.37
C ARG B 274 -2.66 2.19 -21.11
N LEU B 275 -1.41 2.38 -21.52
CA LEU B 275 -1.04 3.47 -22.40
C LEU B 275 -1.86 3.43 -23.72
N ALA B 276 -1.91 2.24 -24.37
CA ALA B 276 -2.64 2.12 -25.61
C ALA B 276 -4.11 2.48 -25.37
N ALA B 277 -4.60 2.15 -24.17
CA ALA B 277 -6.04 2.43 -23.90
C ALA B 277 -6.34 3.94 -23.70
N SER B 278 -5.43 4.57 -22.94
CA SER B 278 -5.59 5.99 -22.67
C SER B 278 -5.42 6.80 -23.97
N THR B 279 -4.65 6.24 -24.91
CA THR B 279 -4.46 6.91 -26.19
C THR B 279 -5.71 6.79 -27.01
N ALA B 280 -6.31 5.61 -27.07
CA ALA B 280 -7.65 5.45 -27.63
C ALA B 280 -8.63 6.43 -26.96
N ASP B 281 -8.57 6.57 -25.65
CA ASP B 281 -9.52 7.45 -24.98
C ASP B 281 -9.39 8.93 -25.47
N VAL B 282 -8.19 9.34 -25.91
CA VAL B 282 -7.96 10.69 -26.41
C VAL B 282 -8.78 10.78 -27.71
N GLY B 283 -8.74 9.70 -28.48
CA GLY B 283 -9.57 9.54 -29.64
C GLY B 283 -11.05 9.71 -29.34
N VAL B 284 -11.53 9.08 -28.27
CA VAL B 284 -12.92 9.20 -27.88
C VAL B 284 -13.30 10.68 -27.70
N ALA B 285 -12.44 11.38 -26.98
CA ALA B 285 -12.74 12.73 -26.60
C ALA B 285 -12.62 13.70 -27.80
N THR B 286 -11.70 13.39 -28.71
CA THR B 286 -11.45 14.17 -29.90
C THR B 286 -12.66 14.07 -30.82
N ALA B 287 -13.29 12.90 -30.89
CA ALA B 287 -14.50 12.71 -31.65
C ALA B 287 -15.64 13.67 -31.25
N ASP B 288 -15.67 14.13 -30.00
CA ASP B 288 -16.78 15.04 -29.59
C ASP B 288 -16.61 16.49 -30.09
N LEU B 289 -15.47 16.82 -30.68
CA LEU B 289 -15.29 18.12 -31.33
C LEU B 289 -16.10 18.17 -32.65
N PHE B 290 -16.43 16.97 -33.16
CA PHE B 290 -17.17 16.77 -34.38
C PHE B 290 -18.63 16.40 -34.12
N PRO B 291 -19.48 16.56 -35.12
CA PRO B 291 -20.90 16.28 -34.92
C PRO B 291 -21.15 14.80 -34.70
N ARG B 292 -22.25 14.53 -34.02
CA ARG B 292 -22.74 13.17 -33.74
C ARG B 292 -23.98 12.90 -34.59
N VAL B 293 -23.89 11.89 -35.46
CA VAL B 293 -24.97 11.54 -36.36
C VAL B 293 -25.62 10.29 -35.81
N SER B 294 -26.93 10.36 -35.59
CA SER B 294 -27.65 9.23 -35.07
C SER B 294 -28.96 9.01 -35.84
N LEU B 295 -29.57 7.85 -35.60
CA LEU B 295 -30.78 7.45 -36.29
C LEU B 295 -31.60 6.63 -35.35
N SER B 296 -32.74 7.19 -34.95
CA SER B 296 -33.74 6.44 -34.16
C SER B 296 -34.85 5.82 -35.05
N GLY B 297 -35.73 5.06 -34.41
CA GLY B 297 -36.72 4.24 -35.12
C GLY B 297 -37.80 3.64 -34.23
N PHE B 298 -39.01 3.53 -34.78
CA PHE B 298 -40.07 2.72 -34.21
C PHE B 298 -40.64 1.84 -35.32
N LEU B 299 -40.89 0.57 -35.00
CA LEU B 299 -41.63 -0.33 -35.87
C LEU B 299 -42.59 -1.15 -34.99
N GLY B 300 -43.89 -1.03 -35.23
CA GLY B 300 -44.87 -1.86 -34.53
C GLY B 300 -46.27 -1.32 -34.71
N PHE B 301 -46.83 -0.81 -33.61
CA PHE B 301 -48.25 -0.45 -33.56
C PHE B 301 -48.42 0.78 -32.69
N THR B 302 -49.29 1.66 -33.16
CA THR B 302 -49.66 2.87 -32.49
C THR B 302 -51.15 3.06 -32.76
N ALA B 303 -51.91 3.37 -31.72
CA ALA B 303 -53.38 3.39 -31.76
C ALA B 303 -53.89 4.33 -30.72
N GLY B 304 -55.07 4.90 -30.96
CA GLY B 304 -55.75 5.77 -29.99
C GLY B 304 -56.65 4.97 -29.04
N ARG B 305 -56.79 3.69 -29.36
CA ARG B 305 -57.75 2.83 -28.73
C ARG B 305 -57.10 1.47 -28.57
N GLY B 306 -57.09 0.97 -27.34
CA GLY B 306 -56.44 -0.29 -27.01
C GLY B 306 -56.85 -1.44 -27.85
N SER B 307 -58.11 -1.41 -28.30
CA SER B 307 -58.67 -2.45 -29.20
C SER B 307 -57.84 -2.79 -30.44
N GLN B 308 -57.20 -1.76 -31.00
CA GLN B 308 -56.60 -1.85 -32.34
C GLN B 308 -55.15 -2.37 -32.33
N ILE B 309 -54.46 -2.31 -31.18
CA ILE B 309 -53.08 -2.78 -31.09
C ILE B 309 -53.00 -4.18 -31.70
N GLY B 310 -52.06 -4.43 -32.59
CA GLY B 310 -51.99 -5.75 -33.24
C GLY B 310 -52.63 -5.82 -34.62
N SER B 311 -53.65 -4.98 -34.89
CA SER B 311 -54.31 -4.94 -36.22
C SER B 311 -53.64 -4.04 -37.25
N SER B 312 -53.68 -4.46 -38.51
CA SER B 312 -53.39 -3.60 -39.66
C SER B 312 -53.71 -2.09 -39.54
N ALA B 313 -54.88 -1.71 -39.05
CA ALA B 313 -55.22 -0.28 -38.96
C ALA B 313 -54.46 0.45 -37.83
N ALA B 314 -53.60 -0.27 -37.08
CA ALA B 314 -52.70 0.38 -36.11
C ALA B 314 -51.19 0.22 -36.39
N ARG B 315 -50.79 -0.44 -37.48
CA ARG B 315 -49.41 -0.46 -37.93
C ARG B 315 -48.83 0.96 -37.91
N ALA B 316 -47.61 1.11 -37.39
CA ALA B 316 -46.91 2.39 -37.39
C ALA B 316 -45.43 2.13 -37.65
N TRP B 317 -44.79 3.06 -38.35
CA TRP B 317 -43.34 3.16 -38.43
C TRP B 317 -42.92 4.61 -38.36
N SER B 318 -41.66 4.82 -38.03
CA SER B 318 -41.16 6.13 -37.65
C SER B 318 -39.64 6.04 -37.70
N VAL B 319 -38.99 7.12 -38.12
CA VAL B 319 -37.56 7.17 -38.35
C VAL B 319 -37.11 8.58 -37.94
N GLY B 320 -35.98 8.70 -37.25
CA GLY B 320 -35.53 9.97 -36.63
C GLY B 320 -34.05 10.25 -36.83
N PRO B 321 -33.64 10.61 -38.06
CA PRO B 321 -32.25 11.03 -38.26
C PRO B 321 -32.00 12.33 -37.53
N SER B 322 -30.86 12.40 -36.85
CA SER B 322 -30.49 13.51 -35.99
C SER B 322 -28.97 13.76 -36.16
N ILE B 323 -28.59 15.03 -36.20
CA ILE B 323 -27.18 15.47 -36.23
C ILE B 323 -27.08 16.52 -35.16
N SER B 324 -26.29 16.30 -34.12
CA SER B 324 -25.99 17.36 -33.15
C SER B 324 -24.50 17.68 -33.05
N TRP B 325 -24.21 18.87 -32.54
CA TRP B 325 -22.86 19.41 -32.47
C TRP B 325 -22.77 20.38 -31.32
N ALA B 326 -21.65 20.32 -30.60
CA ALA B 326 -21.52 21.03 -29.32
C ALA B 326 -21.62 22.56 -29.44
N ALA B 327 -21.28 23.12 -30.60
CA ALA B 327 -21.51 24.56 -30.86
C ALA B 327 -20.93 25.40 -29.70
N PHE B 328 -21.71 26.21 -29.03
CA PHE B 328 -21.16 27.13 -27.99
C PHE B 328 -20.70 26.40 -26.71
N ASP B 329 -21.03 25.10 -26.56
CA ASP B 329 -20.50 24.25 -25.47
C ASP B 329 -19.15 23.54 -25.78
N LEU B 330 -18.48 23.92 -26.87
CA LEU B 330 -17.14 23.37 -27.16
C LEU B 330 -16.09 23.56 -26.05
N GLY B 331 -16.22 24.62 -25.23
CA GLY B 331 -15.38 24.80 -24.04
C GLY B 331 -15.40 23.52 -23.18
N SER B 332 -16.56 22.93 -22.97
CA SER B 332 -16.71 21.70 -22.17
C SER B 332 -16.07 20.50 -22.84
N VAL B 333 -16.24 20.41 -24.14
CA VAL B 333 -15.61 19.35 -24.95
C VAL B 333 -14.11 19.47 -24.93
N ARG B 334 -13.64 20.71 -24.96
CA ARG B 334 -12.18 20.98 -24.96
C ARG B 334 -11.59 20.67 -23.58
N ALA B 335 -12.36 20.96 -22.54
CA ALA B 335 -11.96 20.64 -21.20
C ALA B 335 -11.80 19.10 -21.02
N ARG B 336 -12.76 18.33 -21.50
CA ARG B 336 -12.63 16.86 -21.44
C ARG B 336 -11.48 16.33 -22.28
N LEU B 337 -11.20 16.92 -23.43
CA LEU B 337 -10.15 16.47 -24.28
C LEU B 337 -8.82 16.73 -23.63
N ARG B 338 -8.65 17.89 -22.99
CA ARG B 338 -7.46 18.16 -22.19
C ARG B 338 -7.30 17.14 -21.06
N GLY B 339 -8.41 16.81 -20.39
CA GLY B 339 -8.44 15.79 -19.33
C GLY B 339 -7.91 14.50 -19.89
N ALA B 340 -8.41 14.12 -21.06
CA ALA B 340 -7.98 12.84 -21.66
C ALA B 340 -6.50 12.91 -22.06
N LYS B 341 -6.02 14.08 -22.48
CA LYS B 341 -4.56 14.15 -22.86
C LYS B 341 -3.68 14.07 -21.61
N ALA B 342 -4.06 14.76 -20.58
CA ALA B 342 -3.34 14.63 -19.35
C ALA B 342 -3.30 13.14 -18.89
N ASP B 343 -4.44 12.43 -18.95
CA ASP B 343 -4.48 11.01 -18.53
C ASP B 343 -3.54 10.19 -19.37
N ALA B 344 -3.38 10.51 -20.64
CA ALA B 344 -2.56 9.69 -21.50
C ALA B 344 -1.10 10.04 -21.23
N ASP B 345 -0.81 11.26 -20.85
CA ASP B 345 0.54 11.60 -20.45
C ASP B 345 0.94 10.91 -19.11
N ALA B 346 0.02 10.82 -18.16
CA ALA B 346 0.21 10.03 -16.96
C ALA B 346 0.51 8.56 -17.33
N ALA B 347 -0.26 8.01 -18.24
CA ALA B 347 -0.10 6.63 -18.53
C ALA B 347 1.24 6.42 -19.23
N LEU B 348 1.71 7.40 -20.02
CA LEU B 348 3.02 7.29 -20.68
C LEU B 348 4.14 7.35 -19.67
N ALA B 349 4.11 8.33 -18.79
CA ALA B 349 5.14 8.43 -17.78
C ALA B 349 5.16 7.18 -16.84
N SER B 350 3.99 6.67 -16.56
CA SER B 350 3.86 5.50 -15.73
C SER B 350 4.40 4.24 -16.41
N TYR B 351 4.16 4.11 -17.72
CA TYR B 351 4.81 3.06 -18.49
C TYR B 351 6.37 3.16 -18.41
N GLU B 352 6.91 4.38 -18.60
CA GLU B 352 8.36 4.58 -18.51
C GLU B 352 8.93 4.26 -17.13
N GLN B 353 8.20 4.59 -16.08
CA GLN B 353 8.56 4.25 -14.71
C GLN B 353 8.65 2.73 -14.54
N GLN B 354 7.68 2.01 -15.06
CA GLN B 354 7.72 0.57 -15.00
C GLN B 354 8.93 0.00 -15.71
N VAL B 355 9.26 0.54 -16.89
CA VAL B 355 10.47 0.15 -17.59
C VAL B 355 11.73 0.34 -16.71
N LEU B 356 11.83 1.50 -16.08
CA LEU B 356 13.00 1.84 -15.33
C LEU B 356 13.06 1.00 -14.05
N LEU B 357 11.90 0.73 -13.42
CA LEU B 357 11.87 -0.18 -12.27
C LEU B 357 12.31 -1.61 -12.65
N ALA B 358 11.90 -2.07 -13.81
CA ALA B 358 12.29 -3.39 -14.28
C ALA B 358 13.80 -3.46 -14.50
N LEU B 359 14.40 -2.43 -15.09
CA LEU B 359 15.82 -2.42 -15.34
C LEU B 359 16.58 -2.34 -14.03
N GLU B 360 16.07 -1.57 -13.08
CA GLU B 360 16.64 -1.53 -11.71
C GLU B 360 16.65 -2.89 -11.00
N GLU B 361 15.51 -3.58 -11.06
CA GLU B 361 15.37 -4.90 -10.44
C GLU B 361 16.37 -5.89 -11.07
N SER B 362 16.47 -5.81 -12.36
CA SER B 362 17.31 -6.62 -13.14
C SER B 362 18.79 -6.32 -12.86
N ALA B 363 19.14 -5.04 -12.83
CA ALA B 363 20.51 -4.64 -12.55
C ALA B 363 20.94 -5.10 -11.14
N ASN B 364 20.05 -4.97 -10.16
CA ASN B 364 20.31 -5.44 -8.81
C ASN B 364 20.48 -6.95 -8.75
N ALA B 365 19.68 -7.69 -9.50
CA ALA B 365 19.74 -9.12 -9.31
C ALA B 365 21.05 -9.71 -9.81
N PHE B 366 21.49 -9.24 -10.94
CA PHE B 366 22.75 -9.67 -11.51
C PHE B 366 23.93 -9.23 -10.69
N SER B 367 23.91 -7.99 -10.25
CA SER B 367 24.99 -7.42 -9.47
C SER B 367 25.10 -8.20 -8.11
N ASP B 368 23.94 -8.40 -7.46
CA ASP B 368 23.83 -9.21 -6.24
C ASP B 368 24.35 -10.67 -6.38
N TYR B 369 23.95 -11.34 -7.44
CA TYR B 369 24.26 -12.71 -7.59
C TYR B 369 25.79 -12.87 -7.75
N GLY B 370 26.40 -12.06 -8.61
CA GLY B 370 27.87 -12.07 -8.79
C GLY B 370 28.54 -11.89 -7.45
N LYS B 371 28.06 -10.97 -6.62
CA LYS B 371 28.80 -10.66 -5.38
C LYS B 371 28.60 -11.75 -4.33
N ARG B 372 27.44 -12.36 -4.30
CA ARG B 372 27.11 -13.42 -3.39
C ARG B 372 27.88 -14.68 -3.72
N GLN B 373 28.18 -14.95 -4.99
CA GLN B 373 29.16 -15.98 -5.35
C GLN B 373 30.56 -15.69 -4.81
N GLU B 374 31.04 -14.47 -5.00
CA GLU B 374 32.40 -14.15 -4.50
C GLU B 374 32.39 -14.23 -3.00
N ARG B 375 31.32 -13.74 -2.35
CA ARG B 375 31.32 -13.70 -0.90
C ARG B 375 31.36 -15.14 -0.38
N LEU B 376 30.65 -16.05 -1.05
CA LEU B 376 30.55 -17.41 -0.53
C LEU B 376 31.96 -18.12 -0.54
N VAL B 377 32.81 -17.79 -1.51
CA VAL B 377 34.15 -18.38 -1.60
C VAL B 377 34.90 -18.12 -0.27
N SER B 378 34.85 -16.86 0.22
CA SER B 378 35.55 -16.47 1.40
C SER B 378 34.92 -17.11 2.64
N LEU B 379 33.58 -17.19 2.69
CA LEU B 379 32.96 -17.84 3.79
C LEU B 379 33.29 -19.35 3.87
N VAL B 380 33.36 -20.07 2.73
CA VAL B 380 33.79 -21.45 2.72
C VAL B 380 35.20 -21.55 3.37
N ARG B 381 36.12 -20.65 3.02
CA ARG B 381 37.45 -20.65 3.60
C ARG B 381 37.37 -20.34 5.09
N GLN B 382 36.50 -19.41 5.48
CA GLN B 382 36.38 -19.08 6.92
C GLN B 382 35.96 -20.31 7.75
N SER B 383 34.94 -21.01 7.27
CA SER B 383 34.37 -22.17 7.95
C SER B 383 35.43 -23.27 8.12
N GLU B 384 36.20 -23.49 7.07
CA GLU B 384 37.28 -24.49 7.09
C GLU B 384 38.35 -24.20 8.11
N ALA B 385 38.80 -22.96 8.16
CA ALA B 385 39.86 -22.57 9.07
C ALA B 385 39.39 -22.62 10.50
N SER B 386 38.18 -22.19 10.70
CA SER B 386 37.55 -22.23 12.01
C SER B 386 37.32 -23.57 12.62
N ARG B 387 36.78 -24.52 11.86
CA ARG B 387 36.71 -25.90 12.31
C ARG B 387 38.10 -26.40 12.72
N ALA B 388 39.13 -26.07 11.95
CA ALA B 388 40.44 -26.66 12.23
C ALA B 388 41.01 -25.99 13.51
N ALA B 389 40.75 -24.68 13.65
CA ALA B 389 41.08 -23.94 14.87
C ALA B 389 40.45 -24.52 16.12
N ALA B 390 39.12 -24.75 16.04
CA ALA B 390 38.39 -25.30 17.16
C ALA B 390 38.89 -26.70 17.55
N GLN B 391 39.11 -27.54 16.54
CA GLN B 391 39.66 -28.88 16.72
C GLN B 391 40.98 -28.80 17.52
N GLN B 392 41.88 -27.95 17.07
CA GLN B 392 43.15 -27.84 17.73
C GLN B 392 43.10 -27.21 19.11
N ALA B 393 42.19 -26.27 19.31
CA ALA B 393 42.12 -25.64 20.61
C ALA B 393 41.64 -26.66 21.61
N ALA B 394 40.78 -27.59 21.19
CA ALA B 394 40.22 -28.56 22.10
C ALA B 394 41.32 -29.54 22.47
N ILE B 395 42.16 -29.93 21.51
CA ILE B 395 43.28 -30.78 21.86
C ILE B 395 44.16 -30.02 22.89
N ARG B 396 44.46 -28.76 22.58
CA ARG B 396 45.40 -28.02 23.43
C ARG B 396 44.84 -27.77 24.85
N TYR B 397 43.53 -27.54 24.98
CA TYR B 397 42.95 -27.27 26.28
C TYR B 397 42.98 -28.56 27.15
N ARG B 398 42.55 -29.69 26.58
CA ARG B 398 42.61 -30.98 27.27
C ARG B 398 44.03 -31.32 27.80
N GLU B 399 45.05 -30.96 27.06
CA GLU B 399 46.48 -31.32 27.27
C GLU B 399 47.11 -30.39 28.31
N GLY B 400 46.45 -29.28 28.54
CA GLY B 400 46.97 -28.22 29.38
C GLY B 400 47.91 -27.17 28.79
N THR B 401 47.96 -27.02 27.44
CA THR B 401 48.76 -26.00 26.86
C THR B 401 47.99 -24.76 26.38
N THR B 402 46.73 -24.60 26.76
CA THR B 402 46.03 -23.35 26.40
C THR B 402 44.90 -23.23 27.35
N ASP B 403 44.41 -21.99 27.48
CA ASP B 403 43.42 -21.61 28.46
C ASP B 403 42.00 -21.82 27.90
N PHE B 404 40.99 -21.94 28.75
CA PHE B 404 39.67 -22.21 28.22
C PHE B 404 39.16 -21.12 27.24
N LEU B 405 39.55 -19.87 27.42
CA LEU B 405 38.99 -18.82 26.56
C LEU B 405 39.32 -19.03 25.08
N VAL B 406 40.56 -19.47 24.82
CA VAL B 406 41.00 -19.83 23.48
C VAL B 406 40.08 -20.85 22.85
N LEU B 407 39.68 -21.87 23.62
CA LEU B 407 38.76 -22.87 23.10
C LEU B 407 37.36 -22.26 22.94
N LEU B 408 36.92 -21.49 23.93
CA LEU B 408 35.61 -20.84 23.88
C LEU B 408 35.50 -19.98 22.65
N ASP B 409 36.53 -19.19 22.41
CA ASP B 409 36.45 -18.26 21.30
C ASP B 409 36.46 -19.04 19.94
N ALA B 410 37.26 -20.11 19.83
CA ALA B 410 37.35 -20.83 18.61
C ALA B 410 36.02 -21.52 18.30
N GLU B 411 35.31 -21.93 19.31
CA GLU B 411 33.99 -22.51 19.09
C GLU B 411 32.93 -21.47 18.71
N ARG B 412 32.95 -20.31 19.35
CA ARG B 412 32.17 -19.20 18.85
C ARG B 412 32.36 -18.89 17.38
N GLU B 413 33.60 -18.78 16.96
CA GLU B 413 33.92 -18.55 15.58
C GLU B 413 33.51 -19.68 14.63
N GLN B 414 33.58 -20.94 15.07
CA GLN B 414 33.13 -22.00 14.25
C GLN B 414 31.64 -21.83 13.99
N LEU B 415 30.86 -21.73 15.06
CA LEU B 415 29.40 -21.56 14.87
C LEU B 415 29.09 -20.36 13.96
N SER B 416 29.68 -19.24 14.31
CA SER B 416 29.49 -18.01 13.58
C SER B 416 29.84 -18.07 12.08
N ALA B 417 30.93 -18.72 11.77
CA ALA B 417 31.32 -18.96 10.39
C ALA B 417 30.38 -19.92 9.68
N GLU B 418 30.00 -20.99 10.37
CA GLU B 418 29.16 -22.00 9.73
C GLU B 418 27.81 -21.45 9.44
N ASP B 419 27.25 -20.82 10.45
CA ASP B 419 25.92 -20.18 10.30
C ASP B 419 25.97 -19.12 9.16
N ALA B 420 27.03 -18.32 9.11
CA ALA B 420 27.11 -17.23 8.11
C ALA B 420 27.21 -17.81 6.67
N GLN B 421 27.98 -18.90 6.52
CA GLN B 421 28.07 -19.62 5.25
C GLN B 421 26.71 -20.16 4.83
N ALA B 422 25.97 -20.70 5.79
CA ALA B 422 24.63 -21.13 5.51
C ALA B 422 23.75 -19.99 5.05
N GLN B 423 23.77 -18.87 5.75
CA GLN B 423 22.93 -17.72 5.32
C GLN B 423 23.32 -17.24 3.92
N ALA B 424 24.60 -17.25 3.61
CA ALA B 424 25.09 -16.89 2.29
C ALA B 424 24.66 -17.88 1.18
N GLU B 425 24.55 -19.18 1.49
CA GLU B 425 24.03 -20.15 0.50
C GLU B 425 22.51 -19.86 0.24
N VAL B 426 21.79 -19.58 1.31
CA VAL B 426 20.41 -19.18 1.21
C VAL B 426 20.28 -17.90 0.37
N GLU B 427 21.13 -16.91 0.63
CA GLU B 427 21.16 -15.70 -0.18
C GLU B 427 21.40 -15.97 -1.66
N LEU B 428 22.26 -16.90 -1.97
CA LEU B 428 22.50 -17.25 -3.32
C LEU B 428 21.28 -17.89 -4.03
N TYR B 429 20.68 -18.88 -3.40
CA TYR B 429 19.42 -19.42 -3.87
C TYR B 429 18.39 -18.31 -4.08
N ARG B 430 18.35 -17.36 -3.18
CA ARG B 430 17.36 -16.24 -3.36
C ARG B 430 17.72 -15.22 -4.44
N GLY B 431 19.04 -15.09 -4.67
CA GLY B 431 19.60 -14.35 -5.75
C GLY B 431 19.17 -14.91 -7.11
N ILE B 432 19.11 -16.23 -7.21
CA ILE B 432 18.64 -16.91 -8.42
C ILE B 432 17.16 -16.61 -8.62
N VAL B 433 16.34 -16.77 -7.59
CA VAL B 433 14.92 -16.32 -7.67
C VAL B 433 14.77 -14.87 -8.18
N ALA B 434 15.61 -13.96 -7.65
CA ALA B 434 15.50 -12.54 -7.98
C ALA B 434 15.84 -12.33 -9.43
N ILE B 435 16.83 -13.08 -9.91
CA ILE B 435 17.17 -12.96 -11.31
C ILE B 435 15.99 -13.40 -12.16
N TYR B 436 15.41 -14.55 -11.90
CA TYR B 436 14.32 -15.02 -12.79
C TYR B 436 13.05 -14.21 -12.67
N ARG B 437 12.73 -13.73 -11.48
CA ARG B 437 11.57 -12.83 -11.38
C ARG B 437 11.83 -11.57 -12.22
N SER B 438 13.08 -11.07 -12.23
CA SER B 438 13.35 -9.87 -12.94
C SER B 438 13.34 -10.01 -14.45
N LEU B 439 13.61 -11.21 -14.98
CA LEU B 439 13.49 -11.48 -16.43
C LEU B 439 12.07 -11.83 -16.92
N GLY B 440 11.11 -11.98 -16.01
CA GLY B 440 9.75 -12.22 -16.37
C GLY B 440 9.53 -13.69 -16.69
N GLY B 441 10.37 -14.57 -16.10
CA GLY B 441 10.15 -16.02 -16.19
C GLY B 441 8.90 -16.54 -15.46
N GLY B 442 8.13 -17.37 -16.17
CA GLY B 442 7.21 -18.40 -15.57
C GLY B 442 5.68 -18.26 -15.76
N TRP B 443 5.24 -17.61 -16.82
CA TRP B 443 3.82 -17.32 -17.00
C TRP B 443 3.29 -18.15 -18.21
N GLN B 444 1.98 -18.45 -18.14
CA GLN B 444 1.21 -19.26 -19.13
C GLN B 444 0.50 -18.34 -20.18
N PRO B 445 0.69 -18.58 -21.53
CA PRO B 445 0.26 -17.79 -22.75
C PRO B 445 -1.15 -17.21 -22.84
N CYS C 1 -28.46 32.57 -3.78
CA CYS C 1 -28.34 32.26 -2.42
C CYS C 1 -27.38 31.14 -2.61
N THR C 2 -26.26 30.73 -1.32
CA THR C 2 -25.44 29.52 -1.42
C THR C 2 -25.65 28.85 -0.11
N VAL C 3 -26.12 27.64 -0.23
CA VAL C 3 -26.73 26.91 0.82
C VAL C 3 -25.68 25.93 1.35
N GLY C 4 -25.87 25.50 2.59
CA GLY C 4 -25.00 24.45 3.20
C GLY C 4 -23.88 25.16 3.98
N PRO C 5 -23.00 24.42 4.63
CA PRO C 5 -21.96 25.06 5.48
C PRO C 5 -20.94 25.86 4.66
N ASP C 6 -20.41 26.92 5.28
CA ASP C 6 -19.36 27.76 4.68
C ASP C 6 -18.05 27.37 5.25
N TYR C 7 -17.13 26.93 4.41
CA TYR C 7 -15.91 26.29 4.89
C TYR C 7 -14.98 27.30 5.58
N ARG C 8 -14.52 26.96 6.78
CA ARG C 8 -13.43 27.68 7.44
C ARG C 8 -12.31 26.67 7.78
N THR C 9 -11.07 27.01 7.41
CA THR C 9 -9.86 26.24 7.77
C THR C 9 -9.88 26.00 9.26
N PRO C 10 -9.67 24.75 9.69
CA PRO C 10 -9.52 24.46 11.11
C PRO C 10 -8.50 25.36 11.82
N ASP C 11 -8.74 25.59 13.10
CA ASP C 11 -7.89 26.48 13.89
C ASP C 11 -6.80 25.58 14.52
N THR C 12 -5.85 25.18 13.70
CA THR C 12 -4.92 24.12 14.06
C THR C 12 -3.78 24.79 14.78
N ALA C 13 -3.53 24.42 16.03
CA ALA C 13 -2.46 25.06 16.75
C ALA C 13 -1.09 24.69 16.11
N ALA C 14 -0.16 25.64 16.27
CA ALA C 14 1.20 25.53 15.79
C ALA C 14 1.96 24.37 16.44
N ALA C 15 2.87 23.75 15.70
CA ALA C 15 3.75 22.76 16.32
C ALA C 15 4.68 23.39 17.37
N LYS C 16 4.93 22.63 18.41
CA LYS C 16 5.73 23.08 19.52
C LYS C 16 6.78 21.98 19.63
N ILE C 17 8.05 22.26 19.27
CA ILE C 17 9.15 21.30 19.52
C ILE C 17 10.19 21.98 20.42
N ASP C 18 9.98 21.82 21.75
CA ASP C 18 10.86 22.32 22.83
C ASP C 18 12.34 22.00 22.57
N ALA C 19 12.61 20.71 22.29
CA ALA C 19 13.94 20.19 21.93
C ALA C 19 14.79 21.00 20.90
N THR C 20 14.15 21.83 20.07
CA THR C 20 14.85 22.68 19.07
C THR C 20 15.44 24.06 19.52
N ALA C 21 15.16 24.47 20.76
CA ALA C 21 15.90 25.58 21.40
C ALA C 21 17.17 24.98 22.02
N SER C 22 18.14 24.68 21.16
CA SER C 22 19.39 23.93 21.46
C SER C 22 20.50 24.35 20.45
N LYS C 23 21.74 24.05 20.84
CA LYS C 23 22.97 24.34 20.09
C LYS C 23 23.03 23.70 18.70
N PRO C 24 22.46 22.47 18.49
CA PRO C 24 22.54 21.96 17.10
C PRO C 24 21.67 22.68 16.03
N TYR C 25 20.72 23.53 16.45
CA TYR C 25 19.72 24.15 15.53
C TYR C 25 19.68 25.69 15.58
N ASP C 26 19.56 26.27 14.41
CA ASP C 26 19.45 27.70 14.18
C ASP C 26 18.01 27.93 13.68
N ARG C 27 17.20 28.45 14.61
CA ARG C 27 15.78 28.77 14.34
C ARG C 27 15.51 30.14 13.71
N SER C 28 16.54 30.89 13.38
CA SER C 28 16.38 32.23 12.75
C SER C 28 16.25 32.17 11.25
N ARG C 29 16.71 31.09 10.60
CA ARG C 29 16.57 30.91 9.12
C ARG C 29 16.08 29.47 8.77
N PHE C 30 15.48 29.34 7.59
CA PHE C 30 15.18 28.07 6.99
C PHE C 30 15.72 28.07 5.58
N GLU C 31 16.45 27.03 5.17
CA GLU C 31 16.83 26.85 3.78
C GLU C 31 15.89 25.87 3.10
N SER C 32 15.13 26.32 2.13
CA SER C 32 14.27 25.42 1.44
C SER C 32 15.05 24.48 0.50
N LEU C 33 16.20 24.95 0.00
CA LEU C 33 17.16 24.13 -0.78
C LEU C 33 18.18 23.56 0.25
N TRP C 34 17.63 22.69 1.08
CA TRP C 34 18.24 22.27 2.32
C TRP C 34 19.45 21.37 2.07
N TRP C 35 19.53 20.72 0.92
CA TRP C 35 20.61 19.81 0.64
C TRP C 35 21.85 20.58 0.21
N LYS C 36 21.74 21.83 -0.20
CA LYS C 36 22.89 22.61 -0.72
C LYS C 36 23.90 22.84 0.38
N GLN C 37 23.48 22.81 1.63
CA GLN C 37 24.35 23.03 2.76
C GLN C 37 25.43 21.96 2.92
N PHE C 38 25.24 20.78 2.33
CA PHE C 38 26.26 19.74 2.35
C PHE C 38 27.46 20.10 1.49
N ASP C 39 27.28 21.12 0.65
CA ASP C 39 28.34 21.69 -0.15
C ASP C 39 28.94 20.56 -1.02
N ASP C 40 28.08 19.80 -1.70
CA ASP C 40 28.45 18.63 -2.47
C ASP C 40 27.90 18.84 -3.86
N PRO C 41 28.74 19.32 -4.78
CA PRO C 41 28.24 19.58 -6.12
C PRO C 41 27.71 18.31 -6.85
N THR C 42 28.29 17.13 -6.58
CA THR C 42 27.70 15.91 -7.14
C THR C 42 26.22 15.69 -6.72
N LEU C 43 25.95 15.80 -5.42
CA LEU C 43 24.60 15.71 -4.90
C LEU C 43 23.68 16.75 -5.55
N ASN C 44 24.19 17.97 -5.70
CA ASN C 44 23.37 19.07 -6.23
C ASN C 44 22.93 18.76 -7.66
N GLN C 45 23.78 18.09 -8.44
CA GLN C 45 23.43 17.69 -9.79
C GLN C 45 22.43 16.51 -9.89
N LEU C 46 22.61 15.53 -9.02
CA LEU C 46 21.62 14.47 -8.84
C LEU C 46 20.22 15.11 -8.61
N VAL C 47 20.11 16.02 -7.64
CA VAL C 47 18.83 16.65 -7.35
C VAL C 47 18.25 17.33 -8.58
N GLU C 48 19.04 18.16 -9.30
CA GLU C 48 18.54 18.85 -10.49
C GLU C 48 18.17 17.87 -11.58
N GLN C 49 18.95 16.82 -11.81
CA GLN C 49 18.51 15.82 -12.81
C GLN C 49 17.20 15.15 -12.46
N SER C 50 17.05 14.84 -11.17
CA SER C 50 15.86 14.17 -10.66
C SER C 50 14.64 15.01 -10.94
N LEU C 51 14.71 16.28 -10.59
CA LEU C 51 13.59 17.20 -10.89
C LEU C 51 13.26 17.30 -12.39
N SER C 52 14.24 17.19 -13.28
CA SER C 52 13.93 17.15 -14.75
C SER C 52 13.46 15.85 -15.20
N GLY C 53 13.89 14.74 -14.58
CA GLY C 53 13.69 13.39 -15.17
C GLY C 53 12.73 12.40 -14.47
N ASN C 54 12.53 12.60 -13.18
CA ASN C 54 11.77 11.67 -12.39
C ASN C 54 10.38 11.45 -12.99
N ARG C 55 10.02 10.19 -13.28
CA ARG C 55 8.72 9.88 -13.90
C ARG C 55 7.50 9.98 -12.97
N ASP C 56 7.68 9.73 -11.68
CA ASP C 56 6.59 9.85 -10.74
C ASP C 56 6.12 11.33 -10.66
N LEU C 57 7.05 12.28 -10.79
CA LEU C 57 6.70 13.70 -10.74
C LEU C 57 5.91 14.03 -11.95
N ARG C 58 6.28 13.46 -13.08
CA ARG C 58 5.42 13.62 -14.29
C ARG C 58 4.04 13.02 -14.18
N VAL C 59 3.91 11.86 -13.51
CA VAL C 59 2.58 11.28 -13.30
C VAL C 59 1.75 12.26 -12.47
N ALA C 60 2.32 12.76 -11.40
CA ALA C 60 1.57 13.59 -10.47
C ALA C 60 1.16 14.92 -11.09
N PHE C 61 2.05 15.49 -11.91
CA PHE C 61 1.74 16.72 -12.66
C PHE C 61 0.66 16.48 -13.70
N ALA C 62 0.70 15.34 -14.37
CA ALA C 62 -0.35 15.02 -15.31
C ALA C 62 -1.72 14.84 -14.60
N ARG C 63 -1.73 14.22 -13.41
CA ARG C 63 -2.98 14.10 -12.62
C ARG C 63 -3.57 15.49 -12.22
N LEU C 64 -2.69 16.43 -11.93
CA LEU C 64 -3.07 17.79 -11.61
C LEU C 64 -3.66 18.47 -12.83
N ARG C 65 -3.09 18.27 -14.03
CA ARG C 65 -3.67 18.81 -15.27
CA ARG C 65 -3.68 18.88 -15.17
C ARG C 65 -5.09 18.29 -15.43
N ALA C 66 -5.27 16.99 -15.18
CA ALA C 66 -6.59 16.38 -15.39
C ALA C 66 -7.55 16.98 -14.39
N ALA C 67 -7.08 17.23 -13.17
CA ALA C 67 -7.97 17.77 -12.15
C ALA C 67 -8.41 19.18 -12.50
N ARG C 68 -7.51 19.98 -13.03
CA ARG C 68 -7.86 21.31 -13.46
C ARG C 68 -8.82 21.29 -14.65
N ALA C 69 -8.61 20.36 -15.59
CA ALA C 69 -9.53 20.25 -16.73
C ALA C 69 -10.98 19.85 -16.29
N LEU C 70 -11.09 18.97 -15.33
CA LEU C 70 -12.33 18.59 -14.76
C LEU C 70 -13.03 19.83 -14.13
N ARG C 71 -12.29 20.56 -13.30
CA ARG C 71 -12.72 21.80 -12.72
C ARG C 71 -13.16 22.79 -13.80
N ASP C 72 -12.47 22.84 -14.95
CA ASP C 72 -12.88 23.77 -16.03
C ASP C 72 -14.26 23.36 -16.62
N ASP C 73 -14.50 22.06 -16.75
CA ASP C 73 -15.79 21.59 -17.30
C ASP C 73 -17.01 21.97 -16.38
N VAL C 74 -16.82 21.75 -15.08
CA VAL C 74 -17.80 22.09 -14.03
C VAL C 74 -18.06 23.58 -14.00
N ALA C 75 -17.01 24.39 -14.19
CA ALA C 75 -17.17 25.87 -14.32
C ALA C 75 -18.16 26.29 -15.40
N ASN C 76 -18.16 25.63 -16.54
CA ASN C 76 -19.18 25.92 -17.59
C ASN C 76 -20.64 25.66 -17.27
N ASP C 77 -20.92 24.90 -16.21
CA ASP C 77 -22.33 24.62 -15.85
C ASP C 77 -23.05 25.83 -15.24
N ARG C 78 -22.33 26.87 -14.84
CA ARG C 78 -22.98 28.10 -14.37
C ARG C 78 -23.64 28.94 -15.48
N PHE C 79 -23.47 28.55 -16.72
CA PHE C 79 -23.93 29.28 -17.89
C PHE C 79 -24.79 28.37 -18.74
N PRO C 80 -25.64 28.96 -19.61
CA PRO C 80 -26.41 28.16 -20.54
C PRO C 80 -25.50 27.36 -21.42
N VAL C 81 -25.87 26.11 -21.59
CA VAL C 81 -25.26 25.19 -22.48
C VAL C 81 -26.05 25.18 -23.79
N VAL C 82 -25.47 25.75 -24.84
CA VAL C 82 -26.10 26.00 -26.16
C VAL C 82 -25.46 25.13 -27.24
N THR C 83 -26.14 24.07 -27.61
CA THR C 83 -25.71 23.16 -28.62
C THR C 83 -26.54 23.41 -29.86
N SER C 84 -26.20 22.71 -30.92
CA SER C 84 -26.80 22.91 -32.21
C SER C 84 -27.26 21.58 -32.68
N ARG C 85 -28.26 21.57 -33.59
CA ARG C 85 -28.95 20.35 -34.02
C ARG C 85 -29.71 20.55 -35.37
N ALA C 86 -29.74 19.49 -36.19
CA ALA C 86 -30.51 19.38 -37.42
C ALA C 86 -31.12 17.99 -37.34
N SER C 87 -32.43 17.86 -37.48
CA SER C 87 -33.11 16.57 -37.31
C SER C 87 -34.41 16.48 -38.07
N ALA C 88 -34.93 15.27 -38.16
CA ALA C 88 -36.22 15.04 -38.74
C ALA C 88 -36.90 13.86 -38.07
N ASP C 89 -38.24 13.89 -38.08
CA ASP C 89 -39.12 12.77 -37.75
C ASP C 89 -40.06 12.48 -38.94
N ILE C 90 -39.90 11.30 -39.52
CA ILE C 90 -40.60 10.85 -40.72
C ILE C 90 -41.30 9.52 -40.40
N GLY C 91 -42.60 9.39 -40.68
CA GLY C 91 -43.25 8.08 -40.57
C GLY C 91 -44.65 7.96 -41.11
N LYS C 92 -45.31 6.88 -40.72
CA LYS C 92 -46.64 6.52 -41.13
C LYS C 92 -47.34 5.79 -39.99
N GLY C 93 -48.37 6.41 -39.44
CA GLY C 93 -49.33 5.70 -38.63
C GLY C 93 -50.38 6.65 -38.12
N GLN C 94 -51.17 6.17 -37.18
CA GLN C 94 -52.12 7.03 -36.52
C GLN C 94 -51.43 8.11 -35.70
N GLN C 95 -52.25 9.08 -35.33
CA GLN C 95 -51.85 10.21 -34.50
C GLN C 95 -52.95 10.44 -33.45
N PRO C 96 -52.82 9.81 -32.26
CA PRO C 96 -53.88 9.83 -31.22
C PRO C 96 -54.43 11.18 -30.75
N GLY C 97 -55.75 11.17 -30.53
CA GLY C 97 -56.57 12.37 -30.35
C GLY C 97 -56.76 13.25 -31.59
N VAL C 98 -56.30 12.78 -32.76
CA VAL C 98 -56.31 13.54 -34.03
C VAL C 98 -57.02 12.67 -35.08
N THR C 99 -56.33 11.81 -35.84
CA THR C 99 -57.03 10.84 -36.69
C THR C 99 -56.66 9.42 -36.31
N GLU C 100 -57.60 8.51 -36.61
CA GLU C 100 -57.41 7.02 -36.55
C GLU C 100 -56.99 6.43 -37.94
N ASP C 101 -56.83 7.31 -38.93
CA ASP C 101 -56.28 6.94 -40.20
C ASP C 101 -54.75 6.91 -40.05
N ARG C 102 -54.13 5.98 -40.77
CA ARG C 102 -52.70 5.93 -40.88
C ARG C 102 -52.21 7.00 -41.86
N VAL C 103 -51.73 8.16 -41.37
CA VAL C 103 -51.29 9.22 -42.24
C VAL C 103 -49.73 9.32 -42.33
N ASN C 104 -49.23 9.74 -43.49
CA ASN C 104 -47.83 10.17 -43.62
C ASN C 104 -47.54 11.43 -42.83
N SER C 105 -46.33 11.49 -42.29
CA SER C 105 -45.93 12.49 -41.28
C SER C 105 -44.47 12.85 -41.56
N GLU C 106 -44.16 14.12 -41.56
CA GLU C 106 -42.85 14.63 -41.89
C GLU C 106 -42.65 15.85 -41.04
N ARG C 107 -41.41 16.08 -40.64
CA ARG C 107 -41.07 17.17 -39.76
C ARG C 107 -39.54 17.35 -39.82
N TYR C 108 -39.11 18.59 -39.96
CA TYR C 108 -37.71 18.95 -40.02
C TYR C 108 -37.44 20.04 -38.99
N ASP C 109 -36.28 19.96 -38.31
CA ASP C 109 -35.87 21.00 -37.33
C ASP C 109 -34.43 21.35 -37.50
N LEU C 110 -34.07 22.62 -37.33
CA LEU C 110 -32.66 23.04 -37.45
C LEU C 110 -32.51 24.28 -36.63
N GLY C 111 -31.58 24.25 -35.69
CA GLY C 111 -31.23 25.39 -34.88
C GLY C 111 -30.43 25.06 -33.64
N LEU C 112 -30.56 25.95 -32.65
CA LEU C 112 -29.85 25.90 -31.39
C LEU C 112 -30.73 25.40 -30.24
N ASP C 113 -30.25 24.40 -29.49
CA ASP C 113 -30.87 23.93 -28.25
C ASP C 113 -30.10 24.48 -27.07
N SER C 114 -30.86 25.02 -26.14
CA SER C 114 -30.35 25.62 -24.96
C SER C 114 -30.90 24.96 -23.70
N ALA C 115 -30.00 24.65 -22.77
CA ALA C 115 -30.32 24.09 -21.43
C ALA C 115 -29.55 24.88 -20.37
N TRP C 116 -30.24 25.34 -19.35
CA TRP C 116 -29.65 26.15 -18.29
C TRP C 116 -30.27 25.78 -16.93
N GLU C 117 -29.42 25.36 -16.00
N GLU C 117 -29.44 25.31 -15.97
CA GLU C 117 -29.81 25.33 -14.58
CA GLU C 117 -29.80 25.33 -14.51
C GLU C 117 -29.46 26.71 -13.94
C GLU C 117 -29.46 26.71 -13.91
N LEU C 118 -30.47 27.44 -13.45
CA LEU C 118 -30.27 28.79 -12.87
C LEU C 118 -29.82 28.45 -11.50
N ASP C 119 -28.73 28.96 -11.09
CA ASP C 119 -28.15 28.36 -9.92
C ASP C 119 -28.61 29.09 -8.65
N LEU C 120 -29.90 28.98 -8.35
CA LEU C 120 -30.47 29.86 -7.29
C LEU C 120 -30.10 29.51 -5.88
N PHE C 121 -29.88 28.23 -5.57
CA PHE C 121 -29.44 27.83 -4.24
C PHE C 121 -27.94 27.41 -4.18
N GLY C 122 -27.23 27.62 -5.29
CA GLY C 122 -25.79 27.45 -5.34
C GLY C 122 -25.24 26.02 -5.42
N ARG C 123 -26.07 25.07 -5.84
CA ARG C 123 -25.67 23.71 -6.17
C ARG C 123 -24.38 23.67 -7.03
N ILE C 124 -24.34 24.52 -8.05
CA ILE C 124 -23.38 24.43 -9.09
C ILE C 124 -22.16 25.21 -8.60
N ARG C 125 -22.39 26.34 -7.93
CA ARG C 125 -21.29 27.07 -7.30
C ARG C 125 -20.54 26.19 -6.25
N ARG C 126 -21.28 25.33 -5.54
CA ARG C 126 -20.65 24.41 -4.56
C ARG C 126 -19.84 23.28 -5.28
N GLN C 127 -20.42 22.70 -6.33
CA GLN C 127 -19.70 21.78 -7.18
C GLN C 127 -18.39 22.34 -7.65
N LEU C 128 -18.39 23.57 -8.13
CA LEU C 128 -17.21 24.24 -8.58
C LEU C 128 -16.25 24.47 -7.41
N GLU C 129 -16.77 24.92 -6.29
CA GLU C 129 -15.95 25.03 -5.10
C GLU C 129 -15.25 23.65 -4.70
N SER C 130 -15.96 22.54 -4.75
CA SER C 130 -15.39 21.24 -4.41
C SER C 130 -14.28 20.88 -5.36
N SER C 131 -14.54 21.08 -6.64
CA SER C 131 -13.67 20.70 -7.69
C SER C 131 -12.40 21.58 -7.79
N ASP C 132 -12.54 22.87 -7.48
CA ASP C 132 -11.40 23.72 -7.27
C ASP C 132 -10.57 23.21 -6.13
N ALA C 133 -11.19 22.97 -4.97
CA ALA C 133 -10.40 22.51 -3.79
C ALA C 133 -9.66 21.19 -4.11
N LEU C 134 -10.24 20.30 -4.93
CA LEU C 134 -9.62 19.01 -5.27
C LEU C 134 -8.38 19.17 -6.22
N SER C 135 -8.45 20.16 -7.09
CA SER C 135 -7.39 20.74 -7.88
C SER C 135 -6.26 21.10 -7.02
N GLU C 136 -6.56 21.89 -5.99
CA GLU C 136 -5.56 22.27 -5.07
C GLU C 136 -4.96 21.07 -4.33
N ALA C 137 -5.77 20.08 -3.95
CA ALA C 137 -5.24 18.92 -3.24
C ALA C 137 -4.26 18.20 -4.16
N ALA C 138 -4.56 18.17 -5.47
CA ALA C 138 -3.63 17.59 -6.44
C ALA C 138 -2.29 18.40 -6.60
N GLU C 139 -2.25 19.77 -6.52
CA GLU C 139 -0.95 20.65 -6.66
C GLU C 139 -0.26 20.15 -5.41
N ALA C 140 -0.96 20.09 -4.27
CA ALA C 140 -0.26 19.75 -3.02
C ALA C 140 0.24 18.27 -2.93
N ASP C 141 -0.44 17.31 -3.53
CA ASP C 141 0.04 15.94 -3.62
C ASP C 141 1.36 15.90 -4.41
N LEU C 142 1.39 16.60 -5.51
CA LEU C 142 2.54 16.75 -6.34
C LEU C 142 3.70 17.37 -5.54
N GLN C 143 3.44 18.45 -4.82
CA GLN C 143 4.47 19.08 -4.03
C GLN C 143 4.99 18.14 -2.93
N GLN C 144 4.10 17.38 -2.28
CA GLN C 144 4.52 16.44 -1.26
C GLN C 144 5.38 15.36 -1.92
N LEU C 145 5.04 14.95 -3.13
CA LEU C 145 5.87 13.98 -3.81
C LEU C 145 7.29 14.52 -4.00
N GLN C 146 7.41 15.76 -4.43
CA GLN C 146 8.68 16.36 -4.65
C GLN C 146 9.47 16.41 -3.36
N VAL C 147 8.83 16.77 -2.27
CA VAL C 147 9.58 16.75 -0.96
C VAL C 147 10.09 15.33 -0.65
N SER C 148 9.24 14.38 -0.88
CA SER C 148 9.55 12.99 -0.54
C SER C 148 10.68 12.41 -1.41
N LEU C 149 10.63 12.74 -2.69
CA LEU C 149 11.55 12.25 -3.65
C LEU C 149 12.93 12.87 -3.39
N ILE C 150 12.99 14.17 -3.13
CA ILE C 150 14.23 14.81 -2.86
C ILE C 150 14.85 14.12 -1.63
N ALA C 151 14.06 13.93 -0.59
CA ALA C 151 14.59 13.33 0.65
C ALA C 151 15.08 11.93 0.32
N GLU C 152 14.33 11.19 -0.49
CA GLU C 152 14.70 9.81 -0.74
C GLU C 152 16.03 9.73 -1.51
N LEU C 153 16.17 10.64 -2.46
CA LEU C 153 17.36 10.72 -3.30
C LEU C 153 18.59 11.11 -2.48
N VAL C 154 18.45 12.14 -1.66
CA VAL C 154 19.56 12.54 -0.80
C VAL C 154 19.93 11.42 0.17
N ASP C 155 18.93 10.75 0.73
CA ASP C 155 19.14 9.66 1.66
C ASP C 155 19.91 8.54 0.91
N ALA C 156 19.51 8.20 -0.31
CA ALA C 156 20.18 7.12 -1.03
C ALA C 156 21.69 7.42 -1.38
N TYR C 157 21.98 8.70 -1.63
CA TYR C 157 23.34 9.15 -1.85
C TYR C 157 24.15 8.91 -0.62
N GLY C 158 23.58 9.24 0.54
CA GLY C 158 24.17 8.90 1.80
C GLY C 158 24.47 7.40 2.00
N GLN C 159 23.51 6.55 1.67
CA GLN C 159 23.75 5.12 1.80
C GLN C 159 24.85 4.70 0.84
N LEU C 160 24.89 5.30 -0.34
CA LEU C 160 25.92 4.93 -1.27
C LEU C 160 27.29 5.31 -0.69
N ARG C 161 27.42 6.55 -0.15
CA ARG C 161 28.72 6.98 0.37
C ARG C 161 29.05 6.10 1.57
N GLY C 162 28.00 5.69 2.33
CA GLY C 162 28.19 4.81 3.45
C GLY C 162 28.85 3.51 3.09
N ALA C 163 28.37 2.91 2.02
CA ALA C 163 28.83 1.63 1.60
C ALA C 163 30.26 1.74 1.07
N GLN C 164 30.57 2.84 0.37
CA GLN C 164 31.96 3.09 -0.08
C GLN C 164 32.89 3.32 1.10
N LEU C 165 32.42 4.09 2.08
CA LEU C 165 33.23 4.29 3.27
C LEU C 165 33.54 2.96 3.97
N ARG C 166 32.55 2.11 4.14
CA ARG C 166 32.75 0.87 4.92
C ARG C 166 33.62 -0.16 4.17
N GLU C 167 33.58 -0.15 2.83
CA GLU C 167 34.44 -0.99 2.02
C GLU C 167 35.87 -0.50 2.19
N LYS C 168 36.09 0.81 2.17
CA LYS C 168 37.42 1.34 2.40
C LYS C 168 37.99 0.88 3.77
N ILE C 169 37.17 0.98 4.79
CA ILE C 169 37.55 0.54 6.15
C ILE C 169 37.75 -0.98 6.20
N ALA C 170 36.95 -1.76 5.47
CA ALA C 170 37.17 -3.20 5.54
C ALA C 170 38.49 -3.55 4.89
N LEU C 171 38.78 -2.93 3.76
CA LEU C 171 40.02 -3.20 3.03
C LEU C 171 41.26 -2.80 3.85
N SER C 172 41.17 -1.69 4.55
CA SER C 172 42.22 -1.21 5.39
C SER C 172 42.45 -2.15 6.57
N ASN C 173 41.35 -2.68 7.17
CA ASN C 173 41.49 -3.65 8.22
C ASN C 173 41.99 -5.01 7.74
N LEU C 174 41.69 -5.33 6.50
CA LEU C 174 42.24 -6.52 5.84
C LEU C 174 43.78 -6.48 5.75
N GLU C 175 44.32 -5.32 5.35
CA GLU C 175 45.80 -5.14 5.29
C GLU C 175 46.42 -5.34 6.63
N ASN C 176 45.87 -4.76 7.70
CA ASN C 176 46.43 -5.04 9.05
C ASN C 176 46.35 -6.55 9.36
N GLN C 177 45.22 -7.15 9.02
CA GLN C 177 45.03 -8.58 9.30
C GLN C 177 46.00 -9.45 8.58
N LYS C 178 46.42 -9.05 7.37
CA LYS C 178 47.37 -9.81 6.60
C LYS C 178 48.75 -9.69 7.16
N GLU C 179 49.07 -8.53 7.70
CA GLU C 179 50.37 -8.39 8.35
C GLU C 179 50.44 -9.30 9.58
N SER C 180 49.37 -9.31 10.36
CA SER C 180 49.28 -10.20 11.50
C SER C 180 49.37 -11.66 11.10
N ARG C 181 48.72 -12.09 9.99
CA ARG C 181 48.80 -13.51 9.55
CA ARG C 181 48.81 -13.51 9.55
C ARG C 181 50.25 -13.87 9.23
N GLN C 182 50.93 -12.99 8.49
CA GLN C 182 52.35 -13.13 8.14
C GLN C 182 53.16 -13.34 9.41
N LEU C 183 52.99 -12.50 10.43
CA LEU C 183 53.68 -12.70 11.71
C LEU C 183 53.35 -14.07 12.39
N THR C 184 52.09 -14.51 12.40
CA THR C 184 51.80 -15.83 13.01
C THR C 184 52.60 -16.94 12.30
N GLU C 185 52.65 -16.88 10.98
CA GLU C 185 53.46 -17.79 10.19
C GLU C 185 54.97 -17.70 10.52
N GLN C 186 55.58 -16.53 10.55
CA GLN C 186 57.00 -16.47 10.92
C GLN C 186 57.26 -17.08 12.30
N LEU C 187 56.50 -16.65 13.30
CA LEU C 187 56.70 -17.16 14.64
C LEU C 187 56.54 -18.64 14.66
N ARG C 188 55.59 -19.20 13.88
CA ARG C 188 55.43 -20.65 13.81
C ARG C 188 56.73 -21.32 13.26
N ASP C 189 57.12 -20.94 12.06
CA ASP C 189 58.30 -21.50 11.36
C ASP C 189 59.62 -21.31 12.12
N ALA C 190 59.73 -20.22 12.90
CA ALA C 190 60.87 -20.01 13.79
C ALA C 190 60.80 -20.77 15.15
N GLY C 191 60.00 -21.84 15.25
CA GLY C 191 59.83 -22.59 16.50
C GLY C 191 59.32 -21.88 17.76
N VAL C 192 58.74 -20.69 17.66
CA VAL C 192 58.23 -20.00 18.86
C VAL C 192 56.78 -19.52 18.69
N GLY C 193 56.04 -20.16 17.79
CA GLY C 193 54.64 -19.82 17.51
C GLY C 193 53.77 -21.04 17.62
N ALA C 194 52.68 -21.07 16.85
CA ALA C 194 51.72 -22.20 16.92
C ALA C 194 50.80 -22.29 15.72
N GLU C 195 50.62 -23.50 15.19
CA GLU C 195 49.64 -23.68 14.13
C GLU C 195 48.25 -23.03 14.48
N LEU C 196 47.82 -23.12 15.73
CA LEU C 196 46.57 -22.54 16.14
C LEU C 196 46.47 -21.02 15.89
N ASP C 197 47.60 -20.31 15.96
CA ASP C 197 47.66 -18.90 15.64
C ASP C 197 47.42 -18.67 14.12
N VAL C 198 48.07 -19.44 13.30
CA VAL C 198 47.88 -19.29 11.85
C VAL C 198 46.44 -19.60 11.42
N LEU C 199 45.88 -20.65 11.96
CA LEU C 199 44.54 -21.04 11.63
C LEU C 199 43.56 -19.92 12.00
N ARG C 200 43.60 -19.38 13.23
CA ARG C 200 42.63 -18.33 13.57
C ARG C 200 42.85 -17.03 12.75
N ALA C 201 44.11 -16.71 12.46
CA ALA C 201 44.41 -15.54 11.65
C ALA C 201 43.82 -15.72 10.23
N ASP C 202 43.93 -16.92 9.65
CA ASP C 202 43.25 -17.27 8.36
C ASP C 202 41.72 -17.19 8.42
N ALA C 203 41.10 -17.64 9.52
CA ALA C 203 39.67 -17.51 9.62
C ALA C 203 39.23 -16.03 9.61
N ARG C 204 39.93 -15.20 10.35
CA ARG C 204 39.66 -13.78 10.43
C ARG C 204 39.85 -13.01 9.08
N LEU C 205 40.93 -13.32 8.37
CA LEU C 205 41.09 -12.75 7.05
C LEU C 205 39.94 -13.09 6.11
N ALA C 206 39.49 -14.34 6.16
CA ALA C 206 38.47 -14.78 5.25
C ALA C 206 37.14 -14.01 5.64
N ALA C 207 36.89 -13.88 6.92
CA ALA C 207 35.69 -13.11 7.45
C ALA C 207 35.66 -11.64 6.98
N THR C 208 36.79 -10.96 7.09
CA THR C 208 36.88 -9.60 6.63
C THR C 208 36.74 -9.46 5.12
N ALA C 209 37.40 -10.37 4.42
CA ALA C 209 37.31 -10.41 2.96
C ALA C 209 35.89 -10.70 2.47
N ALA C 210 35.18 -11.56 3.17
CA ALA C 210 33.76 -11.79 2.94
C ALA C 210 32.94 -10.52 2.98
N SER C 211 33.24 -9.58 3.85
CA SER C 211 32.34 -8.40 4.00
C SER C 211 32.42 -7.48 2.74
N VAL C 212 33.53 -7.53 2.00
CA VAL C 212 33.80 -6.55 0.91
C VAL C 212 32.76 -6.63 -0.21
N PRO C 213 32.58 -7.82 -0.82
CA PRO C 213 31.56 -7.90 -1.85
C PRO C 213 30.19 -7.66 -1.38
N GLN C 214 29.87 -7.86 -0.11
CA GLN C 214 28.55 -7.48 0.36
C GLN C 214 28.35 -5.95 0.39
N LEU C 215 29.38 -5.21 0.78
CA LEU C 215 29.35 -3.74 0.77
C LEU C 215 29.33 -3.23 -0.68
N GLN C 216 30.03 -3.91 -1.56
CA GLN C 216 29.98 -3.50 -2.97
C GLN C 216 28.60 -3.72 -3.54
N ALA C 217 27.96 -4.83 -3.18
CA ALA C 217 26.60 -5.12 -3.62
C ALA C 217 25.68 -4.00 -3.18
N GLU C 218 25.83 -3.56 -1.93
CA GLU C 218 24.98 -2.53 -1.35
C GLU C 218 25.06 -1.19 -2.12
N ALA C 219 26.28 -0.86 -2.48
CA ALA C 219 26.63 0.33 -3.25
C ALA C 219 26.08 0.25 -4.65
N GLU C 220 26.24 -0.89 -5.33
CA GLU C 220 25.55 -1.07 -6.61
C GLU C 220 23.99 -0.83 -6.50
N ARG C 221 23.36 -1.36 -5.49
CA ARG C 221 21.92 -1.20 -5.36
C ARG C 221 21.57 0.26 -5.14
N ALA C 222 22.40 0.99 -4.38
CA ALA C 222 22.22 2.41 -4.24
C ALA C 222 22.39 3.16 -5.58
N ARG C 223 23.40 2.80 -6.39
CA ARG C 223 23.59 3.44 -7.70
CA ARG C 223 23.58 3.40 -7.72
C ARG C 223 22.33 3.24 -8.55
N HIS C 224 21.78 2.06 -8.49
CA HIS C 224 20.65 1.72 -9.32
C HIS C 224 19.41 2.49 -8.80
N ARG C 225 19.20 2.63 -7.48
CA ARG C 225 18.06 3.44 -6.96
C ARG C 225 18.18 4.86 -7.49
N ILE C 226 19.37 5.43 -7.33
CA ILE C 226 19.69 6.82 -7.75
C ILE C 226 19.31 6.99 -9.21
N ALA C 227 19.74 6.03 -10.03
CA ALA C 227 19.42 6.11 -11.45
C ALA C 227 17.87 6.17 -11.68
N THR C 228 17.08 5.31 -11.06
CA THR C 228 15.65 5.32 -11.30
C THR C 228 15.07 6.65 -10.79
N LEU C 229 15.57 7.14 -9.68
CA LEU C 229 15.06 8.41 -9.11
C LEU C 229 15.36 9.60 -10.04
N LEU C 230 16.42 9.51 -10.83
CA LEU C 230 16.77 10.50 -11.89
C LEU C 230 16.04 10.32 -13.24
N GLY C 231 15.33 9.21 -13.40
CA GLY C 231 14.62 8.92 -14.63
C GLY C 231 15.54 8.31 -15.64
N GLN C 232 16.57 7.61 -15.15
CA GLN C 232 17.59 7.05 -15.97
C GLN C 232 17.75 5.53 -15.83
N ARG C 233 18.14 4.94 -16.94
CA ARG C 233 18.53 3.53 -16.93
C ARG C 233 19.86 3.31 -16.16
N PRO C 234 20.04 2.14 -15.54
CA PRO C 234 21.18 1.96 -14.64
C PRO C 234 22.57 2.15 -15.30
N GLU C 235 22.69 1.85 -16.57
CA GLU C 235 24.00 1.92 -17.20
C GLU C 235 24.16 3.26 -17.91
N GLU C 236 23.18 4.18 -17.82
CA GLU C 236 23.20 5.42 -18.58
C GLU C 236 23.23 6.63 -17.64
N LEU C 237 23.61 6.41 -16.40
CA LEU C 237 23.76 7.49 -15.45
C LEU C 237 24.68 8.59 -15.92
N THR C 238 24.22 9.82 -15.83
CA THR C 238 24.97 10.95 -16.37
C THR C 238 25.94 11.59 -15.32
N VAL C 239 25.93 11.12 -14.08
CA VAL C 239 26.65 11.77 -12.99
C VAL C 239 27.60 10.76 -12.43
N ASP C 240 28.86 11.14 -12.27
CA ASP C 240 29.94 10.25 -11.86
C ASP C 240 29.79 9.98 -10.30
N LEU C 241 29.62 8.71 -9.94
CA LEU C 241 29.45 8.33 -8.56
C LEU C 241 30.66 7.67 -7.88
N SER C 242 31.88 7.86 -8.42
CA SER C 242 33.15 7.43 -7.82
C SER C 242 33.27 7.92 -6.37
N PRO C 243 33.90 7.13 -5.51
CA PRO C 243 33.91 7.39 -4.05
C PRO C 243 34.29 8.81 -3.67
N ARG C 244 33.51 9.45 -2.79
CA ARG C 244 33.91 10.64 -2.08
C ARG C 244 33.43 10.51 -0.68
N ASP C 245 33.88 11.45 0.17
CA ASP C 245 33.50 11.41 1.55
C ASP C 245 32.00 11.69 1.71
N LEU C 246 31.44 11.13 2.78
CA LEU C 246 30.07 11.32 3.16
C LEU C 246 30.01 12.79 3.52
N PRO C 247 29.06 13.55 2.97
CA PRO C 247 29.02 14.99 3.31
C PRO C 247 28.64 15.29 4.72
N ALA C 248 29.04 16.48 5.14
CA ALA C 248 28.84 16.96 6.49
C ALA C 248 28.36 18.39 6.49
N ILE C 249 27.53 18.72 7.45
CA ILE C 249 27.22 20.10 7.77
C ILE C 249 27.74 20.36 9.15
N THR C 250 28.75 21.24 9.23
CA THR C 250 29.34 21.75 10.50
C THR C 250 28.54 22.94 11.16
N LYS C 251 27.98 23.82 10.31
CA LYS C 251 27.11 24.93 10.71
C LYS C 251 25.88 24.41 11.47
N ALA C 252 25.40 25.14 12.46
CA ALA C 252 24.15 24.75 13.11
C ALA C 252 22.98 24.74 12.08
N LEU C 253 22.09 23.73 12.19
CA LEU C 253 21.04 23.49 11.20
C LEU C 253 19.95 24.57 11.09
N PRO C 254 19.87 25.20 9.92
CA PRO C 254 18.80 26.13 9.70
C PRO C 254 17.44 25.46 9.53
N ILE C 255 16.65 25.46 10.59
CA ILE C 255 15.33 24.80 10.65
C ILE C 255 14.15 25.74 10.75
N GLY C 256 14.37 27.05 10.76
CA GLY C 256 13.27 27.99 10.98
C GLY C 256 12.59 27.83 12.35
N ASP C 257 11.39 28.38 12.40
CA ASP C 257 10.56 28.25 13.57
C ASP C 257 9.77 26.97 13.43
N PRO C 258 9.84 26.04 14.38
CA PRO C 258 9.03 24.82 14.27
C PRO C 258 7.51 25.02 14.17
N GLY C 259 6.96 26.06 14.77
CA GLY C 259 5.54 26.40 14.58
C GLY C 259 5.16 26.96 13.21
N GLU C 260 6.07 26.91 12.24
CA GLU C 260 5.74 27.16 10.85
C GLU C 260 5.61 25.85 10.08
N LEU C 261 5.94 24.70 10.70
CA LEU C 261 6.12 23.47 9.91
C LEU C 261 4.85 22.94 9.32
N LEU C 262 3.77 23.02 10.06
CA LEU C 262 2.49 22.57 9.53
C LEU C 262 1.99 23.36 8.36
N ARG C 263 2.37 24.63 8.25
CA ARG C 263 2.04 25.48 7.07
C ARG C 263 2.95 25.20 5.90
N ARG C 264 4.19 24.73 6.12
CA ARG C 264 5.12 24.44 5.04
C ARG C 264 4.90 23.00 4.42
N ARG C 265 4.30 22.07 5.16
CA ARG C 265 4.09 20.70 4.67
C ARG C 265 2.98 20.56 3.62
N PRO C 266 3.31 20.26 2.37
CA PRO C 266 2.18 20.08 1.44
C PRO C 266 1.20 18.93 1.76
N ASP C 267 1.62 17.86 2.45
CA ASP C 267 0.65 16.82 2.77
C ASP C 267 -0.47 17.34 3.67
N ILE C 268 -0.15 18.32 4.52
CA ILE C 268 -1.16 18.99 5.34
C ILE C 268 -2.13 19.83 4.51
N ARG C 269 -1.58 20.60 3.57
CA ARG C 269 -2.39 21.39 2.67
C ARG C 269 -3.29 20.47 1.83
N ALA C 270 -2.78 19.34 1.40
CA ALA C 270 -3.58 18.46 0.55
C ALA C 270 -4.79 17.98 1.39
N ALA C 271 -4.56 17.55 2.62
CA ALA C 271 -5.64 16.94 3.41
C ALA C 271 -6.68 18.05 3.78
N GLU C 272 -6.16 19.25 4.06
CA GLU C 272 -6.98 20.41 4.32
C GLU C 272 -7.84 20.76 3.12
N ARG C 273 -7.29 20.61 1.90
CA ARG C 273 -8.01 20.93 0.68
C ARG C 273 -9.11 19.87 0.45
N ARG C 274 -8.83 18.60 0.76
CA ARG C 274 -9.87 17.58 0.66
CA ARG C 274 -9.85 17.53 0.72
C ARG C 274 -11.00 17.78 1.69
N LEU C 275 -10.67 18.28 2.86
CA LEU C 275 -11.66 18.67 3.83
C LEU C 275 -12.52 19.86 3.29
N ALA C 276 -11.89 20.88 2.74
CA ALA C 276 -12.65 21.92 2.04
C ALA C 276 -13.53 21.40 0.93
N ALA C 277 -13.02 20.50 0.08
CA ALA C 277 -13.88 19.94 -0.99
C ALA C 277 -15.10 19.19 -0.43
N SER C 278 -14.85 18.46 0.64
CA SER C 278 -15.89 17.62 1.22
C SER C 278 -17.04 18.46 1.91
N THR C 279 -16.64 19.62 2.44
CA THR C 279 -17.52 20.57 3.05
C THR C 279 -18.37 21.25 1.97
N ALA C 280 -17.74 21.67 0.87
CA ALA C 280 -18.49 22.10 -0.28
C ALA C 280 -19.50 21.07 -0.74
N ASP C 281 -19.14 19.80 -0.67
CA ASP C 281 -20.04 18.74 -1.09
C ASP C 281 -21.25 18.64 -0.17
N VAL C 282 -21.13 18.99 1.10
CA VAL C 282 -22.31 19.07 1.98
C VAL C 282 -23.32 20.10 1.37
N GLY C 283 -22.79 21.22 0.87
CA GLY C 283 -23.54 22.24 0.22
C GLY C 283 -24.27 21.69 -0.98
N VAL C 284 -23.58 20.87 -1.75
CA VAL C 284 -24.17 20.36 -2.98
C VAL C 284 -25.42 19.57 -2.62
N ALA C 285 -25.31 18.76 -1.59
CA ALA C 285 -26.41 17.93 -1.16
C ALA C 285 -27.56 18.73 -0.47
N THR C 286 -27.17 19.80 0.23
CA THR C 286 -28.08 20.67 0.91
C THR C 286 -28.99 21.36 -0.13
N ALA C 287 -28.42 21.81 -1.23
CA ALA C 287 -29.16 22.42 -2.31
C ALA C 287 -30.31 21.57 -2.87
N ASP C 288 -30.23 20.24 -2.78
CA ASP C 288 -31.33 19.39 -3.24
C ASP C 288 -32.52 19.35 -2.32
N LEU C 289 -32.42 19.92 -1.13
CA LEU C 289 -33.62 20.16 -0.28
C LEU C 289 -34.55 21.24 -0.87
N PHE C 290 -34.01 22.08 -1.74
CA PHE C 290 -34.69 23.23 -2.31
C PHE C 290 -35.06 22.98 -3.75
N PRO C 291 -35.98 23.80 -4.28
CA PRO C 291 -36.39 23.61 -5.66
C PRO C 291 -35.25 23.83 -6.62
N ARG C 292 -35.37 23.21 -7.80
CA ARG C 292 -34.46 23.42 -8.90
C ARG C 292 -35.20 24.15 -10.03
N VAL C 293 -34.56 25.18 -10.55
CA VAL C 293 -35.14 25.99 -11.57
C VAL C 293 -34.29 25.92 -12.83
N SER C 294 -34.93 25.63 -13.97
CA SER C 294 -34.33 25.41 -15.31
C SER C 294 -35.07 26.19 -16.42
N LEU C 295 -34.33 26.50 -17.47
CA LEU C 295 -34.84 27.18 -18.61
C LEU C 295 -34.29 26.48 -19.81
N SER C 296 -35.15 25.79 -20.57
CA SER C 296 -34.71 25.21 -21.84
C SER C 296 -35.12 26.15 -22.94
N GLY C 297 -34.53 25.97 -24.12
CA GLY C 297 -34.84 26.81 -25.26
C GLY C 297 -34.53 26.23 -26.62
N PHE C 298 -35.17 26.78 -27.67
CA PHE C 298 -34.93 26.43 -29.07
C PHE C 298 -35.02 27.73 -29.88
N LEU C 299 -34.15 27.90 -30.87
CA LEU C 299 -34.16 29.00 -31.79
C LEU C 299 -33.61 28.49 -33.12
N GLY C 300 -34.38 28.68 -34.17
CA GLY C 300 -34.02 28.16 -35.47
C GLY C 300 -35.21 28.02 -36.40
N PHE C 301 -35.38 26.85 -36.97
CA PHE C 301 -36.37 26.66 -37.99
C PHE C 301 -37.10 25.34 -37.72
N THR C 302 -38.43 25.35 -37.92
CA THR C 302 -39.23 24.14 -37.94
C THR C 302 -40.17 24.20 -39.17
N ALA C 303 -40.23 23.11 -39.93
CA ALA C 303 -41.08 23.04 -41.10
C ALA C 303 -41.59 21.61 -41.34
N GLY C 304 -42.64 21.45 -42.13
CA GLY C 304 -43.11 20.14 -42.58
C GLY C 304 -42.54 19.73 -43.93
N ARG C 305 -41.94 20.67 -44.65
CA ARG C 305 -41.31 20.38 -45.95
C ARG C 305 -39.85 20.80 -45.85
N GLY C 306 -38.94 19.92 -46.31
CA GLY C 306 -37.48 20.13 -46.14
C GLY C 306 -36.94 21.42 -46.73
N SER C 307 -37.36 21.70 -47.98
CA SER C 307 -37.04 22.93 -48.75
C SER C 307 -37.25 24.27 -48.03
N GLN C 308 -38.20 24.31 -47.11
CA GLN C 308 -38.48 25.52 -46.35
C GLN C 308 -37.53 25.84 -45.19
N ILE C 309 -36.77 24.85 -44.73
CA ILE C 309 -35.82 25.04 -43.63
C ILE C 309 -34.81 26.14 -44.07
N GLY C 310 -34.52 27.07 -43.17
CA GLY C 310 -33.70 28.22 -43.50
C GLY C 310 -34.45 29.51 -43.86
N SER C 311 -35.70 29.39 -44.35
CA SER C 311 -36.48 30.59 -44.75
C SER C 311 -37.24 31.22 -43.59
N SER C 312 -37.55 32.50 -43.77
CA SER C 312 -38.48 33.25 -42.92
C SER C 312 -39.78 32.56 -42.57
N ALA C 313 -40.41 31.92 -43.55
CA ALA C 313 -41.72 31.30 -43.31
C ALA C 313 -41.66 30.23 -42.18
N ALA C 314 -40.48 29.58 -42.06
CA ALA C 314 -40.18 28.47 -41.13
C ALA C 314 -39.42 28.85 -39.85
N ARG C 315 -39.18 30.14 -39.56
CA ARG C 315 -38.59 30.59 -38.29
C ARG C 315 -39.33 29.95 -37.13
N ALA C 316 -38.63 29.73 -36.02
CA ALA C 316 -39.22 29.08 -34.87
C ALA C 316 -38.41 29.32 -33.63
N TRP C 317 -39.12 29.31 -32.52
CA TRP C 317 -38.52 29.45 -31.23
C TRP C 317 -39.42 28.87 -30.18
N SER C 318 -38.81 28.49 -29.08
CA SER C 318 -39.57 28.14 -27.89
C SER C 318 -38.67 28.25 -26.67
N VAL C 319 -39.33 28.36 -25.52
CA VAL C 319 -38.73 28.57 -24.24
C VAL C 319 -39.44 27.58 -23.31
N GLY C 320 -38.75 27.06 -22.29
CA GLY C 320 -39.24 25.91 -21.50
C GLY C 320 -38.83 26.03 -20.05
N PRO C 321 -39.40 27.03 -19.33
CA PRO C 321 -39.10 27.21 -17.91
C PRO C 321 -39.70 26.12 -17.06
N SER C 322 -39.13 25.92 -15.90
CA SER C 322 -39.37 24.72 -15.12
C SER C 322 -38.87 24.84 -13.70
N ILE C 323 -39.60 24.24 -12.80
CA ILE C 323 -39.22 24.23 -11.43
C ILE C 323 -39.73 22.92 -10.85
N SER C 324 -38.82 22.16 -10.25
CA SER C 324 -39.21 20.95 -9.55
C SER C 324 -38.71 20.99 -8.13
N TRP C 325 -39.29 20.15 -7.31
CA TRP C 325 -38.93 20.07 -5.92
C TRP C 325 -39.19 18.65 -5.47
N ALA C 326 -38.30 18.11 -4.64
CA ALA C 326 -38.35 16.66 -4.33
C ALA C 326 -39.63 16.19 -3.64
N ALA C 327 -40.23 17.09 -2.87
CA ALA C 327 -41.53 16.82 -2.20
C ALA C 327 -41.57 15.54 -1.35
N PHE C 328 -42.31 14.52 -1.76
CA PHE C 328 -42.44 13.28 -0.99
C PHE C 328 -41.16 12.39 -1.11
N ASP C 329 -40.22 12.72 -1.99
CA ASP C 329 -38.87 12.13 -2.09
C ASP C 329 -37.78 12.87 -1.28
N LEU C 330 -38.17 13.86 -0.51
CA LEU C 330 -37.29 14.53 0.41
C LEU C 330 -36.47 13.58 1.35
N GLY C 331 -37.05 12.45 1.75
CA GLY C 331 -36.37 11.48 2.61
C GLY C 331 -35.11 10.91 1.92
N SER C 332 -35.16 10.71 0.59
CA SER C 332 -33.96 10.40 -0.23
C SER C 332 -32.89 11.48 -0.22
N VAL C 333 -33.36 12.71 -0.42
CA VAL C 333 -32.47 13.91 -0.41
C VAL C 333 -31.81 14.01 0.93
N ARG C 334 -32.58 13.74 1.98
CA ARG C 334 -32.03 13.70 3.34
C ARG C 334 -31.01 12.57 3.58
N ALA C 335 -31.21 11.38 3.00
CA ALA C 335 -30.28 10.30 3.18
C ALA C 335 -28.92 10.72 2.55
N ARG C 336 -28.95 11.26 1.32
CA ARG C 336 -27.76 11.72 0.68
C ARG C 336 -27.03 12.86 1.45
N LEU C 337 -27.79 13.74 2.08
CA LEU C 337 -27.25 14.80 2.93
C LEU C 337 -26.59 14.21 4.16
N ARG C 338 -27.24 13.25 4.83
CA ARG C 338 -26.58 12.55 5.96
C ARG C 338 -25.26 11.91 5.48
N GLY C 339 -25.27 11.40 4.27
CA GLY C 339 -24.10 10.76 3.68
C GLY C 339 -22.97 11.76 3.44
N ALA C 340 -23.29 12.86 2.79
CA ALA C 340 -22.33 13.93 2.57
C ALA C 340 -21.73 14.44 3.88
N LYS C 341 -22.55 14.55 4.91
CA LYS C 341 -22.06 14.99 6.23
C LYS C 341 -21.15 13.99 6.89
N ALA C 342 -21.45 12.72 6.71
CA ALA C 342 -20.61 11.67 7.24
C ALA C 342 -19.24 11.72 6.57
N ASP C 343 -19.23 11.95 5.27
CA ASP C 343 -17.98 12.04 4.50
C ASP C 343 -17.18 13.26 4.95
N ALA C 344 -17.83 14.38 5.24
CA ALA C 344 -17.14 15.52 5.83
C ALA C 344 -16.57 15.28 7.21
N ASP C 345 -17.25 14.56 8.09
CA ASP C 345 -16.64 14.11 9.35
C ASP C 345 -15.39 13.27 9.09
N ALA C 346 -15.46 12.40 8.08
CA ALA C 346 -14.37 11.51 7.79
C ALA C 346 -13.18 12.32 7.35
N ALA C 347 -13.41 13.30 6.49
CA ALA C 347 -12.35 14.19 6.06
C ALA C 347 -11.69 15.06 7.12
N LEU C 348 -12.48 15.53 8.07
CA LEU C 348 -11.95 16.34 9.16
C LEU C 348 -11.04 15.43 9.97
N ALA C 349 -11.55 14.25 10.27
CA ALA C 349 -10.79 13.29 11.00
C ALA C 349 -9.47 12.87 10.26
N SER C 350 -9.43 12.73 8.93
CA SER C 350 -8.14 12.44 8.23
C SER C 350 -7.26 13.64 8.27
N TYR C 351 -7.82 14.84 8.20
CA TYR C 351 -7.00 16.03 8.21
C TYR C 351 -6.28 16.02 9.54
N GLU C 352 -7.01 15.81 10.63
CA GLU C 352 -6.37 15.81 11.97
C GLU C 352 -5.35 14.68 12.12
N GLN C 353 -5.63 13.52 11.51
CA GLN C 353 -4.71 12.41 11.58
C GLN C 353 -3.42 12.78 10.91
N GLN C 354 -3.50 13.53 9.80
CA GLN C 354 -2.34 13.90 9.05
C GLN C 354 -1.52 14.85 9.86
N VAL C 355 -2.17 15.76 10.53
CA VAL C 355 -1.44 16.71 11.44
C VAL C 355 -0.67 15.92 12.51
N LEU C 356 -1.34 14.97 13.17
CA LEU C 356 -0.69 14.17 14.23
C LEU C 356 0.48 13.37 13.70
N LEU C 357 0.37 12.85 12.48
CA LEU C 357 1.44 12.06 11.84
C LEU C 357 2.59 12.98 11.47
N ALA C 358 2.28 14.19 11.03
CA ALA C 358 3.31 15.18 10.75
C ALA C 358 4.08 15.57 12.04
N LEU C 359 3.35 15.71 13.15
CA LEU C 359 4.02 16.07 14.41
C LEU C 359 4.81 14.92 14.97
N GLU C 360 4.36 13.66 14.73
CA GLU C 360 5.13 12.50 15.13
C GLU C 360 6.45 12.39 14.30
N GLU C 361 6.42 12.62 12.98
CA GLU C 361 7.61 12.51 12.15
C GLU C 361 8.63 13.57 12.63
N SER C 362 8.14 14.77 12.92
CA SER C 362 9.02 15.88 13.37
C SER C 362 9.63 15.60 14.72
N ALA C 363 8.77 15.19 15.67
CA ALA C 363 9.27 14.83 16.99
C ALA C 363 10.33 13.74 16.89
N ASN C 364 10.09 12.72 16.04
CA ASN C 364 11.02 11.61 15.91
C ASN C 364 12.32 12.10 15.26
N ALA C 365 12.25 12.92 14.22
CA ALA C 365 13.43 13.39 13.57
C ALA C 365 14.32 14.19 14.51
N PHE C 366 13.73 15.09 15.31
CA PHE C 366 14.60 15.91 16.19
C PHE C 366 15.20 15.08 17.34
N SER C 367 14.34 14.26 17.95
CA SER C 367 14.75 13.29 18.96
C SER C 367 15.91 12.36 18.51
N ASP C 368 15.74 11.68 17.35
CA ASP C 368 16.75 10.83 16.78
C ASP C 368 18.05 11.63 16.53
N TYR C 369 17.93 12.84 15.99
CA TYR C 369 19.11 13.55 15.57
C TYR C 369 20.02 13.84 16.76
N GLY C 370 19.41 14.38 17.80
CA GLY C 370 20.09 14.61 19.08
C GLY C 370 20.79 13.38 19.66
N LYS C 371 20.08 12.27 19.72
CA LYS C 371 20.62 11.00 20.24
C LYS C 371 21.75 10.47 19.35
N ARG C 372 21.61 10.62 18.05
CA ARG C 372 22.64 10.23 17.12
C ARG C 372 23.97 11.02 17.22
N GLN C 373 23.88 12.31 17.47
CA GLN C 373 25.06 13.08 17.82
C GLN C 373 25.74 12.52 19.06
N GLU C 374 24.96 12.28 20.14
CA GLU C 374 25.58 11.81 21.41
C GLU C 374 26.24 10.46 21.17
N ARG C 375 25.59 9.58 20.43
CA ARG C 375 26.10 8.25 20.21
C ARG C 375 27.45 8.27 19.44
N LEU C 376 27.55 9.15 18.45
CA LEU C 376 28.73 9.27 17.60
C LEU C 376 29.93 9.67 18.42
N VAL C 377 29.71 10.53 19.42
CA VAL C 377 30.75 10.91 20.33
C VAL C 377 31.42 9.69 20.98
N SER C 378 30.58 8.77 21.48
CA SER C 378 31.09 7.58 22.15
C SER C 378 31.69 6.63 21.14
N LEU C 379 31.16 6.54 19.94
CA LEU C 379 31.74 5.65 18.96
C LEU C 379 33.09 6.18 18.49
N VAL C 380 33.26 7.50 18.36
CA VAL C 380 34.59 8.05 17.97
C VAL C 380 35.60 7.63 19.02
N ARG C 381 35.22 7.71 20.31
CA ARG C 381 36.13 7.27 21.37
C ARG C 381 36.46 5.79 21.26
N GLN C 382 35.45 4.94 20.99
CA GLN C 382 35.66 3.53 20.80
C GLN C 382 36.69 3.25 19.73
N SER C 383 36.56 3.93 18.59
CA SER C 383 37.46 3.75 17.49
C SER C 383 38.89 4.14 17.85
N GLU C 384 39.04 5.21 18.63
CA GLU C 384 40.37 5.74 18.99
C GLU C 384 41.03 4.76 19.95
N ALA C 385 40.30 4.33 20.96
CA ALA C 385 40.87 3.42 21.93
C ALA C 385 41.20 2.02 21.30
N SER C 386 40.35 1.57 20.38
CA SER C 386 40.54 0.29 19.71
CA SER C 386 40.54 0.26 19.74
C SER C 386 41.73 0.22 18.78
N ARG C 387 41.94 1.29 18.06
CA ARG C 387 43.05 1.39 17.13
C ARG C 387 44.35 1.31 17.97
N ALA C 388 44.40 2.05 19.06
CA ALA C 388 45.60 2.05 19.90
C ALA C 388 45.82 0.71 20.60
N ALA C 389 44.73 0.06 21.05
CA ALA C 389 44.84 -1.30 21.66
C ALA C 389 45.43 -2.31 20.71
N ALA C 390 45.02 -2.22 19.47
CA ALA C 390 45.41 -3.18 18.45
C ALA C 390 46.91 -2.97 18.12
N GLN C 391 47.33 -1.73 17.99
CA GLN C 391 48.74 -1.42 17.82
C GLN C 391 49.58 -2.03 18.98
N GLN C 392 49.12 -1.83 20.21
CA GLN C 392 49.83 -2.41 21.38
C GLN C 392 49.85 -3.93 21.47
N ALA C 393 48.75 -4.53 21.11
CA ALA C 393 48.62 -5.98 21.16
C ALA C 393 49.56 -6.60 20.16
N ALA C 394 49.72 -5.97 19.02
CA ALA C 394 50.70 -6.41 18.03
C ALA C 394 52.12 -6.34 18.57
N ILE C 395 52.46 -5.26 19.27
CA ILE C 395 53.78 -5.13 19.90
C ILE C 395 53.98 -6.27 20.89
N ARG C 396 52.97 -6.54 21.70
CA ARG C 396 53.01 -7.55 22.72
C ARG C 396 53.05 -8.97 22.13
N TYR C 397 52.27 -9.27 21.09
CA TYR C 397 52.30 -10.59 20.48
C TYR C 397 53.70 -10.93 19.92
N ARG C 398 54.31 -9.92 19.33
CA ARG C 398 55.61 -10.03 18.76
C ARG C 398 56.69 -10.31 19.82
N GLU C 399 56.52 -9.73 20.98
CA GLU C 399 57.41 -9.95 22.09
C GLU C 399 57.43 -11.38 22.65
N GLY C 400 56.52 -12.29 22.24
CA GLY C 400 56.17 -13.53 23.02
C GLY C 400 55.41 -13.31 24.35
N THR C 401 54.83 -12.11 24.61
CA THR C 401 54.05 -11.82 25.87
C THR C 401 52.46 -11.79 25.75
N THR C 402 51.90 -12.49 24.77
CA THR C 402 50.47 -12.77 24.71
C THR C 402 50.19 -13.98 23.74
N ASP C 403 49.13 -14.74 23.97
CA ASP C 403 48.55 -15.66 22.97
C ASP C 403 48.06 -14.73 21.82
N PHE C 404 48.05 -15.28 20.64
CA PHE C 404 47.53 -14.60 19.50
C PHE C 404 46.10 -14.04 19.76
N LEU C 405 45.31 -14.65 20.65
CA LEU C 405 43.91 -14.25 20.86
C LEU C 405 43.79 -12.77 21.29
N VAL C 406 44.75 -12.33 22.07
CA VAL C 406 44.83 -10.92 22.44
C VAL C 406 44.93 -10.03 21.21
N LEU C 407 45.78 -10.36 20.28
CA LEU C 407 45.84 -9.56 19.06
C LEU C 407 44.57 -9.72 18.17
N LEU C 408 44.07 -10.94 18.14
CA LEU C 408 42.99 -11.28 17.16
C LEU C 408 41.78 -10.49 17.66
N ASP C 409 41.55 -10.52 18.96
CA ASP C 409 40.44 -9.84 19.56
C ASP C 409 40.53 -8.32 19.44
N ALA C 410 41.74 -7.80 19.56
CA ALA C 410 41.93 -6.34 19.42
C ALA C 410 41.68 -5.98 17.95
N GLU C 411 42.12 -6.77 17.01
CA GLU C 411 41.85 -6.50 15.57
C GLU C 411 40.36 -6.65 15.23
N ARG C 412 39.63 -7.55 15.86
CA ARG C 412 38.17 -7.55 15.57
C ARG C 412 37.46 -6.34 16.08
N GLU C 413 37.79 -5.92 17.30
CA GLU C 413 37.22 -4.71 17.90
C GLU C 413 37.61 -3.47 17.12
N GLN C 414 38.82 -3.42 16.57
CA GLN C 414 39.14 -2.28 15.76
C GLN C 414 38.22 -2.26 14.53
N LEU C 415 38.08 -3.36 13.81
CA LEU C 415 37.20 -3.32 12.64
C LEU C 415 35.75 -3.05 13.09
N SER C 416 35.32 -3.66 14.16
CA SER C 416 33.94 -3.56 14.53
C SER C 416 33.65 -2.09 14.97
N ALA C 417 34.62 -1.43 15.61
CA ALA C 417 34.42 -0.09 16.11
C ALA C 417 34.43 0.92 14.96
N GLU C 418 35.34 0.73 14.01
CA GLU C 418 35.38 1.62 12.88
C GLU C 418 34.20 1.51 11.97
N ASP C 419 33.77 0.30 11.78
CA ASP C 419 32.60 0.09 10.94
C ASP C 419 31.36 0.71 11.62
N ALA C 420 31.22 0.52 12.94
CA ALA C 420 30.07 1.06 13.69
C ALA C 420 30.08 2.58 13.64
N GLN C 421 31.28 3.17 13.73
CA GLN C 421 31.40 4.58 13.66
C GLN C 421 30.92 5.05 12.25
N ALA C 422 31.35 4.38 11.21
CA ALA C 422 30.93 4.80 9.87
C ALA C 422 29.41 4.67 9.74
N GLN C 423 28.83 3.61 10.29
CA GLN C 423 27.37 3.45 10.26
C GLN C 423 26.64 4.59 10.94
N ALA C 424 27.14 4.99 12.13
CA ALA C 424 26.63 6.10 12.89
C ALA C 424 26.76 7.48 12.15
N GLU C 425 27.80 7.65 11.38
CA GLU C 425 27.98 8.82 10.57
C GLU C 425 26.92 8.87 9.46
N VAL C 426 26.67 7.73 8.83
CA VAL C 426 25.57 7.60 7.87
C VAL C 426 24.24 7.90 8.53
N GLU C 427 24.03 7.37 9.73
CA GLU C 427 22.76 7.60 10.41
C GLU C 427 22.57 9.10 10.78
N LEU C 428 23.64 9.84 11.05
CA LEU C 428 23.51 11.27 11.36
C LEU C 428 23.07 12.00 10.09
N TYR C 429 23.72 11.68 8.97
CA TYR C 429 23.40 12.26 7.67
C TYR C 429 21.94 11.98 7.37
N ARG C 430 21.53 10.72 7.53
CA ARG C 430 20.14 10.41 7.24
C ARG C 430 19.16 11.11 8.20
N GLY C 431 19.58 11.35 9.44
CA GLY C 431 18.78 12.10 10.39
C GLY C 431 18.53 13.54 9.97
N ILE C 432 19.54 14.13 9.34
CA ILE C 432 19.42 15.44 8.77
C ILE C 432 18.36 15.40 7.69
N VAL C 433 18.48 14.40 6.80
CA VAL C 433 17.47 14.26 5.76
C VAL C 433 16.07 14.12 6.43
N ALA C 434 15.92 13.32 7.50
CA ALA C 434 14.59 13.11 8.09
C ALA C 434 14.07 14.44 8.69
N ILE C 435 14.94 15.30 9.17
CA ILE C 435 14.48 16.58 9.74
C ILE C 435 13.86 17.44 8.63
N TYR C 436 14.57 17.58 7.54
CA TYR C 436 14.11 18.43 6.47
C TYR C 436 12.88 17.91 5.81
N ARG C 437 12.79 16.58 5.68
CA ARG C 437 11.58 16.02 5.10
C ARG C 437 10.38 16.32 5.99
N SER C 438 10.56 16.20 7.30
CA SER C 438 9.45 16.44 8.20
C SER C 438 9.04 17.92 8.27
N LEU C 439 9.94 18.81 7.92
CA LEU C 439 9.64 20.23 7.95
C LEU C 439 9.07 20.77 6.66
N GLY C 440 8.98 19.93 5.63
CA GLY C 440 8.45 20.32 4.33
C GLY C 440 9.43 21.06 3.51
N GLY C 441 10.73 20.74 3.70
CA GLY C 441 11.75 21.31 2.85
C GLY C 441 11.69 20.78 1.42
N GLY C 442 12.26 21.52 0.51
CA GLY C 442 12.50 21.06 -0.83
C GLY C 442 11.50 21.46 -1.88
N TRP C 443 10.63 22.41 -1.57
CA TRP C 443 9.69 22.98 -2.58
C TRP C 443 9.56 24.48 -2.31
N GLN C 444 8.82 25.20 -3.15
CA GLN C 444 8.66 26.70 -2.96
C GLN C 444 7.25 27.13 -2.57
N PRO C 445 6.96 27.20 -1.26
CA PRO C 445 5.60 27.57 -0.78
C PRO C 445 5.14 28.99 -1.16
N SER C 446 6.07 29.91 -1.42
CA SER C 446 5.70 31.31 -1.63
C SER C 446 5.24 31.50 -3.10
N ALA C 447 5.55 30.55 -3.97
CA ALA C 447 5.13 30.63 -5.35
C ALA C 447 3.59 30.61 -5.55
N HIS C 448 3.16 31.11 -6.71
CA HIS C 448 1.75 31.34 -7.01
C HIS C 448 0.99 32.19 -5.90
N HIS C 449 1.63 33.19 -5.25
CA HIS C 449 0.95 33.91 -4.11
C HIS C 449 0.49 32.89 -3.08
N HIS C 450 1.29 31.85 -2.82
CA HIS C 450 0.82 30.67 -2.06
C HIS C 450 -0.33 29.79 -2.79
N HIS C 451 -1.55 30.36 -2.93
CA HIS C 451 -2.84 29.80 -3.54
C HIS C 451 -3.04 30.26 -5.03
#